data_4OWI
# 
_entry.id   4OWI 
# 
_audit_conform.dict_name       mmcif_pdbx.dic 
_audit_conform.dict_version    5.383 
_audit_conform.dict_location   http://mmcif.pdb.org/dictionaries/ascii/mmcif_pdbx.dic 
# 
loop_
_database_2.database_id 
_database_2.database_code 
_database_2.pdbx_database_accession 
_database_2.pdbx_DOI 
PDB   4OWI         pdb_00004owi 10.2210/pdb4owi/pdb 
WWPDB D_1000200134 ?            ?                   
# 
loop_
_pdbx_audit_revision_history.ordinal 
_pdbx_audit_revision_history.data_content_type 
_pdbx_audit_revision_history.major_revision 
_pdbx_audit_revision_history.minor_revision 
_pdbx_audit_revision_history.revision_date 
1 'Structure model' 1 0 2014-05-21 
2 'Structure model' 1 1 2015-01-14 
3 'Structure model' 1 2 2023-12-27 
# 
_pdbx_audit_revision_details.ordinal             1 
_pdbx_audit_revision_details.revision_ordinal    1 
_pdbx_audit_revision_details.data_content_type   'Structure model' 
_pdbx_audit_revision_details.provider            repository 
_pdbx_audit_revision_details.type                'Initial release' 
_pdbx_audit_revision_details.description         ? 
_pdbx_audit_revision_details.details             ? 
# 
loop_
_pdbx_audit_revision_group.ordinal 
_pdbx_audit_revision_group.revision_ordinal 
_pdbx_audit_revision_group.data_content_type 
_pdbx_audit_revision_group.group 
1 2 'Structure model' 'Database references'    
2 3 'Structure model' Advisory                 
3 3 'Structure model' 'Data collection'        
4 3 'Structure model' 'Database references'    
5 3 'Structure model' 'Derived calculations'   
6 3 'Structure model' Other                    
7 3 'Structure model' 'Refinement description' 
8 3 'Structure model' 'Source and taxonomy'    
9 3 'Structure model' 'Structure summary'      
# 
loop_
_pdbx_audit_revision_category.ordinal 
_pdbx_audit_revision_category.revision_ordinal 
_pdbx_audit_revision_category.data_content_type 
_pdbx_audit_revision_category.category 
1  3 'Structure model' chem_comp_atom              
2  3 'Structure model' chem_comp_bond              
3  3 'Structure model' database_2                  
4  3 'Structure model' entity_src_gen              
5  3 'Structure model' pdbx_database_status        
6  3 'Structure model' pdbx_struct_assembly        
7  3 'Structure model' pdbx_struct_oper_list       
8  3 'Structure model' pdbx_validate_close_contact 
9  3 'Structure model' pdbx_validate_symm_contact  
10 3 'Structure model' refine_hist                 
11 3 'Structure model' struct_keywords             
12 3 'Structure model' symmetry                    
# 
loop_
_pdbx_audit_revision_item.ordinal 
_pdbx_audit_revision_item.revision_ordinal 
_pdbx_audit_revision_item.data_content_type 
_pdbx_audit_revision_item.item 
1  3 'Structure model' '_database_2.pdbx_DOI'                        
2  3 'Structure model' '_database_2.pdbx_database_accession'         
3  3 'Structure model' '_entity_src_gen.pdbx_alt_source_flag'        
4  3 'Structure model' '_pdbx_database_status.pdb_format_compatible' 
5  3 'Structure model' '_pdbx_struct_assembly.oligomeric_details'    
6  3 'Structure model' '_pdbx_struct_oper_list.symmetry_operation'   
7  3 'Structure model' '_pdbx_validate_symm_contact.auth_asym_id_1'  
8  3 'Structure model' '_pdbx_validate_symm_contact.auth_asym_id_2'  
9  3 'Structure model' '_pdbx_validate_symm_contact.auth_atom_id_1'  
10 3 'Structure model' '_pdbx_validate_symm_contact.auth_comp_id_1'  
11 3 'Structure model' '_pdbx_validate_symm_contact.auth_seq_id_1'   
12 3 'Structure model' '_pdbx_validate_symm_contact.auth_seq_id_2'   
13 3 'Structure model' '_pdbx_validate_symm_contact.dist'            
14 3 'Structure model' '_pdbx_validate_symm_contact.site_symmetry_2' 
15 3 'Structure model' '_struct_keywords.text'                       
16 3 'Structure model' '_symmetry.Int_Tables_number'                 
# 
_pdbx_database_status.status_code                     REL 
_pdbx_database_status.status_code_sf                  REL 
_pdbx_database_status.status_code_mr                  . 
_pdbx_database_status.entry_id                        4OWI 
_pdbx_database_status.recvd_initial_deposition_date   2014-02-02 
_pdbx_database_status.SG_entry                        N 
_pdbx_database_status.deposit_site                    RCSB 
_pdbx_database_status.process_site                    RCSB 
_pdbx_database_status.status_code_cs                  . 
_pdbx_database_status.methods_development_category    . 
_pdbx_database_status.status_code_nmr_data            ? 
_pdbx_database_status.pdb_format_compatible           Y 
# 
_audit_author.name           'Lee, J.-H.' 
_audit_author.pdbx_ordinal   1 
# 
_citation.abstract                  . 
_citation.abstract_id_CAS           . 
_citation.book_id_ISBN              . 
_citation.book_publisher            ? 
_citation.book_publisher_city       . 
_citation.book_title                . 
_citation.coordinate_linkage        . 
_citation.country                   UK 
_citation.database_id_Medline       . 
_citation.details                   . 
_citation.id                        primary 
_citation.journal_abbrev            'Nat Commun' 
_citation.journal_id_ASTM           ? 
_citation.journal_id_CSD            ? 
_citation.journal_id_ISSN           2041-1723 
_citation.journal_full              . 
_citation.journal_issue             . 
_citation.journal_volume            5 
_citation.language                  . 
_citation.page_first                3814 
_citation.page_last                 3814 
_citation.title                     
'Protein grafting of p53TAD onto a leucine zipper scaffold generates a potent HDM dual inhibitor.' 
_citation.year                      2014 
_citation.database_id_CSD           . 
_citation.pdbx_database_id_DOI      10.1038/ncomms4814 
_citation.pdbx_database_id_PubMed   24804811 
_citation.unpublished_flag          . 
# 
loop_
_citation_author.citation_id 
_citation_author.name 
_citation_author.ordinal 
_citation_author.identifier_ORCID 
primary 'Lee, J.H.'  1  ? 
primary 'Kang, E.'   2  ? 
primary 'Lee, J.'    3  ? 
primary 'Kim, J.'    4  ? 
primary 'Lee, K.H.'  5  ? 
primary 'Han, J.'    6  ? 
primary 'Kang, H.Y.' 7  ? 
primary 'Ahn, S.'    8  ? 
primary 'Oh, Y.'     9  ? 
primary 'Shin, D.'   10 ? 
primary 'Hur, K.'    11 ? 
primary 'Chae, S.Y.' 12 ? 
primary 'Song, P.H.' 13 ? 
primary 'Kim, Y.I.'  14 ? 
primary 'Park, J.C.' 15 ? 
primary 'Lee, J.I.'  16 ? 
# 
loop_
_entity.id 
_entity.type 
_entity.src_method 
_entity.pdbx_description 
_entity.formula_weight 
_entity.pdbx_number_of_molecules 
_entity.pdbx_ec 
_entity.pdbx_mutation 
_entity.pdbx_fragment 
_entity.details 
1 polymer man p53LZ2 3930.679 2   ? ? ? ? 
2 water   nat water  18.015   126 ? ? ? ? 
# 
_entity_poly.entity_id                      1 
_entity_poly.type                           'polypeptide(L)' 
_entity_poly.nstd_linkage                   no 
_entity_poly.nstd_monomer                   no 
_entity_poly.pdbx_seq_one_letter_code       GSMRMKQLEDKVGELLFSNYWLELEVARLKKLV 
_entity_poly.pdbx_seq_one_letter_code_can   GSMRMKQLEDKVGELLFSNYWLELEVARLKKLV 
_entity_poly.pdbx_strand_id                 A,B 
_entity_poly.pdbx_target_identifier         ? 
# 
_pdbx_entity_nonpoly.entity_id   2 
_pdbx_entity_nonpoly.name        water 
_pdbx_entity_nonpoly.comp_id     HOH 
# 
loop_
_entity_poly_seq.entity_id 
_entity_poly_seq.num 
_entity_poly_seq.mon_id 
_entity_poly_seq.hetero 
1 1  GLY n 
1 2  SER n 
1 3  MET n 
1 4  ARG n 
1 5  MET n 
1 6  LYS n 
1 7  GLN n 
1 8  LEU n 
1 9  GLU n 
1 10 ASP n 
1 11 LYS n 
1 12 VAL n 
1 13 GLY n 
1 14 GLU n 
1 15 LEU n 
1 16 LEU n 
1 17 PHE n 
1 18 SER n 
1 19 ASN n 
1 20 TYR n 
1 21 TRP n 
1 22 LEU n 
1 23 GLU n 
1 24 LEU n 
1 25 GLU n 
1 26 VAL n 
1 27 ALA n 
1 28 ARG n 
1 29 LEU n 
1 30 LYS n 
1 31 LYS n 
1 32 LEU n 
1 33 VAL n 
# 
_entity_src_gen.entity_id                          1 
_entity_src_gen.pdbx_src_id                        1 
_entity_src_gen.pdbx_alt_source_flag               sample 
_entity_src_gen.pdbx_seq_type                      'Biological sequence' 
_entity_src_gen.pdbx_beg_seq_num                   1 
_entity_src_gen.pdbx_end_seq_num                   33 
_entity_src_gen.gene_src_common_name               ? 
_entity_src_gen.gene_src_genus                     ? 
_entity_src_gen.pdbx_gene_src_gene                 ? 
_entity_src_gen.gene_src_species                   ? 
_entity_src_gen.gene_src_strain                    ? 
_entity_src_gen.gene_src_tissue                    ? 
_entity_src_gen.gene_src_tissue_fraction           ? 
_entity_src_gen.gene_src_details                   ? 
_entity_src_gen.pdbx_gene_src_fragment             ? 
_entity_src_gen.pdbx_gene_src_scientific_name      'synthetic construct' 
_entity_src_gen.pdbx_gene_src_ncbi_taxonomy_id     32630 
_entity_src_gen.pdbx_gene_src_variant              ? 
_entity_src_gen.pdbx_gene_src_cell_line            ? 
_entity_src_gen.pdbx_gene_src_atcc                 ? 
_entity_src_gen.pdbx_gene_src_organ                ? 
_entity_src_gen.pdbx_gene_src_organelle            ? 
_entity_src_gen.pdbx_gene_src_cell                 ? 
_entity_src_gen.pdbx_gene_src_cellular_location    ? 
_entity_src_gen.host_org_common_name               ? 
_entity_src_gen.pdbx_host_org_scientific_name      'Escherichia coli' 
_entity_src_gen.pdbx_host_org_ncbi_taxonomy_id     562 
_entity_src_gen.host_org_genus                     ? 
_entity_src_gen.pdbx_host_org_gene                 ? 
_entity_src_gen.pdbx_host_org_organ                ? 
_entity_src_gen.host_org_species                   ? 
_entity_src_gen.pdbx_host_org_tissue               ? 
_entity_src_gen.pdbx_host_org_tissue_fraction      ? 
_entity_src_gen.pdbx_host_org_strain               ? 
_entity_src_gen.pdbx_host_org_variant              ? 
_entity_src_gen.pdbx_host_org_cell_line            ? 
_entity_src_gen.pdbx_host_org_atcc                 ? 
_entity_src_gen.pdbx_host_org_culture_collection   ? 
_entity_src_gen.pdbx_host_org_cell                 ? 
_entity_src_gen.pdbx_host_org_organelle            ? 
_entity_src_gen.pdbx_host_org_cellular_location    ? 
_entity_src_gen.pdbx_host_org_vector_type          plasmid 
_entity_src_gen.pdbx_host_org_vector               ? 
_entity_src_gen.host_org_details                   ? 
_entity_src_gen.expression_system_id               ? 
_entity_src_gen.plasmid_name                       pET21b 
_entity_src_gen.plasmid_details                    ? 
_entity_src_gen.pdbx_description                   ? 
# 
loop_
_chem_comp.id 
_chem_comp.type 
_chem_comp.mon_nstd_flag 
_chem_comp.name 
_chem_comp.pdbx_synonyms 
_chem_comp.formula 
_chem_comp.formula_weight 
ALA 'L-peptide linking' y ALANINE         ? 'C3 H7 N O2'     89.093  
ARG 'L-peptide linking' y ARGININE        ? 'C6 H15 N4 O2 1' 175.209 
ASN 'L-peptide linking' y ASPARAGINE      ? 'C4 H8 N2 O3'    132.118 
ASP 'L-peptide linking' y 'ASPARTIC ACID' ? 'C4 H7 N O4'     133.103 
GLN 'L-peptide linking' y GLUTAMINE       ? 'C5 H10 N2 O3'   146.144 
GLU 'L-peptide linking' y 'GLUTAMIC ACID' ? 'C5 H9 N O4'     147.129 
GLY 'peptide linking'   y GLYCINE         ? 'C2 H5 N O2'     75.067  
HOH non-polymer         . WATER           ? 'H2 O'           18.015  
LEU 'L-peptide linking' y LEUCINE         ? 'C6 H13 N O2'    131.173 
LYS 'L-peptide linking' y LYSINE          ? 'C6 H15 N2 O2 1' 147.195 
MET 'L-peptide linking' y METHIONINE      ? 'C5 H11 N O2 S'  149.211 
PHE 'L-peptide linking' y PHENYLALANINE   ? 'C9 H11 N O2'    165.189 
SER 'L-peptide linking' y SERINE          ? 'C3 H7 N O3'     105.093 
TRP 'L-peptide linking' y TRYPTOPHAN      ? 'C11 H12 N2 O2'  204.225 
TYR 'L-peptide linking' y TYROSINE        ? 'C9 H11 N O3'    181.189 
VAL 'L-peptide linking' y VALINE          ? 'C5 H11 N O2'    117.146 
# 
loop_
_pdbx_poly_seq_scheme.asym_id 
_pdbx_poly_seq_scheme.entity_id 
_pdbx_poly_seq_scheme.seq_id 
_pdbx_poly_seq_scheme.mon_id 
_pdbx_poly_seq_scheme.ndb_seq_num 
_pdbx_poly_seq_scheme.pdb_seq_num 
_pdbx_poly_seq_scheme.auth_seq_num 
_pdbx_poly_seq_scheme.pdb_mon_id 
_pdbx_poly_seq_scheme.auth_mon_id 
_pdbx_poly_seq_scheme.pdb_strand_id 
_pdbx_poly_seq_scheme.pdb_ins_code 
_pdbx_poly_seq_scheme.hetero 
A 1 1  GLY 1  -2 -2 GLY GLY A . n 
A 1 2  SER 2  -1 -1 SER SER A . n 
A 1 3  MET 3  0  0  MET MET A . n 
A 1 4  ARG 4  1  1  ARG ARG A . n 
A 1 5  MET 5  2  2  MET MET A . n 
A 1 6  LYS 6  3  3  LYS LYS A . n 
A 1 7  GLN 7  4  4  GLN GLN A . n 
A 1 8  LEU 8  5  5  LEU LEU A . n 
A 1 9  GLU 9  6  6  GLU GLU A . n 
A 1 10 ASP 10 7  7  ASP ASP A . n 
A 1 11 LYS 11 8  8  LYS LYS A . n 
A 1 12 VAL 12 9  9  VAL VAL A . n 
A 1 13 GLY 13 10 10 GLY GLY A . n 
A 1 14 GLU 14 11 11 GLU GLU A . n 
A 1 15 LEU 15 12 12 LEU LEU A . n 
A 1 16 LEU 16 13 13 LEU LEU A . n 
A 1 17 PHE 17 14 14 PHE PHE A . n 
A 1 18 SER 18 15 15 SER SER A . n 
A 1 19 ASN 19 16 16 ASN ASN A . n 
A 1 20 TYR 20 17 17 TYR TYR A . n 
A 1 21 TRP 21 18 18 TRP TRP A . n 
A 1 22 LEU 22 19 19 LEU LEU A . n 
A 1 23 GLU 23 20 20 GLU GLU A . n 
A 1 24 LEU 24 21 21 LEU LEU A . n 
A 1 25 GLU 25 22 22 GLU GLU A . n 
A 1 26 VAL 26 23 23 VAL VAL A . n 
A 1 27 ALA 27 24 24 ALA ALA A . n 
A 1 28 ARG 28 25 25 ARG ARG A . n 
A 1 29 LEU 29 26 26 LEU LEU A . n 
A 1 30 LYS 30 27 27 LYS LYS A . n 
A 1 31 LYS 31 28 28 LYS LYS A . n 
A 1 32 LEU 32 29 29 LEU LEU A . n 
A 1 33 VAL 33 30 30 VAL VAL A . n 
B 1 1  GLY 1  -2 -2 GLY GLY B . n 
B 1 2  SER 2  -1 -1 SER SER B . n 
B 1 3  MET 3  0  0  MET MET B . n 
B 1 4  ARG 4  1  1  ARG ARG B . n 
B 1 5  MET 5  2  2  MET MET B . n 
B 1 6  LYS 6  3  3  LYS LYS B . n 
B 1 7  GLN 7  4  4  GLN GLN B . n 
B 1 8  LEU 8  5  5  LEU LEU B . n 
B 1 9  GLU 9  6  6  GLU GLU B . n 
B 1 10 ASP 10 7  7  ASP ASP B . n 
B 1 11 LYS 11 8  8  LYS LYS B . n 
B 1 12 VAL 12 9  9  VAL VAL B . n 
B 1 13 GLY 13 10 10 GLY GLY B . n 
B 1 14 GLU 14 11 11 GLU GLU B . n 
B 1 15 LEU 15 12 12 LEU LEU B . n 
B 1 16 LEU 16 13 13 LEU LEU B . n 
B 1 17 PHE 17 14 14 PHE PHE B . n 
B 1 18 SER 18 15 15 SER SER B . n 
B 1 19 ASN 19 16 16 ASN ASN B . n 
B 1 20 TYR 20 17 17 TYR TYR B . n 
B 1 21 TRP 21 18 18 TRP TRP B . n 
B 1 22 LEU 22 19 19 LEU LEU B . n 
B 1 23 GLU 23 20 20 GLU GLU B . n 
B 1 24 LEU 24 21 21 LEU LEU B . n 
B 1 25 GLU 25 22 22 GLU GLU B . n 
B 1 26 VAL 26 23 23 VAL VAL B . n 
B 1 27 ALA 27 24 24 ALA ALA B . n 
B 1 28 ARG 28 25 25 ARG ARG B . n 
B 1 29 LEU 29 26 26 LEU LEU B . n 
B 1 30 LYS 30 27 27 LYS LYS B . n 
B 1 31 LYS 31 28 28 LYS LYS B . n 
B 1 32 LEU 32 29 29 LEU LEU B . n 
B 1 33 VAL 33 30 30 VAL VAL B . n 
# 
loop_
_pdbx_nonpoly_scheme.asym_id 
_pdbx_nonpoly_scheme.entity_id 
_pdbx_nonpoly_scheme.mon_id 
_pdbx_nonpoly_scheme.ndb_seq_num 
_pdbx_nonpoly_scheme.pdb_seq_num 
_pdbx_nonpoly_scheme.auth_seq_num 
_pdbx_nonpoly_scheme.pdb_mon_id 
_pdbx_nonpoly_scheme.auth_mon_id 
_pdbx_nonpoly_scheme.pdb_strand_id 
_pdbx_nonpoly_scheme.pdb_ins_code 
C 2 HOH 1  101 113 HOH HOH A . 
C 2 HOH 2  102 102 HOH HOH A . 
C 2 HOH 3  103 69  HOH HOH A . 
C 2 HOH 4  104 90  HOH HOH A . 
C 2 HOH 5  105 106 HOH HOH A . 
C 2 HOH 6  106 53  HOH HOH A . 
C 2 HOH 7  107 75  HOH HOH A . 
C 2 HOH 8  108 7   HOH HOH A . 
C 2 HOH 9  109 37  HOH HOH A . 
C 2 HOH 10 110 59  HOH HOH A . 
C 2 HOH 11 111 6   HOH HOH A . 
C 2 HOH 12 112 3   HOH HOH A . 
C 2 HOH 13 113 43  HOH HOH A . 
C 2 HOH 14 114 63  HOH HOH A . 
C 2 HOH 15 115 47  HOH HOH A . 
C 2 HOH 16 116 11  HOH HOH A . 
C 2 HOH 17 117 70  HOH HOH A . 
C 2 HOH 18 118 5   HOH HOH A . 
C 2 HOH 19 119 64  HOH HOH A . 
C 2 HOH 20 120 60  HOH HOH A . 
C 2 HOH 21 121 13  HOH HOH A . 
C 2 HOH 22 122 19  HOH HOH A . 
C 2 HOH 23 123 9   HOH HOH A . 
C 2 HOH 24 124 35  HOH HOH A . 
C 2 HOH 25 125 77  HOH HOH A . 
C 2 HOH 26 126 100 HOH HOH A . 
C 2 HOH 27 127 18  HOH HOH A . 
C 2 HOH 28 128 1   HOH HOH A . 
C 2 HOH 29 129 74  HOH HOH A . 
C 2 HOH 30 130 98  HOH HOH A . 
C 2 HOH 31 131 12  HOH HOH A . 
C 2 HOH 32 132 46  HOH HOH A . 
C 2 HOH 33 133 38  HOH HOH A . 
C 2 HOH 34 134 112 HOH HOH A . 
C 2 HOH 35 135 109 HOH HOH A . 
C 2 HOH 36 136 93  HOH HOH A . 
C 2 HOH 37 137 89  HOH HOH A . 
C 2 HOH 38 138 110 HOH HOH A . 
C 2 HOH 39 139 27  HOH HOH A . 
C 2 HOH 40 140 32  HOH HOH A . 
C 2 HOH 41 141 92  HOH HOH A . 
C 2 HOH 42 142 65  HOH HOH A . 
C 2 HOH 43 143 36  HOH HOH A . 
C 2 HOH 44 144 62  HOH HOH A . 
C 2 HOH 45 145 31  HOH HOH A . 
C 2 HOH 46 146 111 HOH HOH A . 
C 2 HOH 47 147 107 HOH HOH A . 
C 2 HOH 48 148 29  HOH HOH A . 
C 2 HOH 49 149 24  HOH HOH A . 
C 2 HOH 50 150 71  HOH HOH A . 
C 2 HOH 51 151 20  HOH HOH A . 
C 2 HOH 52 152 33  HOH HOH A . 
C 2 HOH 53 153 25  HOH HOH A . 
C 2 HOH 54 154 30  HOH HOH A . 
C 2 HOH 55 155 52  HOH HOH A . 
C 2 HOH 56 156 103 HOH HOH A . 
C 2 HOH 57 157 118 HOH HOH A . 
C 2 HOH 58 158 124 HOH HOH A . 
D 2 HOH 1  101 116 HOH HOH B . 
D 2 HOH 2  102 44  HOH HOH B . 
D 2 HOH 3  103 57  HOH HOH B . 
D 2 HOH 4  104 117 HOH HOH B . 
D 2 HOH 5  105 78  HOH HOH B . 
D 2 HOH 6  106 22  HOH HOH B . 
D 2 HOH 7  107 26  HOH HOH B . 
D 2 HOH 8  108 73  HOH HOH B . 
D 2 HOH 9  109 121 HOH HOH B . 
D 2 HOH 10 110 21  HOH HOH B . 
D 2 HOH 11 111 8   HOH HOH B . 
D 2 HOH 12 112 4   HOH HOH B . 
D 2 HOH 13 113 96  HOH HOH B . 
D 2 HOH 14 114 114 HOH HOH B . 
D 2 HOH 15 115 86  HOH HOH B . 
D 2 HOH 16 116 49  HOH HOH B . 
D 2 HOH 17 117 51  HOH HOH B . 
D 2 HOH 18 118 119 HOH HOH B . 
D 2 HOH 19 119 15  HOH HOH B . 
D 2 HOH 20 120 42  HOH HOH B . 
D 2 HOH 21 121 34  HOH HOH B . 
D 2 HOH 22 122 28  HOH HOH B . 
D 2 HOH 23 123 80  HOH HOH B . 
D 2 HOH 24 124 61  HOH HOH B . 
D 2 HOH 25 125 17  HOH HOH B . 
D 2 HOH 26 126 14  HOH HOH B . 
D 2 HOH 27 127 54  HOH HOH B . 
D 2 HOH 28 128 79  HOH HOH B . 
D 2 HOH 29 129 81  HOH HOH B . 
D 2 HOH 30 130 91  HOH HOH B . 
D 2 HOH 31 131 67  HOH HOH B . 
D 2 HOH 32 132 97  HOH HOH B . 
D 2 HOH 33 133 76  HOH HOH B . 
D 2 HOH 34 134 23  HOH HOH B . 
D 2 HOH 35 135 16  HOH HOH B . 
D 2 HOH 36 136 99  HOH HOH B . 
D 2 HOH 37 137 88  HOH HOH B . 
D 2 HOH 38 138 40  HOH HOH B . 
D 2 HOH 39 139 95  HOH HOH B . 
D 2 HOH 40 140 122 HOH HOH B . 
D 2 HOH 41 141 41  HOH HOH B . 
D 2 HOH 42 142 72  HOH HOH B . 
D 2 HOH 43 143 2   HOH HOH B . 
D 2 HOH 44 144 10  HOH HOH B . 
D 2 HOH 45 145 66  HOH HOH B . 
D 2 HOH 46 146 56  HOH HOH B . 
D 2 HOH 47 147 85  HOH HOH B . 
D 2 HOH 48 148 101 HOH HOH B . 
D 2 HOH 49 149 58  HOH HOH B . 
D 2 HOH 50 150 50  HOH HOH B . 
D 2 HOH 51 151 105 HOH HOH B . 
D 2 HOH 52 152 45  HOH HOH B . 
D 2 HOH 53 153 55  HOH HOH B . 
D 2 HOH 54 154 83  HOH HOH B . 
D 2 HOH 55 155 94  HOH HOH B . 
D 2 HOH 56 156 39  HOH HOH B . 
D 2 HOH 57 157 48  HOH HOH B . 
D 2 HOH 58 158 68  HOH HOH B . 
D 2 HOH 59 159 82  HOH HOH B . 
D 2 HOH 60 160 84  HOH HOH B . 
D 2 HOH 61 161 87  HOH HOH B . 
D 2 HOH 62 162 104 HOH HOH B . 
D 2 HOH 63 163 108 HOH HOH B . 
D 2 HOH 64 164 115 HOH HOH B . 
D 2 HOH 65 165 120 HOH HOH B . 
D 2 HOH 66 166 123 HOH HOH B . 
D 2 HOH 67 167 125 HOH HOH B . 
D 2 HOH 68 168 126 HOH HOH B . 
# 
_software.citation_id            ? 
_software.classification         refinement 
_software.compiler_name          . 
_software.compiler_version       . 
_software.contact_author         . 
_software.contact_author_email   . 
_software.date                   . 
_software.description            . 
_software.dependencies           . 
_software.hardware               . 
_software.language               . 
_software.location               . 
_software.mods                   . 
_software.name                   PHENIX 
_software.os                     . 
_software.os_version             . 
_software.type                   . 
_software.version                '(phenix.refine: 1.7.1_743)' 
_software.pdbx_ordinal           1 
# 
_cell.entry_id           4OWI 
_cell.length_a           30.480 
_cell.length_b           29.390 
_cell.length_c           32.700 
_cell.angle_alpha        90.00 
_cell.angle_beta         98.25 
_cell.angle_gamma        90.00 
_cell.Z_PDB              4 
_cell.pdbx_unique_axis   ? 
# 
_symmetry.entry_id                         4OWI 
_symmetry.cell_setting                     . 
_symmetry.Int_Tables_number                4 
_symmetry.space_group_name_Hall            . 
_symmetry.space_group_name_H-M             'P 1 21 1' 
_symmetry.pdbx_full_space_group_name_H-M   . 
# 
_exptl.absorpt_coefficient_mu     . 
_exptl.absorpt_correction_T_max   . 
_exptl.absorpt_correction_T_min   . 
_exptl.absorpt_correction_type    . 
_exptl.absorpt_process_details    . 
_exptl.entry_id                   4OWI 
_exptl.crystals_number            . 
_exptl.details                    . 
_exptl.method                     'X-RAY DIFFRACTION' 
_exptl.method_details             . 
# 
_exptl_crystal.colour                      . 
_exptl_crystal.density_diffrn              . 
_exptl_crystal.density_Matthews            1.84 
_exptl_crystal.density_method              . 
_exptl_crystal.density_percent_sol         33.29 
_exptl_crystal.description                 . 
_exptl_crystal.F_000                       . 
_exptl_crystal.id                          1 
_exptl_crystal.preparation                 . 
_exptl_crystal.size_max                    . 
_exptl_crystal.size_mid                    . 
_exptl_crystal.size_min                    . 
_exptl_crystal.size_rad                    . 
_exptl_crystal.colour_lustre               . 
_exptl_crystal.colour_modifier             . 
_exptl_crystal.colour_primary              . 
_exptl_crystal.density_meas                . 
_exptl_crystal.density_meas_esd            . 
_exptl_crystal.density_meas_gt             . 
_exptl_crystal.density_meas_lt             . 
_exptl_crystal.density_meas_temp           . 
_exptl_crystal.density_meas_temp_esd       . 
_exptl_crystal.density_meas_temp_gt        . 
_exptl_crystal.density_meas_temp_lt        . 
_exptl_crystal.pdbx_crystal_image_url      . 
_exptl_crystal.pdbx_crystal_image_format   . 
_exptl_crystal.pdbx_mosaicity              . 
_exptl_crystal.pdbx_mosaicity_esd          . 
# 
_exptl_crystal_grow.apparatus       . 
_exptl_crystal_grow.atmosphere      . 
_exptl_crystal_grow.crystal_id      1 
_exptl_crystal_grow.details         . 
_exptl_crystal_grow.method          'VAPOR DIFFUSION' 
_exptl_crystal_grow.method_ref      . 
_exptl_crystal_grow.pH              . 
_exptl_crystal_grow.pressure        . 
_exptl_crystal_grow.pressure_esd    . 
_exptl_crystal_grow.seeding         . 
_exptl_crystal_grow.seeding_ref     . 
_exptl_crystal_grow.temp            291.15 
_exptl_crystal_grow.temp_details    . 
_exptl_crystal_grow.temp_esd        . 
_exptl_crystal_grow.time            . 
_exptl_crystal_grow.pdbx_details    ethanol 
_exptl_crystal_grow.pdbx_pH_range   . 
# 
_diffrn.ambient_environment    . 
_diffrn.ambient_temp           100 
_diffrn.ambient_temp_details   . 
_diffrn.ambient_temp_esd       . 
_diffrn.crystal_id             1 
_diffrn.crystal_support        . 
_diffrn.crystal_treatment      . 
_diffrn.details                . 
_diffrn.id                     1 
_diffrn.ambient_pressure       . 
_diffrn.ambient_pressure_esd   . 
_diffrn.ambient_pressure_gt    . 
_diffrn.ambient_pressure_lt    . 
_diffrn.ambient_temp_gt        . 
_diffrn.ambient_temp_lt        . 
# 
_diffrn_detector.details                      . 
_diffrn_detector.detector                     CCD 
_diffrn_detector.diffrn_id                    1 
_diffrn_detector.type                         'ADSC QUANTUM 315r' 
_diffrn_detector.area_resol_mean              . 
_diffrn_detector.dtime                        . 
_diffrn_detector.pdbx_frames_total            . 
_diffrn_detector.pdbx_collection_time_total   . 
_diffrn_detector.pdbx_collection_date         2013-03-01 
# 
_diffrn_radiation.collimation                      . 
_diffrn_radiation.diffrn_id                        1 
_diffrn_radiation.filter_edge                      . 
_diffrn_radiation.inhomogeneity                    . 
_diffrn_radiation.monochromator                    . 
_diffrn_radiation.polarisn_norm                    . 
_diffrn_radiation.polarisn_ratio                   . 
_diffrn_radiation.probe                            . 
_diffrn_radiation.type                             . 
_diffrn_radiation.xray_symbol                      . 
_diffrn_radiation.wavelength_id                    1 
_diffrn_radiation.pdbx_monochromatic_or_laue_m_l   . 
_diffrn_radiation.pdbx_wavelength_list             . 
_diffrn_radiation.pdbx_wavelength                  . 
_diffrn_radiation.pdbx_diffrn_protocol             'SINGLE WAVELENGTH' 
_diffrn_radiation.pdbx_analyzer                    . 
_diffrn_radiation.pdbx_scattering_type             x-ray 
# 
_diffrn_radiation_wavelength.id           1 
_diffrn_radiation_wavelength.wavelength   0.97935 
_diffrn_radiation_wavelength.wt           1.0 
# 
_diffrn_source.current                     . 
_diffrn_source.details                     . 
_diffrn_source.diffrn_id                   1 
_diffrn_source.power                       . 
_diffrn_source.size                        . 
_diffrn_source.source                      SYNCHROTRON 
_diffrn_source.target                      . 
_diffrn_source.type                        'PAL/PLS BEAMLINE 5C (4A)' 
_diffrn_source.voltage                     . 
_diffrn_source.take-off_angle              . 
_diffrn_source.pdbx_wavelength_list        0.97935 
_diffrn_source.pdbx_wavelength             . 
_diffrn_source.pdbx_synchrotron_beamline   '5C (4A)' 
_diffrn_source.pdbx_synchrotron_site       PAL/PLS 
# 
_reflns.B_iso_Wilson_estimate            . 
_reflns.entry_id                         4OWI 
_reflns.data_reduction_details           . 
_reflns.data_reduction_method            . 
_reflns.d_resolution_high                1.2 
_reflns.d_resolution_low                 30.165 
_reflns.details                          . 
_reflns.limit_h_max                      . 
_reflns.limit_h_min                      . 
_reflns.limit_k_max                      . 
_reflns.limit_k_min                      . 
_reflns.limit_l_max                      . 
_reflns.limit_l_min                      . 
_reflns.number_all                       . 
_reflns.number_obs                       17562 
_reflns.observed_criterion               . 
_reflns.observed_criterion_F_max         . 
_reflns.observed_criterion_F_min         . 
_reflns.observed_criterion_I_max         . 
_reflns.observed_criterion_I_min         . 
_reflns.observed_criterion_sigma_F       . 
_reflns.observed_criterion_sigma_I       . 
_reflns.percent_possible_obs             97.5 
_reflns.R_free_details                   . 
_reflns.Rmerge_F_all                     . 
_reflns.Rmerge_F_obs                     . 
_reflns.Friedel_coverage                 . 
_reflns.number_gt                        . 
_reflns.threshold_expression             . 
_reflns.pdbx_redundancy                  6.7 
_reflns.pdbx_Rmerge_I_obs                . 
_reflns.pdbx_Rmerge_I_all                . 
_reflns.pdbx_Rsym_value                  . 
_reflns.pdbx_netI_over_av_sigmaI         . 
_reflns.pdbx_netI_over_sigmaI            59.73 
_reflns.pdbx_res_netI_over_av_sigmaI_2   . 
_reflns.pdbx_res_netI_over_sigmaI_2      . 
_reflns.pdbx_chi_squared                 . 
_reflns.pdbx_scaling_rejects             . 
_reflns.pdbx_d_res_high_opt              . 
_reflns.pdbx_d_res_low_opt               . 
_reflns.pdbx_d_res_opt_method            . 
_reflns.phase_calculation_details        . 
_reflns.pdbx_Rrim_I_all                  . 
_reflns.pdbx_Rpim_I_all                  . 
_reflns.pdbx_d_opt                       . 
_reflns.pdbx_number_measured_all         . 
_reflns.pdbx_diffrn_id                   1 
_reflns.pdbx_ordinal                     1 
# 
_refine.aniso_B[1][1]                            -1.7806 
_refine.aniso_B[1][2]                            0.0000 
_refine.aniso_B[1][3]                            0.1150 
_refine.aniso_B[2][2]                            2.8368 
_refine.aniso_B[2][3]                            0.0000 
_refine.aniso_B[3][3]                            -1.0561 
_refine.B_iso_max                                . 
_refine.B_iso_mean                               . 
_refine.B_iso_min                                . 
_refine.correlation_coeff_Fo_to_Fc               . 
_refine.correlation_coeff_Fo_to_Fc_free          . 
_refine.details                                  . 
_refine.diff_density_max                         . 
_refine.diff_density_max_esd                     . 
_refine.diff_density_min                         . 
_refine.diff_density_min_esd                     . 
_refine.diff_density_rms                         . 
_refine.diff_density_rms_esd                     . 
_refine.entry_id                                 4OWI 
_refine.pdbx_refine_id                           'X-RAY DIFFRACTION' 
_refine.ls_abs_structure_details                 . 
_refine.ls_abs_structure_Flack                   . 
_refine.ls_abs_structure_Flack_esd               . 
_refine.ls_abs_structure_Rogers                  . 
_refine.ls_abs_structure_Rogers_esd              . 
_refine.ls_d_res_high                            1.202 
_refine.ls_d_res_low                             30.165 
_refine.ls_extinction_coef                       . 
_refine.ls_extinction_coef_esd                   . 
_refine.ls_extinction_expression                 . 
_refine.ls_extinction_method                     . 
_refine.ls_goodness_of_fit_all                   . 
_refine.ls_goodness_of_fit_all_esd               . 
_refine.ls_goodness_of_fit_obs                   . 
_refine.ls_goodness_of_fit_obs_esd               . 
_refine.ls_hydrogen_treatment                    . 
_refine.ls_matrix_type                           . 
_refine.ls_number_constraints                    . 
_refine.ls_number_parameters                     . 
_refine.ls_number_reflns_all                     . 
_refine.ls_number_reflns_obs                     17557 
_refine.ls_number_reflns_R_free                  879 
_refine.ls_number_reflns_R_work                  . 
_refine.ls_number_restraints                     . 
_refine.ls_percent_reflns_obs                    97.51 
_refine.ls_percent_reflns_R_free                 5.01 
_refine.ls_R_factor_all                          . 
_refine.ls_R_factor_obs                          0.1632 
_refine.ls_R_factor_R_free                       0.1947 
_refine.ls_R_factor_R_free_error                 . 
_refine.ls_R_factor_R_free_error_details         . 
_refine.ls_R_factor_R_work                       0.1616 
_refine.ls_R_Fsqd_factor_obs                     . 
_refine.ls_R_I_factor_obs                        . 
_refine.ls_redundancy_reflns_all                 . 
_refine.ls_redundancy_reflns_obs                 . 
_refine.ls_restrained_S_all                      . 
_refine.ls_restrained_S_obs                      . 
_refine.ls_shift_over_esd_max                    . 
_refine.ls_shift_over_esd_mean                   . 
_refine.ls_structure_factor_coef                 . 
_refine.ls_weighting_details                     . 
_refine.ls_weighting_scheme                      . 
_refine.ls_wR_factor_all                         . 
_refine.ls_wR_factor_obs                         . 
_refine.ls_wR_factor_R_free                      . 
_refine.ls_wR_factor_R_work                      . 
_refine.occupancy_max                            . 
_refine.occupancy_min                            . 
_refine.overall_SU_B                             . 
_refine.overall_SU_ML                            0.23 
_refine.overall_SU_R_Cruickshank_DPI             . 
_refine.overall_SU_R_free                        . 
_refine.overall_FOM_free_R_set                   . 
_refine.overall_FOM_work_R_set                   . 
_refine.solvent_model_details                    'FLAT BULK SOLVENT MODEL' 
_refine.solvent_model_param_bsol                 60.185 
_refine.solvent_model_param_ksol                 0.600 
_refine.ls_R_factor_gt                           . 
_refine.ls_goodness_of_fit_gt                    . 
_refine.ls_goodness_of_fit_ref                   . 
_refine.ls_shift_over_su_max                     . 
_refine.ls_shift_over_su_max_lt                  . 
_refine.ls_shift_over_su_mean                    . 
_refine.ls_shift_over_su_mean_lt                 . 
_refine.pdbx_ls_sigma_I                          . 
_refine.pdbx_ls_sigma_F                          1.39 
_refine.pdbx_ls_sigma_Fsqd                       . 
_refine.pdbx_data_cutoff_high_absF               . 
_refine.pdbx_data_cutoff_high_rms_absF           . 
_refine.pdbx_data_cutoff_low_absF                . 
_refine.pdbx_isotropic_thermal_model             . 
_refine.pdbx_ls_cross_valid_method               'FREE R-VALUE' 
_refine.pdbx_method_to_determine_struct          . 
_refine.pdbx_starting_model                      . 
_refine.pdbx_stereochemistry_target_values       ML 
_refine.pdbx_R_Free_selection_details            . 
_refine.pdbx_stereochem_target_val_spec_case     . 
_refine.pdbx_overall_ESU_R                       . 
_refine.pdbx_overall_ESU_R_Free                  . 
_refine.pdbx_solvent_vdw_probe_radii             0.30 
_refine.pdbx_solvent_ion_probe_radii             . 
_refine.pdbx_solvent_shrinkage_radii             0.05 
_refine.pdbx_real_space_R                        . 
_refine.pdbx_density_correlation                 . 
_refine.pdbx_pd_number_of_powder_patterns        . 
_refine.pdbx_pd_number_of_points                 . 
_refine.pdbx_pd_meas_number_of_points            . 
_refine.pdbx_pd_proc_ls_prof_R_factor            . 
_refine.pdbx_pd_proc_ls_prof_wR_factor           . 
_refine.pdbx_pd_Marquardt_correlation_coeff      . 
_refine.pdbx_pd_Fsqrd_R_factor                   . 
_refine.pdbx_pd_ls_matrix_band_width             . 
_refine.pdbx_overall_phase_error                 17.03 
_refine.pdbx_overall_SU_R_free_Cruickshank_DPI   . 
_refine.pdbx_overall_SU_R_free_Blow_DPI          . 
_refine.pdbx_overall_SU_R_Blow_DPI               . 
_refine.pdbx_TLS_residual_ADP_flag               . 
_refine.pdbx_diffrn_id                           1 
# 
_refine_hist.pdbx_refine_id                   'X-RAY DIFFRACTION' 
_refine_hist.cycle_id                         LAST 
_refine_hist.pdbx_number_atoms_protein        548 
_refine_hist.pdbx_number_atoms_nucleic_acid   0 
_refine_hist.pdbx_number_atoms_ligand         0 
_refine_hist.number_atoms_solvent             126 
_refine_hist.number_atoms_total               674 
_refine_hist.d_res_high                       1.202 
_refine_hist.d_res_low                        30.165 
# 
loop_
_refine_ls_restr.pdbx_refine_id 
_refine_ls_restr.criterion 
_refine_ls_restr.dev_ideal 
_refine_ls_restr.dev_ideal_target 
_refine_ls_restr.number 
_refine_ls_restr.rejects 
_refine_ls_restr.type 
_refine_ls_restr.weight 
_refine_ls_restr.pdbx_restraint_function 
'X-RAY DIFFRACTION' . 0.011  . 554 . f_bond_d           . . 
'X-RAY DIFFRACTION' . 1.157  . 736 . f_angle_d          . . 
'X-RAY DIFFRACTION' . 10.857 . 218 . f_dihedral_angle_d . . 
'X-RAY DIFFRACTION' . 0.054  . 82  . f_chiral_restr     . . 
'X-RAY DIFFRACTION' . 0.007  . 88  . f_plane_restr      . . 
# 
loop_
_refine_ls_shell.pdbx_refine_id 
_refine_ls_shell.d_res_high 
_refine_ls_shell.d_res_low 
_refine_ls_shell.number_reflns_all 
_refine_ls_shell.number_reflns_obs 
_refine_ls_shell.number_reflns_R_free 
_refine_ls_shell.number_reflns_R_work 
_refine_ls_shell.percent_reflns_obs 
_refine_ls_shell.percent_reflns_R_free 
_refine_ls_shell.R_factor_all 
_refine_ls_shell.R_factor_obs 
_refine_ls_shell.R_factor_R_free 
_refine_ls_shell.R_factor_R_free_error 
_refine_ls_shell.R_factor_R_work 
_refine_ls_shell.redundancy_reflns_all 
_refine_ls_shell.redundancy_reflns_obs 
_refine_ls_shell.wR_factor_all 
_refine_ls_shell.wR_factor_obs 
_refine_ls_shell.wR_factor_R_free 
_refine_ls_shell.wR_factor_R_work 
_refine_ls_shell.pdbx_total_number_of_bins_used 
_refine_ls_shell.pdbx_phase_error 
'X-RAY DIFFRACTION' 1.2024 1.2778  . . 141 2679 95.00  . . . 0.2092 . 0.1681 . . . . . . . . 
'X-RAY DIFFRACTION' 1.2778 1.3764  . . 149 2827 100.00 . . . 0.1897 . 0.1555 . . . . . . . . 
'X-RAY DIFFRACTION' 1.3764 1.5149  . . 150 2835 100.00 . . . 0.1926 . 0.1542 . . . . . . . . 
'X-RAY DIFFRACTION' 1.5149 1.7341  . . 149 2830 100.00 . . . 0.2103 . 0.1504 . . . . . . . . 
'X-RAY DIFFRACTION' 1.7341 2.1847  . . 151 2866 100.00 . . . 0.1612 . 0.1524 . . . . . . . . 
'X-RAY DIFFRACTION' 2.1847 30.1742 . . 139 2641 91.00  . . . 0.2104 . 0.1761 . . . . . . . . 
# 
_struct.entry_id                     4OWI 
_struct.title                        'peptide structure' 
_struct.pdbx_model_details           . 
_struct.pdbx_formula_weight          . 
_struct.pdbx_formula_weight_method   . 
_struct.pdbx_model_type_details      . 
_struct.pdbx_CASP_flag               . 
# 
_struct_keywords.entry_id        4OWI 
_struct_keywords.text            'inhibitor, UNKNOWN FUNCTION' 
_struct_keywords.pdbx_keywords   'UNKNOWN FUNCTION' 
# 
loop_
_struct_asym.id 
_struct_asym.pdbx_blank_PDB_chainid_flag 
_struct_asym.pdbx_modified 
_struct_asym.entity_id 
_struct_asym.details 
A N N 1 ? 
B N N 1 ? 
C N N 2 ? 
D N N 2 ? 
# 
_struct_ref.id                         1 
_struct_ref.db_name                    PDB 
_struct_ref.db_code                    4OWI 
_struct_ref.pdbx_db_accession          4OWI 
_struct_ref.entity_id                  1 
_struct_ref.pdbx_seq_one_letter_code   ? 
_struct_ref.pdbx_align_begin           ? 
_struct_ref.pdbx_db_isoform            ? 
# 
loop_
_struct_ref_seq.align_id 
_struct_ref_seq.ref_id 
_struct_ref_seq.pdbx_PDB_id_code 
_struct_ref_seq.pdbx_strand_id 
_struct_ref_seq.seq_align_beg 
_struct_ref_seq.pdbx_seq_align_beg_ins_code 
_struct_ref_seq.seq_align_end 
_struct_ref_seq.pdbx_seq_align_end_ins_code 
_struct_ref_seq.pdbx_db_accession 
_struct_ref_seq.db_align_beg 
_struct_ref_seq.pdbx_db_align_beg_ins_code 
_struct_ref_seq.db_align_end 
_struct_ref_seq.pdbx_db_align_end_ins_code 
_struct_ref_seq.pdbx_auth_seq_align_beg 
_struct_ref_seq.pdbx_auth_seq_align_end 
1 1 4OWI A 1 ? 33 ? 4OWI -2 ? 30 ? -2 30 
2 1 4OWI B 1 ? 33 ? 4OWI -2 ? 30 ? -2 30 
# 
_pdbx_struct_assembly.id                   1 
_pdbx_struct_assembly.details              software_defined_assembly 
_pdbx_struct_assembly.method_details       PISA 
_pdbx_struct_assembly.oligomeric_details   dimeric 
_pdbx_struct_assembly.oligomeric_count     2 
# 
loop_
_pdbx_struct_assembly_prop.biol_id 
_pdbx_struct_assembly_prop.type 
_pdbx_struct_assembly_prop.value 
_pdbx_struct_assembly_prop.details 
1 'ABSA (A^2)' 1670 ? 
1 MORE         -22  ? 
1 'SSA (A^2)'  5410 ? 
# 
_pdbx_struct_assembly_gen.assembly_id       1 
_pdbx_struct_assembly_gen.oper_expression   1 
_pdbx_struct_assembly_gen.asym_id_list      A,B,C,D 
# 
_pdbx_struct_oper_list.id                   1 
_pdbx_struct_oper_list.type                 'identity operation' 
_pdbx_struct_oper_list.name                 1_555 
_pdbx_struct_oper_list.symmetry_operation   x,y,z 
_pdbx_struct_oper_list.matrix[1][1]         1.0000000000 
_pdbx_struct_oper_list.matrix[1][2]         0.0000000000 
_pdbx_struct_oper_list.matrix[1][3]         0.0000000000 
_pdbx_struct_oper_list.vector[1]            0.0000000000 
_pdbx_struct_oper_list.matrix[2][1]         0.0000000000 
_pdbx_struct_oper_list.matrix[2][2]         1.0000000000 
_pdbx_struct_oper_list.matrix[2][3]         0.0000000000 
_pdbx_struct_oper_list.vector[2]            0.0000000000 
_pdbx_struct_oper_list.matrix[3][1]         0.0000000000 
_pdbx_struct_oper_list.matrix[3][2]         0.0000000000 
_pdbx_struct_oper_list.matrix[3][3]         1.0000000000 
_pdbx_struct_oper_list.vector[3]            0.0000000000 
# 
loop_
_struct_conf.conf_type_id 
_struct_conf.id 
_struct_conf.pdbx_PDB_helix_id 
_struct_conf.beg_label_comp_id 
_struct_conf.beg_label_asym_id 
_struct_conf.beg_label_seq_id 
_struct_conf.pdbx_beg_PDB_ins_code 
_struct_conf.end_label_comp_id 
_struct_conf.end_label_asym_id 
_struct_conf.end_label_seq_id 
_struct_conf.pdbx_end_PDB_ins_code 
_struct_conf.beg_auth_comp_id 
_struct_conf.beg_auth_asym_id 
_struct_conf.beg_auth_seq_id 
_struct_conf.end_auth_comp_id 
_struct_conf.end_auth_asym_id 
_struct_conf.end_auth_seq_id 
_struct_conf.pdbx_PDB_helix_class 
_struct_conf.details 
_struct_conf.pdbx_PDB_helix_length 
HELX_P HELX_P1 AA1 SER A 2 ? LYS A 31 ? SER A -1 LYS A 28 1 ? 30 
HELX_P HELX_P2 AA2 SER B 2 ? VAL B 33 ? SER B -1 VAL B 30 1 ? 32 
# 
_struct_conf_type.id          HELX_P 
_struct_conf_type.criteria    ? 
_struct_conf_type.reference   ? 
# 
loop_
_pdbx_validate_close_contact.id 
_pdbx_validate_close_contact.PDB_model_num 
_pdbx_validate_close_contact.auth_atom_id_1 
_pdbx_validate_close_contact.auth_asym_id_1 
_pdbx_validate_close_contact.auth_comp_id_1 
_pdbx_validate_close_contact.auth_seq_id_1 
_pdbx_validate_close_contact.PDB_ins_code_1 
_pdbx_validate_close_contact.label_alt_id_1 
_pdbx_validate_close_contact.auth_atom_id_2 
_pdbx_validate_close_contact.auth_asym_id_2 
_pdbx_validate_close_contact.auth_comp_id_2 
_pdbx_validate_close_contact.auth_seq_id_2 
_pdbx_validate_close_contact.PDB_ins_code_2 
_pdbx_validate_close_contact.label_alt_id_2 
_pdbx_validate_close_contact.dist 
1  1 C   A MET 0   ? ? H A ARG 1   ? ? 1.37 
2  1 HZ2 A LYS 27  ? ? O A HOH 101 ? ? 1.49 
3  1 HZ2 B LYS 8   ? ? O B HOH 102 ? ? 1.59 
4  1 O   B HOH 114 ? ? O B HOH 125 ? ? 1.68 
5  1 O   B HOH 153 ? ? O B HOH 163 ? ? 1.82 
6  1 O   B HOH 140 ? ? O B HOH 161 ? ? 1.84 
7  1 O   B HOH 140 ? ? O B HOH 147 ? ? 1.84 
8  1 NZ  A LYS 27  ? ? O A HOH 101 ? ? 1.88 
9  1 O   A HOH 156 ? ? O B HOH 162 ? ? 1.90 
10 1 O   B HOH 108 ? ? O B HOH 115 ? ? 1.95 
11 1 O   B HOH 113 ? ? O B HOH 121 ? ? 1.95 
12 1 OD2 A ASP 7   ? ? O A HOH 102 ? ? 2.06 
13 1 OD1 B ASN 16  ? ? O B HOH 160 ? ? 2.13 
14 1 ND2 A ASN 16  ? ? O B HOH 160 ? ? 2.14 
15 1 O   B HOH 161 ? ? O B HOH 164 ? ? 2.18 
# 
loop_
_pdbx_validate_symm_contact.id 
_pdbx_validate_symm_contact.PDB_model_num 
_pdbx_validate_symm_contact.auth_atom_id_1 
_pdbx_validate_symm_contact.auth_asym_id_1 
_pdbx_validate_symm_contact.auth_comp_id_1 
_pdbx_validate_symm_contact.auth_seq_id_1 
_pdbx_validate_symm_contact.PDB_ins_code_1 
_pdbx_validate_symm_contact.label_alt_id_1 
_pdbx_validate_symm_contact.site_symmetry_1 
_pdbx_validate_symm_contact.auth_atom_id_2 
_pdbx_validate_symm_contact.auth_asym_id_2 
_pdbx_validate_symm_contact.auth_comp_id_2 
_pdbx_validate_symm_contact.auth_seq_id_2 
_pdbx_validate_symm_contact.PDB_ins_code_2 
_pdbx_validate_symm_contact.label_alt_id_2 
_pdbx_validate_symm_contact.site_symmetry_2 
_pdbx_validate_symm_contact.dist 
1 1 O  A HOH 130 ? ? 1_555 O B HOH 136 ? ? 1_655 1.89 
2 1 O  A HOH 130 ? ? 1_555 O B HOH 148 ? ? 1_655 1.92 
3 1 SD B MET 0   ? ? 1_555 O A HOH 137 ? ? 1_554 2.09 
4 1 O  A HOH 135 ? ? 1_555 O B HOH 126 ? ? 1_556 2.17 
# 
loop_
_pdbx_refine_tls.id 
_pdbx_refine_tls.pdbx_refine_id 
_pdbx_refine_tls.details 
_pdbx_refine_tls.method 
_pdbx_refine_tls.origin_x 
_pdbx_refine_tls.origin_y 
_pdbx_refine_tls.origin_z 
_pdbx_refine_tls.T[1][1] 
_pdbx_refine_tls.T[1][1]_esd 
_pdbx_refine_tls.T[1][2] 
_pdbx_refine_tls.T[1][2]_esd 
_pdbx_refine_tls.T[1][3] 
_pdbx_refine_tls.T[1][3]_esd 
_pdbx_refine_tls.T[2][2] 
_pdbx_refine_tls.T[2][2]_esd 
_pdbx_refine_tls.T[2][3] 
_pdbx_refine_tls.T[2][3]_esd 
_pdbx_refine_tls.T[3][3] 
_pdbx_refine_tls.T[3][3]_esd 
_pdbx_refine_tls.L[1][1] 
_pdbx_refine_tls.L[1][1]_esd 
_pdbx_refine_tls.L[1][2] 
_pdbx_refine_tls.L[1][2]_esd 
_pdbx_refine_tls.L[1][3] 
_pdbx_refine_tls.L[1][3]_esd 
_pdbx_refine_tls.L[2][2] 
_pdbx_refine_tls.L[2][2]_esd 
_pdbx_refine_tls.L[2][3] 
_pdbx_refine_tls.L[2][3]_esd 
_pdbx_refine_tls.L[3][3] 
_pdbx_refine_tls.L[3][3]_esd 
_pdbx_refine_tls.S[1][1] 
_pdbx_refine_tls.S[1][1]_esd 
_pdbx_refine_tls.S[1][2] 
_pdbx_refine_tls.S[1][2]_esd 
_pdbx_refine_tls.S[1][3] 
_pdbx_refine_tls.S[1][3]_esd 
_pdbx_refine_tls.S[2][1] 
_pdbx_refine_tls.S[2][1]_esd 
_pdbx_refine_tls.S[2][2] 
_pdbx_refine_tls.S[2][2]_esd 
_pdbx_refine_tls.S[2][3] 
_pdbx_refine_tls.S[2][3]_esd 
_pdbx_refine_tls.S[3][1] 
_pdbx_refine_tls.S[3][1]_esd 
_pdbx_refine_tls.S[3][2] 
_pdbx_refine_tls.S[3][2]_esd 
_pdbx_refine_tls.S[3][3] 
_pdbx_refine_tls.S[3][3]_esd 
1  'X-RAY DIFFRACTION' . refined 5.6641  10.1505  7.0699   0.0331 . 0.0060  . 0.0097  . 0.0419 . 0.0050  . 0.0426 . 1.7180 . 0.9631  . 1.8810  . 7.6245 . 3.7400  . 3.8068 . -0.1033 . -0.0400 . 0.0648  . -0.0037 . 0.0387  . -0.0081 . -0.0293 . 0.0765  . 0.0533  . 
2  'X-RAY DIFFRACTION' . refined 5.0623  0.0128   1.2554   0.0468 . 0.0128  . 0.0035  . 0.0335 . -0.0032 . 0.0344 . 9.1746 . 0.6142  . -1.4717 . 6.5197 . 2.3234  . 4.8444 . -0.0887 . -0.1295 . 0.1525  . 0.3617  . 0.1408  . 0.0699  . 0.1540  . -0.0061 . -0.0780 . 
3  'X-RAY DIFFRACTION' . refined 4.1488  -5.4488  -3.3248  0.0360 . -0.0013 . 0.0002  . 0.0448 . -0.0068 . 0.0128 . 7.6547 . 1.4094  . -2.4205 . 3.2701 . 0.6271  . 3.3158 . 0.0822  . -0.0980 . 0.0784  . 0.1395  . -0.0797 . 0.0228  . 0.0371  . -0.0922 . 0.0029  . 
4  'X-RAY DIFFRACTION' . refined 2.3536  -11.1762 -7.1541  0.0447 . -0.0046 . -0.0047 . 0.0561 . 0.0028  . 0.0241 . 4.5587 . -0.0598 . -1.0426 . 9.2959 . 3.4242  . 2.3066 . -0.0076 . -0.0834 . -0.1170 . 0.0024  . 0.0668  . 0.0253  . 0.0294  . -0.0561 . -0.0415 . 
5  'X-RAY DIFFRACTION' . refined -0.7751 -17.5145 -11.2143 0.0444 . -0.0052 . -0.0183 . 0.0395 . -0.0046 . 0.0617 . 1.0465 . -0.0014 . 0.3937  . 7.3289 . 1.4111  . 9.2972 . -0.0380 . -0.0543 . 0.0127  . -0.3134 . -0.0785 . -0.0169 . -0.4922 . 0.0518  . -0.0128 . 
6  'X-RAY DIFFRACTION' . refined 0.0184  17.0946  2.7203   0.0451 . 0.0075  . -0.0084 . 0.0246 . 0.0040  . 0.0279 . 4.5582 . 1.5470  . -1.5425 . 5.6698 . -0.0264 . 2.9991 . -0.0517 . -0.0009 . 0.0026  . 0.1173  . 0.0071  . 0.1172  . 0.0194  . -0.1167 . 0.0351  . 
7  'X-RAY DIFFRACTION' . refined -3.5138 9.3923   1.6515   0.0477 . -0.0046 . -0.0054 . 0.0435 . 0.0126  . 0.0582 . 2.4329 . 1.7676  . 2.0837  . 8.9319 . 3.7382  . 3.4130 . -0.1273 . 0.1126  . 0.1981  . -0.2562 . -0.1033 . 0.3414  . -0.1330 . -0.0157 . 0.1954  . 
8  'X-RAY DIFFRACTION' . refined -4.6457 0.7528   0.2042   0.0490 . -0.0005 . 0.0142  . 0.0389 . 0.0001  . 0.0440 . 3.0190 . 3.0599  . 1.6386  . 7.1312 . 2.3779  . 2.6658 . -0.1240 . 0.1481  . -0.0489 . -0.1549 . 0.1058  . -0.0645 . -0.0437 . 0.0930  . -0.0128 . 
9  'X-RAY DIFFRACTION' . refined -7.1013 -5.6485  -0.2822  0.0430 . 0.0129  . 0.0110  . 0.0291 . 0.0135  . 0.0412 . 3.1085 . 2.5814  . -2.9805 . 6.7630 . -0.0542 . 5.5779 . -0.0219 . 0.0075  . 0.0269  . 0.0163  . 0.1113  . 0.0190  . 0.1618  . 0.0432  . -0.0975 . 
10 'X-RAY DIFFRACTION' . refined -7.3116 -12.0904 -2.6731  0.1022 . 0.0391  . 0.0210  . 0.0448 . 0.0027  . 0.0697 . 9.2341 . 0.0802  . -0.7317 . 7.0811 . 0.4730  . 4.4284 . 0.1661  . 0.3033  . 0.0529  . 0.0008  . 0.0426  . 0.4477  . -0.2763 . -0.3883 . -0.2926 . 
11 'X-RAY DIFFRACTION' . refined -5.6574 -19.5924 -4.0659  0.0999 . 0.0152  . -0.0238 . 0.0379 . -0.0177 . 0.0917 . 0.0132 . 0.1643  . -0.2097 . 7.8272 . 1.3459  . 6.1510 . -0.0399 . -0.1434 . 0.0879  . 0.6136  . 0.2201  . -0.1081 . -0.0017 . -0.1392 . -0.1006 . 
# 
loop_
_pdbx_refine_tls_group.id 
_pdbx_refine_tls_group.pdbx_refine_id 
_pdbx_refine_tls_group.refine_tls_id 
_pdbx_refine_tls_group.beg_label_asym_id 
_pdbx_refine_tls_group.beg_label_seq_id 
_pdbx_refine_tls_group.beg_auth_asym_id 
_pdbx_refine_tls_group.beg_auth_seq_id 
_pdbx_refine_tls_group.end_label_asym_id 
_pdbx_refine_tls_group.end_label_seq_id 
_pdbx_refine_tls_group.end_auth_asym_id 
_pdbx_refine_tls_group.end_auth_seq_id 
_pdbx_refine_tls_group.selection 
_pdbx_refine_tls_group.selection_details 
1  'X-RAY DIFFRACTION' 1  . . . . . . . . . '(chain A and resid 1:10)'  
2  'X-RAY DIFFRACTION' 2  . . . . . . . . . '(chain A and resid 11:15)' 
3  'X-RAY DIFFRACTION' 3  . . . . . . . . . '(chain A and resid 16:19)' 
4  'X-RAY DIFFRACTION' 4  . . . . . . . . . '(chain A and resid 20:25)' 
5  'X-RAY DIFFRACTION' 5  . . . . . . . . . '(chain A and resid 26:30)' 
6  'X-RAY DIFFRACTION' 6  . . . . . . . . . '(chain B and resid 1:5)'   
7  'X-RAY DIFFRACTION' 7  . . . . . . . . . '(chain B and resid 6:11)'  
8  'X-RAY DIFFRACTION' 8  . . . . . . . . . '(chain B and resid 12:16)' 
9  'X-RAY DIFFRACTION' 9  . . . . . . . . . '(chain B and resid 17:20)' 
10 'X-RAY DIFFRACTION' 10 . . . . . . . . . '(chain B and resid 21:25)' 
11 'X-RAY DIFFRACTION' 11 . . . . . . . . . '(chain B and resid 26:30)' 
# 
loop_
_chem_comp_atom.comp_id 
_chem_comp_atom.atom_id 
_chem_comp_atom.type_symbol 
_chem_comp_atom.pdbx_aromatic_flag 
_chem_comp_atom.pdbx_stereo_config 
_chem_comp_atom.pdbx_ordinal 
ALA N    N N N 1   
ALA CA   C N S 2   
ALA C    C N N 3   
ALA O    O N N 4   
ALA CB   C N N 5   
ALA OXT  O N N 6   
ALA H    H N N 7   
ALA H2   H N N 8   
ALA HA   H N N 9   
ALA HB1  H N N 10  
ALA HB2  H N N 11  
ALA HB3  H N N 12  
ALA HXT  H N N 13  
ARG N    N N N 14  
ARG CA   C N S 15  
ARG C    C N N 16  
ARG O    O N N 17  
ARG CB   C N N 18  
ARG CG   C N N 19  
ARG CD   C N N 20  
ARG NE   N N N 21  
ARG CZ   C N N 22  
ARG NH1  N N N 23  
ARG NH2  N N N 24  
ARG OXT  O N N 25  
ARG H    H N N 26  
ARG H2   H N N 27  
ARG HA   H N N 28  
ARG HB2  H N N 29  
ARG HB3  H N N 30  
ARG HG2  H N N 31  
ARG HG3  H N N 32  
ARG HD2  H N N 33  
ARG HD3  H N N 34  
ARG HE   H N N 35  
ARG HH11 H N N 36  
ARG HH12 H N N 37  
ARG HH21 H N N 38  
ARG HH22 H N N 39  
ARG HXT  H N N 40  
ASN N    N N N 41  
ASN CA   C N S 42  
ASN C    C N N 43  
ASN O    O N N 44  
ASN CB   C N N 45  
ASN CG   C N N 46  
ASN OD1  O N N 47  
ASN ND2  N N N 48  
ASN OXT  O N N 49  
ASN H    H N N 50  
ASN H2   H N N 51  
ASN HA   H N N 52  
ASN HB2  H N N 53  
ASN HB3  H N N 54  
ASN HD21 H N N 55  
ASN HD22 H N N 56  
ASN HXT  H N N 57  
ASP N    N N N 58  
ASP CA   C N S 59  
ASP C    C N N 60  
ASP O    O N N 61  
ASP CB   C N N 62  
ASP CG   C N N 63  
ASP OD1  O N N 64  
ASP OD2  O N N 65  
ASP OXT  O N N 66  
ASP H    H N N 67  
ASP H2   H N N 68  
ASP HA   H N N 69  
ASP HB2  H N N 70  
ASP HB3  H N N 71  
ASP HD2  H N N 72  
ASP HXT  H N N 73  
GLN N    N N N 74  
GLN CA   C N S 75  
GLN C    C N N 76  
GLN O    O N N 77  
GLN CB   C N N 78  
GLN CG   C N N 79  
GLN CD   C N N 80  
GLN OE1  O N N 81  
GLN NE2  N N N 82  
GLN OXT  O N N 83  
GLN H    H N N 84  
GLN H2   H N N 85  
GLN HA   H N N 86  
GLN HB2  H N N 87  
GLN HB3  H N N 88  
GLN HG2  H N N 89  
GLN HG3  H N N 90  
GLN HE21 H N N 91  
GLN HE22 H N N 92  
GLN HXT  H N N 93  
GLU N    N N N 94  
GLU CA   C N S 95  
GLU C    C N N 96  
GLU O    O N N 97  
GLU CB   C N N 98  
GLU CG   C N N 99  
GLU CD   C N N 100 
GLU OE1  O N N 101 
GLU OE2  O N N 102 
GLU OXT  O N N 103 
GLU H    H N N 104 
GLU H2   H N N 105 
GLU HA   H N N 106 
GLU HB2  H N N 107 
GLU HB3  H N N 108 
GLU HG2  H N N 109 
GLU HG3  H N N 110 
GLU HE2  H N N 111 
GLU HXT  H N N 112 
GLY N    N N N 113 
GLY CA   C N N 114 
GLY C    C N N 115 
GLY O    O N N 116 
GLY OXT  O N N 117 
GLY H    H N N 118 
GLY H2   H N N 119 
GLY HA2  H N N 120 
GLY HA3  H N N 121 
GLY HXT  H N N 122 
HOH O    O N N 123 
HOH H1   H N N 124 
HOH H2   H N N 125 
LEU N    N N N 126 
LEU CA   C N S 127 
LEU C    C N N 128 
LEU O    O N N 129 
LEU CB   C N N 130 
LEU CG   C N N 131 
LEU CD1  C N N 132 
LEU CD2  C N N 133 
LEU OXT  O N N 134 
LEU H    H N N 135 
LEU H2   H N N 136 
LEU HA   H N N 137 
LEU HB2  H N N 138 
LEU HB3  H N N 139 
LEU HG   H N N 140 
LEU HD11 H N N 141 
LEU HD12 H N N 142 
LEU HD13 H N N 143 
LEU HD21 H N N 144 
LEU HD22 H N N 145 
LEU HD23 H N N 146 
LEU HXT  H N N 147 
LYS N    N N N 148 
LYS CA   C N S 149 
LYS C    C N N 150 
LYS O    O N N 151 
LYS CB   C N N 152 
LYS CG   C N N 153 
LYS CD   C N N 154 
LYS CE   C N N 155 
LYS NZ   N N N 156 
LYS OXT  O N N 157 
LYS H    H N N 158 
LYS H2   H N N 159 
LYS HA   H N N 160 
LYS HB2  H N N 161 
LYS HB3  H N N 162 
LYS HG2  H N N 163 
LYS HG3  H N N 164 
LYS HD2  H N N 165 
LYS HD3  H N N 166 
LYS HE2  H N N 167 
LYS HE3  H N N 168 
LYS HZ1  H N N 169 
LYS HZ2  H N N 170 
LYS HZ3  H N N 171 
LYS HXT  H N N 172 
MET N    N N N 173 
MET CA   C N S 174 
MET C    C N N 175 
MET O    O N N 176 
MET CB   C N N 177 
MET CG   C N N 178 
MET SD   S N N 179 
MET CE   C N N 180 
MET OXT  O N N 181 
MET H    H N N 182 
MET H2   H N N 183 
MET HA   H N N 184 
MET HB2  H N N 185 
MET HB3  H N N 186 
MET HG2  H N N 187 
MET HG3  H N N 188 
MET HE1  H N N 189 
MET HE2  H N N 190 
MET HE3  H N N 191 
MET HXT  H N N 192 
PHE N    N N N 193 
PHE CA   C N S 194 
PHE C    C N N 195 
PHE O    O N N 196 
PHE CB   C N N 197 
PHE CG   C Y N 198 
PHE CD1  C Y N 199 
PHE CD2  C Y N 200 
PHE CE1  C Y N 201 
PHE CE2  C Y N 202 
PHE CZ   C Y N 203 
PHE OXT  O N N 204 
PHE H    H N N 205 
PHE H2   H N N 206 
PHE HA   H N N 207 
PHE HB2  H N N 208 
PHE HB3  H N N 209 
PHE HD1  H N N 210 
PHE HD2  H N N 211 
PHE HE1  H N N 212 
PHE HE2  H N N 213 
PHE HZ   H N N 214 
PHE HXT  H N N 215 
SER N    N N N 216 
SER CA   C N S 217 
SER C    C N N 218 
SER O    O N N 219 
SER CB   C N N 220 
SER OG   O N N 221 
SER OXT  O N N 222 
SER H    H N N 223 
SER H2   H N N 224 
SER HA   H N N 225 
SER HB2  H N N 226 
SER HB3  H N N 227 
SER HG   H N N 228 
SER HXT  H N N 229 
TRP N    N N N 230 
TRP CA   C N S 231 
TRP C    C N N 232 
TRP O    O N N 233 
TRP CB   C N N 234 
TRP CG   C Y N 235 
TRP CD1  C Y N 236 
TRP CD2  C Y N 237 
TRP NE1  N Y N 238 
TRP CE2  C Y N 239 
TRP CE3  C Y N 240 
TRP CZ2  C Y N 241 
TRP CZ3  C Y N 242 
TRP CH2  C Y N 243 
TRP OXT  O N N 244 
TRP H    H N N 245 
TRP H2   H N N 246 
TRP HA   H N N 247 
TRP HB2  H N N 248 
TRP HB3  H N N 249 
TRP HD1  H N N 250 
TRP HE1  H N N 251 
TRP HE3  H N N 252 
TRP HZ2  H N N 253 
TRP HZ3  H N N 254 
TRP HH2  H N N 255 
TRP HXT  H N N 256 
TYR N    N N N 257 
TYR CA   C N S 258 
TYR C    C N N 259 
TYR O    O N N 260 
TYR CB   C N N 261 
TYR CG   C Y N 262 
TYR CD1  C Y N 263 
TYR CD2  C Y N 264 
TYR CE1  C Y N 265 
TYR CE2  C Y N 266 
TYR CZ   C Y N 267 
TYR OH   O N N 268 
TYR OXT  O N N 269 
TYR H    H N N 270 
TYR H2   H N N 271 
TYR HA   H N N 272 
TYR HB2  H N N 273 
TYR HB3  H N N 274 
TYR HD1  H N N 275 
TYR HD2  H N N 276 
TYR HE1  H N N 277 
TYR HE2  H N N 278 
TYR HH   H N N 279 
TYR HXT  H N N 280 
VAL N    N N N 281 
VAL CA   C N S 282 
VAL C    C N N 283 
VAL O    O N N 284 
VAL CB   C N N 285 
VAL CG1  C N N 286 
VAL CG2  C N N 287 
VAL OXT  O N N 288 
VAL H    H N N 289 
VAL H2   H N N 290 
VAL HA   H N N 291 
VAL HB   H N N 292 
VAL HG11 H N N 293 
VAL HG12 H N N 294 
VAL HG13 H N N 295 
VAL HG21 H N N 296 
VAL HG22 H N N 297 
VAL HG23 H N N 298 
VAL HXT  H N N 299 
# 
loop_
_chem_comp_bond.comp_id 
_chem_comp_bond.atom_id_1 
_chem_comp_bond.atom_id_2 
_chem_comp_bond.value_order 
_chem_comp_bond.pdbx_aromatic_flag 
_chem_comp_bond.pdbx_stereo_config 
_chem_comp_bond.pdbx_ordinal 
ALA N   CA   sing N N 1   
ALA N   H    sing N N 2   
ALA N   H2   sing N N 3   
ALA CA  C    sing N N 4   
ALA CA  CB   sing N N 5   
ALA CA  HA   sing N N 6   
ALA C   O    doub N N 7   
ALA C   OXT  sing N N 8   
ALA CB  HB1  sing N N 9   
ALA CB  HB2  sing N N 10  
ALA CB  HB3  sing N N 11  
ALA OXT HXT  sing N N 12  
ARG N   CA   sing N N 13  
ARG N   H    sing N N 14  
ARG N   H2   sing N N 15  
ARG CA  C    sing N N 16  
ARG CA  CB   sing N N 17  
ARG CA  HA   sing N N 18  
ARG C   O    doub N N 19  
ARG C   OXT  sing N N 20  
ARG CB  CG   sing N N 21  
ARG CB  HB2  sing N N 22  
ARG CB  HB3  sing N N 23  
ARG CG  CD   sing N N 24  
ARG CG  HG2  sing N N 25  
ARG CG  HG3  sing N N 26  
ARG CD  NE   sing N N 27  
ARG CD  HD2  sing N N 28  
ARG CD  HD3  sing N N 29  
ARG NE  CZ   sing N N 30  
ARG NE  HE   sing N N 31  
ARG CZ  NH1  sing N N 32  
ARG CZ  NH2  doub N N 33  
ARG NH1 HH11 sing N N 34  
ARG NH1 HH12 sing N N 35  
ARG NH2 HH21 sing N N 36  
ARG NH2 HH22 sing N N 37  
ARG OXT HXT  sing N N 38  
ASN N   CA   sing N N 39  
ASN N   H    sing N N 40  
ASN N   H2   sing N N 41  
ASN CA  C    sing N N 42  
ASN CA  CB   sing N N 43  
ASN CA  HA   sing N N 44  
ASN C   O    doub N N 45  
ASN C   OXT  sing N N 46  
ASN CB  CG   sing N N 47  
ASN CB  HB2  sing N N 48  
ASN CB  HB3  sing N N 49  
ASN CG  OD1  doub N N 50  
ASN CG  ND2  sing N N 51  
ASN ND2 HD21 sing N N 52  
ASN ND2 HD22 sing N N 53  
ASN OXT HXT  sing N N 54  
ASP N   CA   sing N N 55  
ASP N   H    sing N N 56  
ASP N   H2   sing N N 57  
ASP CA  C    sing N N 58  
ASP CA  CB   sing N N 59  
ASP CA  HA   sing N N 60  
ASP C   O    doub N N 61  
ASP C   OXT  sing N N 62  
ASP CB  CG   sing N N 63  
ASP CB  HB2  sing N N 64  
ASP CB  HB3  sing N N 65  
ASP CG  OD1  doub N N 66  
ASP CG  OD2  sing N N 67  
ASP OD2 HD2  sing N N 68  
ASP OXT HXT  sing N N 69  
GLN N   CA   sing N N 70  
GLN N   H    sing N N 71  
GLN N   H2   sing N N 72  
GLN CA  C    sing N N 73  
GLN CA  CB   sing N N 74  
GLN CA  HA   sing N N 75  
GLN C   O    doub N N 76  
GLN C   OXT  sing N N 77  
GLN CB  CG   sing N N 78  
GLN CB  HB2  sing N N 79  
GLN CB  HB3  sing N N 80  
GLN CG  CD   sing N N 81  
GLN CG  HG2  sing N N 82  
GLN CG  HG3  sing N N 83  
GLN CD  OE1  doub N N 84  
GLN CD  NE2  sing N N 85  
GLN NE2 HE21 sing N N 86  
GLN NE2 HE22 sing N N 87  
GLN OXT HXT  sing N N 88  
GLU N   CA   sing N N 89  
GLU N   H    sing N N 90  
GLU N   H2   sing N N 91  
GLU CA  C    sing N N 92  
GLU CA  CB   sing N N 93  
GLU CA  HA   sing N N 94  
GLU C   O    doub N N 95  
GLU C   OXT  sing N N 96  
GLU CB  CG   sing N N 97  
GLU CB  HB2  sing N N 98  
GLU CB  HB3  sing N N 99  
GLU CG  CD   sing N N 100 
GLU CG  HG2  sing N N 101 
GLU CG  HG3  sing N N 102 
GLU CD  OE1  doub N N 103 
GLU CD  OE2  sing N N 104 
GLU OE2 HE2  sing N N 105 
GLU OXT HXT  sing N N 106 
GLY N   CA   sing N N 107 
GLY N   H    sing N N 108 
GLY N   H2   sing N N 109 
GLY CA  C    sing N N 110 
GLY CA  HA2  sing N N 111 
GLY CA  HA3  sing N N 112 
GLY C   O    doub N N 113 
GLY C   OXT  sing N N 114 
GLY OXT HXT  sing N N 115 
HOH O   H1   sing N N 116 
HOH O   H2   sing N N 117 
LEU N   CA   sing N N 118 
LEU N   H    sing N N 119 
LEU N   H2   sing N N 120 
LEU CA  C    sing N N 121 
LEU CA  CB   sing N N 122 
LEU CA  HA   sing N N 123 
LEU C   O    doub N N 124 
LEU C   OXT  sing N N 125 
LEU CB  CG   sing N N 126 
LEU CB  HB2  sing N N 127 
LEU CB  HB3  sing N N 128 
LEU CG  CD1  sing N N 129 
LEU CG  CD2  sing N N 130 
LEU CG  HG   sing N N 131 
LEU CD1 HD11 sing N N 132 
LEU CD1 HD12 sing N N 133 
LEU CD1 HD13 sing N N 134 
LEU CD2 HD21 sing N N 135 
LEU CD2 HD22 sing N N 136 
LEU CD2 HD23 sing N N 137 
LEU OXT HXT  sing N N 138 
LYS N   CA   sing N N 139 
LYS N   H    sing N N 140 
LYS N   H2   sing N N 141 
LYS CA  C    sing N N 142 
LYS CA  CB   sing N N 143 
LYS CA  HA   sing N N 144 
LYS C   O    doub N N 145 
LYS C   OXT  sing N N 146 
LYS CB  CG   sing N N 147 
LYS CB  HB2  sing N N 148 
LYS CB  HB3  sing N N 149 
LYS CG  CD   sing N N 150 
LYS CG  HG2  sing N N 151 
LYS CG  HG3  sing N N 152 
LYS CD  CE   sing N N 153 
LYS CD  HD2  sing N N 154 
LYS CD  HD3  sing N N 155 
LYS CE  NZ   sing N N 156 
LYS CE  HE2  sing N N 157 
LYS CE  HE3  sing N N 158 
LYS NZ  HZ1  sing N N 159 
LYS NZ  HZ2  sing N N 160 
LYS NZ  HZ3  sing N N 161 
LYS OXT HXT  sing N N 162 
MET N   CA   sing N N 163 
MET N   H    sing N N 164 
MET N   H2   sing N N 165 
MET CA  C    sing N N 166 
MET CA  CB   sing N N 167 
MET CA  HA   sing N N 168 
MET C   O    doub N N 169 
MET C   OXT  sing N N 170 
MET CB  CG   sing N N 171 
MET CB  HB2  sing N N 172 
MET CB  HB3  sing N N 173 
MET CG  SD   sing N N 174 
MET CG  HG2  sing N N 175 
MET CG  HG3  sing N N 176 
MET SD  CE   sing N N 177 
MET CE  HE1  sing N N 178 
MET CE  HE2  sing N N 179 
MET CE  HE3  sing N N 180 
MET OXT HXT  sing N N 181 
PHE N   CA   sing N N 182 
PHE N   H    sing N N 183 
PHE N   H2   sing N N 184 
PHE CA  C    sing N N 185 
PHE CA  CB   sing N N 186 
PHE CA  HA   sing N N 187 
PHE C   O    doub N N 188 
PHE C   OXT  sing N N 189 
PHE CB  CG   sing N N 190 
PHE CB  HB2  sing N N 191 
PHE CB  HB3  sing N N 192 
PHE CG  CD1  doub Y N 193 
PHE CG  CD2  sing Y N 194 
PHE CD1 CE1  sing Y N 195 
PHE CD1 HD1  sing N N 196 
PHE CD2 CE2  doub Y N 197 
PHE CD2 HD2  sing N N 198 
PHE CE1 CZ   doub Y N 199 
PHE CE1 HE1  sing N N 200 
PHE CE2 CZ   sing Y N 201 
PHE CE2 HE2  sing N N 202 
PHE CZ  HZ   sing N N 203 
PHE OXT HXT  sing N N 204 
SER N   CA   sing N N 205 
SER N   H    sing N N 206 
SER N   H2   sing N N 207 
SER CA  C    sing N N 208 
SER CA  CB   sing N N 209 
SER CA  HA   sing N N 210 
SER C   O    doub N N 211 
SER C   OXT  sing N N 212 
SER CB  OG   sing N N 213 
SER CB  HB2  sing N N 214 
SER CB  HB3  sing N N 215 
SER OG  HG   sing N N 216 
SER OXT HXT  sing N N 217 
TRP N   CA   sing N N 218 
TRP N   H    sing N N 219 
TRP N   H2   sing N N 220 
TRP CA  C    sing N N 221 
TRP CA  CB   sing N N 222 
TRP CA  HA   sing N N 223 
TRP C   O    doub N N 224 
TRP C   OXT  sing N N 225 
TRP CB  CG   sing N N 226 
TRP CB  HB2  sing N N 227 
TRP CB  HB3  sing N N 228 
TRP CG  CD1  doub Y N 229 
TRP CG  CD2  sing Y N 230 
TRP CD1 NE1  sing Y N 231 
TRP CD1 HD1  sing N N 232 
TRP CD2 CE2  doub Y N 233 
TRP CD2 CE3  sing Y N 234 
TRP NE1 CE2  sing Y N 235 
TRP NE1 HE1  sing N N 236 
TRP CE2 CZ2  sing Y N 237 
TRP CE3 CZ3  doub Y N 238 
TRP CE3 HE3  sing N N 239 
TRP CZ2 CH2  doub Y N 240 
TRP CZ2 HZ2  sing N N 241 
TRP CZ3 CH2  sing Y N 242 
TRP CZ3 HZ3  sing N N 243 
TRP CH2 HH2  sing N N 244 
TRP OXT HXT  sing N N 245 
TYR N   CA   sing N N 246 
TYR N   H    sing N N 247 
TYR N   H2   sing N N 248 
TYR CA  C    sing N N 249 
TYR CA  CB   sing N N 250 
TYR CA  HA   sing N N 251 
TYR C   O    doub N N 252 
TYR C   OXT  sing N N 253 
TYR CB  CG   sing N N 254 
TYR CB  HB2  sing N N 255 
TYR CB  HB3  sing N N 256 
TYR CG  CD1  doub Y N 257 
TYR CG  CD2  sing Y N 258 
TYR CD1 CE1  sing Y N 259 
TYR CD1 HD1  sing N N 260 
TYR CD2 CE2  doub Y N 261 
TYR CD2 HD2  sing N N 262 
TYR CE1 CZ   doub Y N 263 
TYR CE1 HE1  sing N N 264 
TYR CE2 CZ   sing Y N 265 
TYR CE2 HE2  sing N N 266 
TYR CZ  OH   sing N N 267 
TYR OH  HH   sing N N 268 
TYR OXT HXT  sing N N 269 
VAL N   CA   sing N N 270 
VAL N   H    sing N N 271 
VAL N   H2   sing N N 272 
VAL CA  C    sing N N 273 
VAL CA  CB   sing N N 274 
VAL CA  HA   sing N N 275 
VAL C   O    doub N N 276 
VAL C   OXT  sing N N 277 
VAL CB  CG1  sing N N 278 
VAL CB  CG2  sing N N 279 
VAL CB  HB   sing N N 280 
VAL CG1 HG11 sing N N 281 
VAL CG1 HG12 sing N N 282 
VAL CG1 HG13 sing N N 283 
VAL CG2 HG21 sing N N 284 
VAL CG2 HG22 sing N N 285 
VAL CG2 HG23 sing N N 286 
VAL OXT HXT  sing N N 287 
# 
_atom_sites.entry_id                    4OWI 
_atom_sites.fract_transf_matrix[1][1]   0.02783876 
_atom_sites.fract_transf_matrix[1][2]   0.01120238 
_atom_sites.fract_transf_matrix[1][3]   0.01408880 
_atom_sites.fract_transf_matrix[2][1]   -0.01084152 
_atom_sites.fract_transf_matrix[2][2]   -0.01112840 
_atom_sites.fract_transf_matrix[2][3]   0.03027079 
_atom_sites.fract_transf_matrix[3][1]   0.01716745 
_atom_sites.fract_transf_matrix[3][2]   -0.02549051 
_atom_sites.fract_transf_matrix[3][3]   -0.00322249 
_atom_sites.fract_transf_vector[1]      0.050345 
_atom_sites.fract_transf_vector[2]      0.028926 
_atom_sites.fract_transf_vector[3]      -0.029826 
# 
loop_
_atom_type.symbol 
C 
H 
N 
O 
S 
# 
loop_
_atom_site.group_PDB 
_atom_site.id 
_atom_site.type_symbol 
_atom_site.label_atom_id 
_atom_site.label_alt_id 
_atom_site.label_comp_id 
_atom_site.label_asym_id 
_atom_site.label_entity_id 
_atom_site.label_seq_id 
_atom_site.pdbx_PDB_ins_code 
_atom_site.Cartn_x 
_atom_site.Cartn_y 
_atom_site.Cartn_z 
_atom_site.occupancy 
_atom_site.B_iso_or_equiv 
_atom_site.pdbx_formal_charge 
_atom_site.auth_seq_id 
_atom_site.auth_comp_id 
_atom_site.auth_asym_id 
_atom_site.auth_atom_id 
_atom_site.pdbx_PDB_model_num 
ATOM   1    N N    . GLY A 1 1  ? 13.827  19.143  11.663  1.00 16.85 ? -2  GLY A N    1 
ATOM   2    C CA   . GLY A 1 1  ? 12.757  18.917  10.718  1.00 9.06  ? -2  GLY A CA   1 
ATOM   3    C C    . GLY A 1 1  ? 11.406  18.805  11.380  1.00 6.96  ? -2  GLY A C    1 
ATOM   4    O O    . GLY A 1 1  ? 11.229  19.035  12.541  1.00 8.29  ? -2  GLY A O    1 
ATOM   5    N N    . SER A 1 2  ? 10.426  18.414  10.586  1.00 6.28  ? -1  SER A N    1 
ATOM   6    C CA   . SER A 1 2  ? 9.063   18.197  11.044  1.00 4.20  ? -1  SER A CA   1 
ATOM   7    C C    . SER A 1 2  ? 8.858   16.713  11.309  1.00 3.70  ? -1  SER A C    1 
ATOM   8    O O    . SER A 1 2  ? 8.881   15.895  10.373  1.00 4.13  ? -1  SER A O    1 
ATOM   9    C CB   . SER A 1 2  ? 8.061   18.666  9.984   1.00 4.70  ? -1  SER A CB   1 
ATOM   10   O OG   . SER A 1 2  ? 6.747   18.207  10.233  1.00 4.37  ? -1  SER A OG   1 
ATOM   11   N N    . MET A 1 3  ? 8.609   16.361  12.565  1.00 4.20  ? 0   MET A N    1 
ATOM   12   C CA   . MET A 1 3  ? 8.262   14.998  12.908  1.00 4.12  ? 0   MET A CA   1 
ATOM   13   C C    . MET A 1 3  ? 6.981   14.549  12.216  1.00 4.62  ? 0   MET A C    1 
ATOM   14   O O    . MET A 1 3  ? 6.895   13.411  11.774  1.00 4.36  ? 0   MET A O    1 
ATOM   15   C CB   . MET A 1 3  ? 8.127   14.836  14.412  1.00 4.69  ? 0   MET A CB   1 
ATOM   16   C CG   . MET A 1 3  ? 9.449   14.769  15.160  1.00 5.02  ? 0   MET A CG   1 
ATOM   17   S SD   . MET A 1 3  ? 10.377  13.256  14.891  1.00 5.67  ? 0   MET A SD   1 
ATOM   18   C CE   . MET A 1 3  ? 9.443   12.092  15.878  1.00 11.95 ? 0   MET A CE   1 
ATOM   19   N N    . ARG A 1 4  ? 5.978   15.422  12.131  1.00 5.41  ? 1   ARG A N    1 
ATOM   20   C CA   . ARG A 1 4  ? 4.703   14.971  11.523  1.00 5.28  ? 1   ARG A CA   1 
ATOM   21   C C    . ARG A 1 4  ? 4.927   14.697  10.037  1.00 4.65  ? 1   ARG A C    1 
ATOM   22   O O    . ARG A 1 4  ? 4.451   13.691  9.519   1.00 4.35  ? 1   ARG A O    1 
ATOM   23   C CB   . ARG A 1 4  ? 3.628   16.025  11.708  1.00 6.14  ? 1   ARG A CB   1 
ATOM   24   C CG   . ARG A 1 4  ? 2.235   15.604  11.232  1.00 6.67  ? 1   ARG A CG   1 
ATOM   25   C CD   . ARG A 1 4  ? 1.506   14.730  12.258  1.00 8.24  ? 1   ARG A CD   1 
ATOM   26   N NE   . ARG A 1 4  ? 2.036   13.380  12.422  1.00 9.05  ? 1   ARG A NE   1 
ATOM   27   C CZ   . ARG A 1 4  ? 1.537   12.283  11.845  1.00 9.79  ? 1   ARG A CZ   1 
ATOM   28   N NH1  . ARG A 1 4  ? 0.472   12.314  11.018  1.00 7.89  ? 1   ARG A NH1  1 
ATOM   29   N NH2  . ARG A 1 4  ? 2.133   11.121  12.098  1.00 10.36 ? 1   ARG A NH2  1 
ATOM   30   H H    . ARG A 1 4  ? 6.033   15.102  13.035  1.00 6.46  ? 1   ARG A H    1 
ATOM   31   H HA   . ARG A 1 4  ? 4.406   14.142  11.954  1.00 6.30  ? 1   ARG A HA   1 
ATOM   32   H HB2  . ARG A 1 4  ? 3.564   16.240  12.651  1.00 7.33  ? 1   ARG A HB2  1 
ATOM   33   H HB3  . ARG A 1 4  ? 3.882   16.817  11.209  1.00 7.33  ? 1   ARG A HB3  1 
ATOM   34   H HG2  . ARG A 1 4  ? 1.699   16.399  11.079  1.00 7.97  ? 1   ARG A HG2  1 
ATOM   35   H HG3  . ARG A 1 4  ? 2.320   15.096  10.410  1.00 7.97  ? 1   ARG A HG3  1 
ATOM   36   H HD2  . ARG A 1 4  ? 1.552   15.168  13.122  1.00 9.85  ? 1   ARG A HD2  1 
ATOM   37   H HD3  . ARG A 1 4  ? 0.579   14.647  11.986  1.00 9.85  ? 1   ARG A HD3  1 
ATOM   38   H HE   . ARG A 1 4  ? 2.723   13.283  12.931  1.00 10.82 ? 1   ARG A HE   1 
ATOM   39   H HH11 . ARG A 1 4  ? 0.079   13.060  10.849  1.00 9.43  ? 1   ARG A HH11 1 
ATOM   40   H HH12 . ARG A 1 4  ? 0.181   11.586  10.664  1.00 9.43  ? 1   ARG A HH12 1 
ATOM   41   H HH21 . ARG A 1 4  ? 2.815   11.093  12.621  1.00 12.40 ? 1   ARG A HH21 1 
ATOM   42   H HH22 . ARG A 1 4  ? 1.837   10.399  11.738  1.00 12.40 ? 1   ARG A HH22 1 
ATOM   43   N N    . MET A 1 5  ? 5.632   15.590  9.343   1.00 4.78  ? 2   MET A N    1 
ATOM   44   C CA   . MET A 1 5  ? 5.840   15.402  7.912   1.00 4.77  ? 2   MET A CA   1 
ATOM   45   C C    . MET A 1 5  ? 6.665   14.140  7.662   1.00 4.32  ? 2   MET A C    1 
ATOM   46   O O    . MET A 1 5  ? 6.382   13.384  6.714   1.00 4.74  ? 2   MET A O    1 
ATOM   47   C CB   . MET A 1 5  ? 6.568   16.578  7.281   1.00 5.64  ? 2   MET A CB   1 
ATOM   48   C CG   . MET A 1 5  ? 6.446   16.675  5.752   1.00 11.67 ? 2   MET A CG   1 
ATOM   49   S SD   . MET A 1 5  ? 4.861   17.333  5.153   1.00 11.83 ? 2   MET A SD   1 
ATOM   50   C CE   . MET A 1 5  ? 5.083   19.078  5.542   1.00 13.12 ? 2   MET A CE   1 
ATOM   51   H H    . MET A 1 5  ? 5.993   16.298  9.671   1.00 5.70  ? 2   MET A H    1 
ATOM   52   H HA   . MET A 1 5  ? 4.970   15.309  7.471   1.00 5.68  ? 2   MET A HA   1 
ATOM   53   H HB2  . MET A 1 5  ? 6.209   17.398  7.654   1.00 6.73  ? 2   MET A HB2  1 
ATOM   54   H HB3  . MET A 1 5  ? 7.510   16.508  7.495   1.00 6.73  ? 2   MET A HB3  1 
ATOM   55   H HG2  . MET A 1 5  ? 7.149   17.256  5.422   1.00 13.97 ? 2   MET A HG2  1 
ATOM   56   H HG3  . MET A 1 5  ? 6.556   15.787  5.377   1.00 13.97 ? 2   MET A HG3  1 
ATOM   57   H HE1  . MET A 1 5  ? 5.849   19.408  5.069   1.00 15.71 ? 2   MET A HE1  1 
ATOM   58   H HE2  . MET A 1 5  ? 4.298   19.561  5.272   1.00 15.71 ? 2   MET A HE2  1 
ATOM   59   H HE3  . MET A 1 5  ? 5.216   19.173  6.488   1.00 15.71 ? 2   MET A HE3  1 
ATOM   60   N N    . LYS A 1 6  ? 7.697   13.919  8.466   1.00 4.44  ? 3   LYS A N    1 
ATOM   61   C CA   . LYS A 1 6  ? 8.553   12.762  8.260   1.00 4.53  ? 3   LYS A CA   1 
ATOM   62   C C    . LYS A 1 6  ? 7.829   11.469  8.580   1.00 4.02  ? 3   LYS A C    1 
ATOM   63   O O    . LYS A 1 6  ? 7.998   10.467  7.874   1.00 4.36  ? 3   LYS A O    1 
ATOM   64   C CB   . LYS A 1 6  ? 9.836   12.898  9.076   1.00 5.38  ? 3   LYS A CB   1 
ATOM   65   C CG   . LYS A 1 6  ? 10.829  11.767  8.932   1.00 6.87  ? 3   LYS A CG   1 
ATOM   66   C CD   . LYS A 1 6  ? 11.361  11.591  7.532   1.00 10.27 ? 3   LYS A CD   1 
ATOM   67   C CE   . LYS A 1 6  ? 12.493  10.575  7.548   1.00 12.43 ? 3   LYS A CE   1 
ATOM   68   N NZ   . LYS A 1 6  ? 12.889  10.185  6.165   1.00 19.61 ? 3   LYS A NZ   1 
ATOM   69   H H    . LYS A 1 6  ? 7.921   14.418  9.129   1.00 5.29  ? 3   LYS A H    1 
ATOM   70   H HA   . LYS A 1 6  ? 8.808   12.728  7.314   1.00 5.40  ? 3   LYS A HA   1 
ATOM   71   H HB2  . LYS A 1 6  ? 10.284  13.715  8.805   1.00 6.41  ? 3   LYS A HB2  1 
ATOM   72   H HB3  . LYS A 1 6  ? 9.596   12.958  10.014  1.00 6.41  ? 3   LYS A HB3  1 
ATOM   73   H HG2  . LYS A 1 6  ? 11.585  11.939  9.516   1.00 8.20  ? 3   LYS A HG2  1 
ATOM   74   H HG3  . LYS A 1 6  ? 10.398  10.938  9.192   1.00 8.20  ? 3   LYS A HG3  1 
ATOM   75   H HD2  . LYS A 1 6  ? 10.656  11.261  6.954   1.00 12.28 ? 3   LYS A HD2  1 
ATOM   76   H HD3  . LYS A 1 6  ? 11.707  12.436  7.204   1.00 12.28 ? 3   LYS A HD3  1 
ATOM   77   H HE2  . LYS A 1 6  ? 13.265  10.963  7.989   1.00 14.88 ? 3   LYS A HE2  1 
ATOM   78   H HE3  . LYS A 1 6  ? 12.202  9.778   8.018   1.00 14.88 ? 3   LYS A HE3  1 
ATOM   79   H HZ1  . LYS A 1 6  ? 13.164  10.901  5.714   1.00 23.50 ? 3   LYS A HZ1  1 
ATOM   80   H HZ2  . LYS A 1 6  ? 13.553  9.591   6.196   1.00 23.50 ? 3   LYS A HZ2  1 
ATOM   81   H HZ3  . LYS A 1 6  ? 12.196  9.823   5.741   1.00 23.50 ? 3   LYS A HZ3  1 
ATOM   82   N N    . GLN A 1 7  ? 7.020   11.460  9.632   1.00 3.98  ? 4   GLN A N    1 
ATOM   83   C CA   . GLN A 1 7  ? 6.205   10.282  9.940   1.00 4.36  ? 4   GLN A CA   1 
ATOM   84   C C    . GLN A 1 7  ? 5.241   9.954   8.787   1.00 4.12  ? 4   GLN A C    1 
ATOM   85   O O    . GLN A 1 7  ? 5.063   8.773   8.432   1.00 4.63  ? 4   GLN A O    1 
ATOM   86   C CB   . GLN A 1 7  ? 5.449   10.456  11.258  1.00 4.70  ? 4   GLN A CB   1 
ATOM   87   C CG   . GLN A 1 7  ? 6.337   10.370  12.471  1.00 5.57  ? 4   GLN A CG   1 
ATOM   88   C CD   . GLN A 1 7  ? 5.614   10.635  13.770  1.00 7.34  ? 4   GLN A CD   1 
ATOM   89   O OE1  . GLN A 1 7  ? 4.500   11.174  13.801  1.00 10.14 ? 4   GLN A OE1  1 
ATOM   90   N NE2  . GLN A 1 7  ? 6.262   10.273  14.876  1.00 8.76  ? 4   GLN A NE2  1 
ATOM   91   H H    . GLN A 1 7  ? 6.921   12.114  10.181  1.00 4.74  ? 4   GLN A H    1 
ATOM   92   H HA   . GLN A 1 7  ? 6.804   9.512   10.048  1.00 5.20  ? 4   GLN A HA   1 
ATOM   93   H HB2  . GLN A 1 7  ? 5.023   11.327  11.263  1.00 5.60  ? 4   GLN A HB2  1 
ATOM   94   H HB3  . GLN A 1 7  ? 4.779   9.759   11.331  1.00 5.60  ? 4   GLN A HB3  1 
ATOM   95   H HG2  . GLN A 1 7  ? 6.716   9.479   12.519  1.00 6.65  ? 4   GLN A HG2  1 
ATOM   96   H HG3  . GLN A 1 7  ? 7.045   11.027  12.387  1.00 6.65  ? 4   GLN A HG3  1 
ATOM   97   H HE21 . GLN A 1 7  ? 5.901   10.398  15.646  1.00 10.47 ? 4   GLN A HE21 1 
ATOM   98   H HE22 . GLN A 1 7  ? 7.042   9.913   14.818  1.00 10.47 ? 4   GLN A HE22 1 
ATOM   99   N N    . LEU A 1 8  ? 4.614   10.976  8.205   1.00 3.55  ? 5   LEU A N    1 
ATOM   100  C CA   . LEU A 1 8  ? 3.759   10.784  7.038   1.00 3.74  ? 5   LEU A CA   1 
ATOM   101  C C    . LEU A 1 8  ? 4.557   10.243  5.857   1.00 3.89  ? 5   LEU A C    1 
ATOM   102  O O    . LEU A 1 8  ? 4.122   9.299   5.197   1.00 4.12  ? 5   LEU A O    1 
ATOM   103  C CB   . LEU A 1 8  ? 3.059   12.094  6.669   1.00 4.33  ? 5   LEU A CB   1 
ATOM   104  C CG   . LEU A 1 8  ? 1.908   12.480  7.600   1.00 5.37  ? 5   LEU A CG   1 
ATOM   105  C CD1  . LEU A 1 8  ? 1.538   13.946  7.387   1.00 5.71  ? 5   LEU A CD1  1 
ATOM   106  C CD2  . LEU A 1 8  ? 0.701   11.591  7.378   1.00 6.57  ? 5   LEU A CD2  1 
ATOM   107  H H    . LEU A 1 8  ? 4.669   11.793  8.469   1.00 4.22  ? 5   LEU A H    1 
ATOM   108  H HA   . LEU A 1 8  ? 3.067   10.126  7.259   1.00 4.44  ? 5   LEU A HA   1 
ATOM   109  H HB2  . LEU A 1 8  ? 3.710   12.812  6.693   1.00 5.16  ? 5   LEU A HB2  1 
ATOM   110  H HB3  . LEU A 1 8  ? 2.697   12.011  5.772   1.00 5.16  ? 5   LEU A HB3  1 
ATOM   111  H HG   . LEU A 1 8  ? 2.194   12.373  8.521   1.00 6.41  ? 5   LEU A HG   1 
ATOM   112  H HD11 . LEU A 1 8  ? 0.816   14.174  7.977   1.00 6.81  ? 5   LEU A HD11 1 
ATOM   113  H HD12 . LEU A 1 8  ? 2.304   14.492  7.579   1.00 6.81  ? 5   LEU A HD12 1 
ATOM   114  H HD13 . LEU A 1 8  ? 1.268   14.070  6.474   1.00 6.81  ? 5   LEU A HD13 1 
ATOM   115  H HD21 . LEU A 1 8  ? 0.001   11.861  7.978   1.00 7.84  ? 5   LEU A HD21 1 
ATOM   116  H HD22 . LEU A 1 8  ? 0.408   11.685  6.469   1.00 7.84  ? 5   LEU A HD22 1 
ATOM   117  H HD23 . LEU A 1 8  ? 0.948   10.680  7.552   1.00 7.84  ? 5   LEU A HD23 1 
ATOM   118  N N    . GLU A 1 9  ? 5.682   10.858  5.556   1.00 3.81  ? 6   GLU A N    1 
ATOM   119  C CA   . GLU A 1 9  ? 6.518   10.387  4.464   1.00 4.76  ? 6   GLU A CA   1 
ATOM   120  C C    . GLU A 1 9  ? 6.934   8.935   4.646   1.00 4.46  ? 6   GLU A C    1 
ATOM   121  O O    . GLU A 1 9  ? 6.935   8.149   3.693   1.00 4.41  ? 6   GLU A O    1 
ATOM   122  C CB   . GLU A 1 9  ? 7.769   11.250  4.350   1.00 6.17  ? 6   GLU A CB   1 
ATOM   123  C CG   . GLU A 1 9  ? 8.660   10.838  3.189   1.00 12.68 ? 6   GLU A CG   1 
ATOM   124  C CD   . GLU A 1 9  ? 9.711   11.860  2.853   1.00 21.38 ? 6   GLU A CD   1 
ATOM   125  O OE1  . GLU A 1 9  ? 10.166  12.580  3.773   1.00 13.64 ? 6   GLU A OE1  1 
ATOM   126  O OE2  . GLU A 1 9  ? 10.094  11.927  1.664   1.00 26.29 ? 6   GLU A OE2  1 
ATOM   127  H H    . GLU A 1 9  ? 5.987   11.550  5.964   1.00 4.54  ? 6   GLU A H    1 
ATOM   128  H HA   . GLU A 1 9  ? 6.021   10.459  3.623   1.00 5.68  ? 6   GLU A HA   1 
ATOM   129  H HB2  . GLU A 1 9  ? 7.506   12.174  4.213   1.00 7.36  ? 6   GLU A HB2  1 
ATOM   130  H HB3  . GLU A 1 9  ? 8.286   11.169  5.167   1.00 7.36  ? 6   GLU A HB3  1 
ATOM   131  H HG2  . GLU A 1 9  ? 9.110   10.010  3.417   1.00 15.18 ? 6   GLU A HG2  1 
ATOM   132  H HG3  . GLU A 1 9  ? 8.108   10.707  2.401   1.00 15.18 ? 6   GLU A HG3  1 
ATOM   133  N N    . ASP A 1 10 ? 7.293   8.588   5.870   1.00 4.10  ? 7   ASP A N    1 
ATOM   134  C CA   . ASP A 1 10 ? 7.738   7.240   6.222   1.00 6.50  ? 7   ASP A CA   1 
ATOM   135  C C    . ASP A 1 10 ? 6.622   6.234   5.996   1.00 4.45  ? 7   ASP A C    1 
ATOM   136  O O    . ASP A 1 10 ? 6.849   5.163   5.422   1.00 5.03  ? 7   ASP A O    1 
ATOM   137  C CB   . ASP A 1 10 ? 8.152   7.267   7.699   1.00 7.18  ? 7   ASP A CB   1 
ATOM   138  C CG   . ASP A 1 10 ? 8.705   5.963   8.184   1.00 12.56 ? 7   ASP A CG   1 
ATOM   139  O OD1  . ASP A 1 10 ? 9.661   5.472   7.566   1.00 13.44 ? 7   ASP A OD1  1 
ATOM   140  O OD2  . ASP A 1 10 ? 8.206   5.453   9.207   1.00 13.87 ? 7   ASP A OD2  1 
ATOM   141  H H    . ASP A 1 10 ? 7.289   9.130   6.538   1.00 4.88  ? 7   ASP A H    1 
ATOM   142  H HA   . ASP A 1 10 ? 8.512   6.987   5.677   1.00 7.76  ? 7   ASP A HA   1 
ATOM   143  H HB2  . ASP A 1 10 ? 8.835   7.945   7.822   1.00 8.58  ? 7   ASP A HB2  1 
ATOM   144  H HB3  . ASP A 1 10 ? 7.375   7.481   8.239   1.00 8.58  ? 7   ASP A HB3  1 
ATOM   145  N N    . LYS A 1 11 ? 5.418   6.576   6.440   1.00 4.26  ? 8   LYS A N    1 
ATOM   146  C CA   . LYS A 1 11 ? 4.257   5.702   6.284   1.00 5.02  ? 8   LYS A CA   1 
ATOM   147  C C    . LYS A 1 11 ? 3.914   5.529   4.792   1.00 3.70  ? 8   LYS A C    1 
ATOM   148  O O    . LYS A 1 11 ? 3.637   4.412   4.340   1.00 4.26  ? 8   LYS A O    1 
ATOM   149  C CB   . LYS A 1 11 ? 3.060   6.257   7.076   1.00 4.92  ? 8   LYS A CB   1 
ATOM   150  C CG   . LYS A 1 11 ? 1.847   5.343   7.068   1.00 5.32  ? 8   LYS A CG   1 
ATOM   151  C CD   . LYS A 1 11 ? 2.105   3.995   7.722   1.00 7.31  ? 8   LYS A CD   1 
ATOM   152  C CE   . LYS A 1 11 ? 0.840   3.197   7.932   1.00 7.38  ? 8   LYS A CE   1 
ATOM   153  N NZ   . LYS A 1 11 ? 1.093   1.920   8.636   1.00 10.39 ? 8   LYS A NZ   1 
ATOM   154  H H    . LYS A 1 11 ? 5.244   7.317   6.841   1.00 5.07  ? 8   LYS A H    1 
ATOM   155  H HA   . LYS A 1 11 ? 4.474   4.819   6.648   1.00 5.98  ? 8   LYS A HA   1 
ATOM   156  H HB2  . LYS A 1 11 ? 3.328   6.387   8.000   1.00 5.87  ? 8   LYS A HB2  1 
ATOM   157  H HB3  . LYS A 1 11 ? 2.795   7.106   6.689   1.00 5.87  ? 8   LYS A HB3  1 
ATOM   158  H HG2  . LYS A 1 11 ? 1.124   5.775   7.550   1.00 6.35  ? 8   LYS A HG2  1 
ATOM   159  H HG3  . LYS A 1 11 ? 1.581   5.182   6.148   1.00 6.35  ? 8   LYS A HG3  1 
ATOM   160  H HD2  . LYS A 1 11 ? 2.697   3.475   7.155   1.00 8.73  ? 8   LYS A HD2  1 
ATOM   161  H HD3  . LYS A 1 11 ? 2.518   4.137   8.589   1.00 8.73  ? 8   LYS A HD3  1 
ATOM   162  H HE2  . LYS A 1 11 ? 0.222   3.719   8.466   1.00 8.82  ? 8   LYS A HE2  1 
ATOM   163  H HE3  . LYS A 1 11 ? 0.447   2.994   7.069   1.00 8.82  ? 8   LYS A HE3  1 
ATOM   164  H HZ1  . LYS A 1 11 ? 1.655   1.417   8.163   1.00 12.43 ? 8   LYS A HZ1  1 
ATOM   165  H HZ2  . LYS A 1 11 ? 1.450   2.078   9.436   1.00 12.43 ? 8   LYS A HZ2  1 
ATOM   166  H HZ3  . LYS A 1 11 ? 0.329   1.475   8.743   1.00 12.43 ? 8   LYS A HZ3  1 
ATOM   167  N N    . VAL A 1 12 ? 3.929   6.612   4.029   1.00 3.58  ? 9   VAL A N    1 
ATOM   168  C CA   . VAL A 1 12 ? 3.698   6.496   2.600   1.00 4.27  ? 9   VAL A CA   1 
ATOM   169  C C    . VAL A 1 12 ? 4.743   5.568   1.977   1.00 4.13  ? 9   VAL A C    1 
ATOM   170  O O    . VAL A 1 12 ? 4.393   4.711   1.163   1.00 4.44  ? 9   VAL A O    1 
ATOM   171  C CB   . VAL A 1 12 ? 3.705   7.883   1.914   1.00 4.37  ? 9   VAL A CB   1 
ATOM   172  C CG1  . VAL A 1 12 ? 3.778   7.745   0.397   1.00 5.55  ? 9   VAL A CG1  1 
ATOM   173  C CG2  . VAL A 1 12 ? 2.485   8.691   2.345   1.00 4.95  ? 9   VAL A CG2  1 
ATOM   174  H H    . VAL A 1 12 ? 4.068   7.413   4.309   1.00 4.26  ? 9   VAL A H    1 
ATOM   175  H HA   . VAL A 1 12 ? 2.816   6.095   2.454   1.00 5.09  ? 9   VAL A HA   1 
ATOM   176  H HB   . VAL A 1 12 ? 4.503   8.372   2.205   1.00 5.21  ? 9   VAL A HB   1 
ATOM   177  H HG11 . VAL A 1 12 ? 3.780   8.621   0.003   1.00 6.62  ? 9   VAL A HG11 1 
ATOM   178  H HG12 . VAL A 1 12 ? 4.583   7.278   0.163   1.00 6.62  ? 9   VAL A HG12 1 
ATOM   179  H HG13 . VAL A 1 12 ? 3.013   7.252   0.091   1.00 6.62  ? 9   VAL A HG13 1 
ATOM   180  H HG21 . VAL A 1 12 ? 2.508   9.545   1.910   1.00 5.90  ? 9   VAL A HG21 1 
ATOM   181  H HG22 . VAL A 1 12 ? 1.691   8.215   2.091   1.00 5.90  ? 9   VAL A HG22 1 
ATOM   182  H HG23 . VAL A 1 12 ? 2.509   8.807   3.297   1.00 5.90  ? 9   VAL A HG23 1 
ATOM   183  N N    . GLY A 1 13 ? 6.014   5.730   2.329   1.00 4.25  ? 10  GLY A N    1 
ATOM   184  C CA   . GLY A 1 13 ? 7.058   4.904   1.748   1.00 5.08  ? 10  GLY A CA   1 
ATOM   185  C C    . GLY A 1 13 ? 6.853   3.440   2.097   1.00 4.90  ? 10  GLY A C    1 
ATOM   186  O O    . GLY A 1 13 ? 7.012   2.536   1.258   1.00 5.53  ? 10  GLY A O    1 
ATOM   187  H H    . GLY A 1 13 ? 6.295   6.310   2.899   1.00 5.07  ? 10  GLY A H    1 
ATOM   188  H HA2  . GLY A 1 13 ? 7.051   4.999   0.783   1.00 6.06  ? 10  GLY A HA2  1 
ATOM   189  H HA3  . GLY A 1 13 ? 7.923   5.187   2.081   1.00 6.06  ? 10  GLY A HA3  1 
ATOM   190  N N    . GLU A 1 14 ? 6.500   3.168   3.340   1.00 5.68  ? 11  GLU A N    1 
ATOM   191  C CA   . GLU A 1 14 ? 6.304   1.785   3.774   1.00 5.49  ? 11  GLU A CA   1 
ATOM   192  C C    . GLU A 1 14 ? 5.129   1.155   3.010   1.00 4.64  ? 11  GLU A C    1 
ATOM   193  O O    . GLU A 1 14 ? 5.195   0.014   2.527   1.00 4.85  ? 11  GLU A O    1 
ATOM   194  C CB   . GLU A 1 14 ? 6.043   1.760   5.268   1.00 7.33  ? 11  GLU A CB   1 
ATOM   195  C CG   . GLU A 1 14 ? 5.741   0.414   5.855   1.00 13.97 ? 11  GLU A CG   1 
ATOM   196  C CD   . GLU A 1 14 ? 5.368   0.503   7.342   1.00 21.85 ? 11  GLU A CD   1 
ATOM   197  O OE1  . GLU A 1 14 ? 5.388   1.621   7.916   1.00 22.32 ? 11  GLU A OE1  1 
ATOM   198  O OE2  . GLU A 1 14 ? 5.046   -0.548  7.936   1.00 30.37 ? 11  GLU A OE2  1 
ATOM   199  H H    . GLU A 1 14 ? 6.366   3.757   3.952   1.00 6.77  ? 11  GLU A H    1 
ATOM   200  H HA   . GLU A 1 14 ? 7.112   1.264   3.588   1.00 6.55  ? 11  GLU A HA   1 
ATOM   201  H HB2  . GLU A 1 14 ? 6.828   2.104   5.721   1.00 8.76  ? 11  GLU A HB2  1 
ATOM   202  H HB3  . GLU A 1 14 ? 5.284   2.335   5.456   1.00 8.76  ? 11  GLU A HB3  1 
ATOM   203  H HG2  . GLU A 1 14 ? 4.993   0.020   5.379   1.00 16.73 ? 11  GLU A HG2  1 
ATOM   204  H HG3  . GLU A 1 14 ? 6.524   -0.151  5.773   1.00 16.73 ? 11  GLU A HG3  1 
ATOM   205  N N    . LEU A 1 15 ? 4.026   1.899   2.913   1.00 4.73  ? 12  LEU A N    1 
ATOM   206  C CA   . LEU A 1 15 ? 2.844   1.418   2.214   1.00 4.66  ? 12  LEU A CA   1 
ATOM   207  C C    . LEU A 1 15 ? 3.080   1.244   0.727   1.00 4.69  ? 12  LEU A C    1 
ATOM   208  O O    . LEU A 1 15 ? 2.567   0.278   0.122   1.00 5.56  ? 12  LEU A O    1 
ATOM   209  C CB   . LEU A 1 15 ? 1.653   2.347   2.456   1.00 6.77  ? 12  LEU A CB   1 
ATOM   210  C CG   . LEU A 1 15 ? 1.110   2.303   3.881   1.00 7.16  ? 12  LEU A CG   1 
ATOM   211  C CD1  . LEU A 1 15 ? 0.082   3.388   4.040   1.00 8.81  ? 12  LEU A CD1  1 
ATOM   212  C CD2  . LEU A 1 15 ? 0.481   0.973   4.228   1.00 11.29 ? 12  LEU A CD2  1 
ATOM   213  H H    . LEU A 1 15 ? 3.940   2.687   3.247   1.00 5.64  ? 12  LEU A H    1 
ATOM   214  H HA   . LEU A 1 15 ? 2.608   0.538   2.577   1.00 5.56  ? 12  LEU A HA   1 
ATOM   215  H HB2  . LEU A 1 15 ? 1.927   3.259   2.272   1.00 8.08  ? 12  LEU A HB2  1 
ATOM   216  H HB3  . LEU A 1 15 ? 0.933   2.094   1.857   1.00 8.08  ? 12  LEU A HB3  1 
ATOM   217  H HG   . LEU A 1 15 ? 1.832   2.473   4.507   1.00 8.56  ? 12  LEU A HG   1 
ATOM   218  H HD11 . LEU A 1 15 ? 0.496   4.238   3.871   1.00 10.53 ? 12  LEU A HD11 1 
ATOM   219  H HD12 . LEU A 1 15 ? -0.629  3.240   3.411   1.00 10.53 ? 12  LEU A HD12 1 
ATOM   220  H HD13 . LEU A 1 15 ? -0.263  3.364   4.936   1.00 10.53 ? 12  LEU A HD13 1 
ATOM   221  H HD21 . LEU A 1 15 ? -0.248  0.807   3.627   1.00 13.51 ? 12  LEU A HD21 1 
ATOM   222  H HD22 . LEU A 1 15 ? 1.142   0.283   4.140   1.00 13.51 ? 12  LEU A HD22 1 
ATOM   223  H HD23 . LEU A 1 15 ? 0.160   1.007   5.132   1.00 13.51 ? 12  LEU A HD23 1 
ATOM   224  N N    . LEU A 1 16 ? 3.839   2.138   0.108   1.00 4.60  ? 13  LEU A N    1 
ATOM   225  C CA   . LEU A 1 16 ? 4.155   1.984   -1.303  1.00 4.69  ? 13  LEU A CA   1 
ATOM   226  C C    . LEU A 1 16 ? 4.984   0.727   -1.537  1.00 3.94  ? 13  LEU A C    1 
ATOM   227  O O    . LEU A 1 16 ? 4.753   0.005   -2.525  1.00 4.95  ? 13  LEU A O    1 
ATOM   228  C CB   . LEU A 1 16 ? 4.906   3.200   -1.821  1.00 6.48  ? 13  LEU A CB   1 
ATOM   229  C CG   . LEU A 1 16 ? 4.096   4.367   -2.342  1.00 10.30 ? 13  LEU A CG   1 
ATOM   230  C CD1  . LEU A 1 16 ? 5.033   5.507   -2.647  1.00 14.79 ? 13  LEU A CD1  1 
ATOM   231  C CD2  . LEU A 1 16 ? 3.322   3.958   -3.605  1.00 10.96 ? 13  LEU A CD2  1 
ATOM   232  H H    . LEU A 1 16 ? 4.181   2.834   0.478   1.00 5.49  ? 13  LEU A H    1 
ATOM   233  H HA   . LEU A 1 16 ? 3.321   1.900   -1.811  1.00 5.59  ? 13  LEU A HA   1 
ATOM   234  H HB2  . LEU A 1 16 ? 5.458   3.539   -1.100  1.00 7.74  ? 13  LEU A HB2  1 
ATOM   235  H HB3  . LEU A 1 16 ? 5.479   2.907   -2.548  1.00 7.74  ? 13  LEU A HB3  1 
ATOM   236  H HG   . LEU A 1 16 ? 3.462   4.656   -1.666  1.00 12.33 ? 13  LEU A HG   1 
ATOM   237  H HD11 . LEU A 1 16 ? 5.493   5.757   -1.843  1.00 17.71 ? 13  LEU A HD11 1 
ATOM   238  H HD12 . LEU A 1 16 ? 5.665   5.222   -3.311  1.00 17.71 ? 13  LEU A HD12 1 
ATOM   239  H HD13 . LEU A 1 16 ? 4.523   6.251   -2.978  1.00 17.71 ? 13  LEU A HD13 1 
ATOM   240  H HD21 . LEU A 1 16 ? 2.731   3.234   -3.388  1.00 13.11 ? 13  LEU A HD21 1 
ATOM   241  H HD22 . LEU A 1 16 ? 2.815   4.712   -3.918  1.00 13.11 ? 13  LEU A HD22 1 
ATOM   242  H HD23 . LEU A 1 16 ? 3.948   3.681   -4.278  1.00 13.11 ? 13  LEU A HD23 1 
ATOM   243  N N    . PHE A 1 17 ? 5.944   0.452   -0.668  1.00 3.67  ? 14  PHE A N    1 
ATOM   244  C CA   . PHE A 1 17 ? 6.736   -0.749  -0.811  1.00 4.62  ? 14  PHE A CA   1 
ATOM   245  C C    . PHE A 1 17 ? 5.852   -1.996  -0.631  1.00 3.75  ? 14  PHE A C    1 
ATOM   246  O O    . PHE A 1 17 ? 5.933   -2.930  -1.418  1.00 4.63  ? 14  PHE A O    1 
ATOM   247  C CB   . PHE A 1 17 ? 7.918   -0.766  0.163   1.00 3.93  ? 14  PHE A CB   1 
ATOM   248  C CG   . PHE A 1 17 ? 8.804   -1.932  -0.064  1.00 6.21  ? 14  PHE A CG   1 
ATOM   249  C CD1  . PHE A 1 17 ? 8.527   -3.147  0.523   1.00 6.12  ? 14  PHE A CD1  1 
ATOM   250  C CD2  . PHE A 1 17 ? 9.878   -1.842  -0.935  1.00 7.57  ? 14  PHE A CD2  1 
ATOM   251  C CE1  . PHE A 1 17 ? 9.315   -4.263  0.241   1.00 7.99  ? 14  PHE A CE1  1 
ATOM   252  C CE2  . PHE A 1 17 ? 10.678  -2.954  -1.195  1.00 10.16 ? 14  PHE A CE2  1 
ATOM   253  C CZ   . PHE A 1 17 ? 10.389  -4.148  -0.601  1.00 7.96  ? 14  PHE A CZ   1 
ATOM   254  H H    . PHE A 1 17 ? 6.154   0.942   0.007   1.00 4.37  ? 14  PHE A H    1 
ATOM   255  H HA   . PHE A 1 17 ? 7.102   -0.775  -1.719  1.00 5.50  ? 14  PHE A HA   1 
ATOM   256  H HB2  . PHE A 1 17 ? 8.443   0.040   0.043   1.00 4.68  ? 14  PHE A HB2  1 
ATOM   257  H HB3  . PHE A 1 17 ? 7.582   -0.814  1.072   1.00 4.68  ? 14  PHE A HB3  1 
ATOM   258  H HD1  . PHE A 1 17 ? 7.793   -3.231  1.087   1.00 7.31  ? 14  PHE A HD1  1 
ATOM   259  H HD2  . PHE A 1 17 ? 10.069  -1.030  -1.346  1.00 9.05  ? 14  PHE A HD2  1 
ATOM   260  H HE1  . PHE A 1 17 ? 9.133   -5.075  0.655   1.00 9.55  ? 14  PHE A HE1  1 
ATOM   261  H HE2  . PHE A 1 17 ? 11.405  -2.882  -1.770  1.00 12.16 ? 14  PHE A HE2  1 
ATOM   262  H HZ   . PHE A 1 17 ? 10.927  -4.888  -0.767  1.00 9.52  ? 14  PHE A HZ   1 
ATOM   263  N N    . SER A 1 18 ? 4.983   -1.992  0.378   1.00 3.84  ? 15  SER A N    1 
ATOM   264  C CA   . SER A 1 18 ? 4.091   -3.118  0.579   1.00 4.35  ? 15  SER A CA   1 
ATOM   265  C C    . SER A 1 18 ? 3.180   -3.327  -0.618  1.00 4.56  ? 15  SER A C    1 
ATOM   266  O O    . SER A 1 18 ? 2.921   -4.442  -1.007  1.00 5.61  ? 15  SER A O    1 
ATOM   267  C CB   . SER A 1 18 ? 3.259   -2.892  1.835   1.00 5.94  ? 15  SER A CB   1 
ATOM   268  O OG   . SER A 1 18 ? 4.093   -2.950  2.962   1.00 10.46 ? 15  SER A OG   1 
ATOM   269  H H    . SER A 1 18 ? 4.895   -1.356  0.951   1.00 4.57  ? 15  SER A H    1 
ATOM   270  H HA   . SER A 1 18 ? 4.621   -3.932  0.706   1.00 5.18  ? 15  SER A HA   1 
ATOM   271  H HB2  . SER A 1 18 ? 2.842   -2.017  1.789   1.00 7.09  ? 15  SER A HB2  1 
ATOM   272  H HB3  . SER A 1 18 ? 2.582   -3.584  1.900   1.00 7.09  ? 15  SER A HB3  1 
ATOM   273  H HG   . SER A 1 18 ? 3.652   -2.828  3.643   1.00 12.51 ? 15  SER A HG   1 
ATOM   274  N N    . ASN A 1 19 ? 2.699   -2.236  -1.183  1.00 4.73  ? 16  ASN A N    1 
ATOM   275  C CA   . ASN A 1 19 ? 1.831   -2.278  -2.356  1.00 6.34  ? 16  ASN A CA   1 
ATOM   276  C C    . ASN A 1 19 ? 2.527   -2.976  -3.524  1.00 4.67  ? 16  ASN A C    1 
ATOM   277  O O    . ASN A 1 19 ? 1.958   -3.820  -4.221  1.00 4.82  ? 16  ASN A O    1 
ATOM   278  C CB   . ASN A 1 19 ? 1.454   -0.820  -2.707  1.00 9.38  ? 16  ASN A CB   1 
ATOM   279  C CG   . ASN A 1 19 ? 0.459   -0.700  -3.838  1.00 11.28 ? 16  ASN A CG   1 
ATOM   280  O OD1  . ASN A 1 19 ? 0.844   -0.526  -4.993  1.00 16.87 ? 16  ASN A OD1  1 
ATOM   281  N ND2  . ASN A 1 19 ? -0.821  -0.720  -3.506  1.00 11.18 ? 16  ASN A ND2  1 
ATOM   282  H H    . ASN A 1 19 ? 2.863   -1.440  -0.905  1.00 5.64  ? 16  ASN A H    1 
ATOM   283  H HA   . ASN A 1 19 ? 1.011   -2.771  -2.140  1.00 7.57  ? 16  ASN A HA   1 
ATOM   284  N N    . TYR A 1 20 ? 3.762   -2.584  -3.762  1.00 3.49  ? 17  TYR A N    1 
ATOM   285  C CA   . TYR A 1 20 ? 4.556   -3.143  -4.834  1.00 3.90  ? 17  TYR A CA   1 
ATOM   286  C C    . TYR A 1 20 ? 4.822   -4.637  -4.576  1.00 3.41  ? 17  TYR A C    1 
ATOM   287  O O    . TYR A 1 20 ? 4.659   -5.455  -5.469  1.00 3.85  ? 17  TYR A O    1 
ATOM   288  C CB   . TYR A 1 20 ? 5.845   -2.323  -4.938  1.00 4.72  ? 17  TYR A CB   1 
ATOM   289  C CG   . TYR A 1 20 ? 6.869   -2.715  -5.976  1.00 3.18  ? 17  TYR A CG   1 
ATOM   290  C CD1  . TYR A 1 20 ? 6.551   -3.505  -7.072  1.00 4.57  ? 17  TYR A CD1  1 
ATOM   291  C CD2  . TYR A 1 20 ? 8.172   -2.267  -5.866  1.00 5.22  ? 17  TYR A CD2  1 
ATOM   292  C CE1  . TYR A 1 20 ? 7.524   -3.864  -8.005  1.00 4.26  ? 17  TYR A CE1  1 
ATOM   293  C CE2  . TYR A 1 20 ? 9.114   -2.595  -6.780  1.00 4.91  ? 17  TYR A CE2  1 
ATOM   294  C CZ   . TYR A 1 20 ? 8.796   -3.396  -7.847  1.00 4.08  ? 17  TYR A CZ   1 
ATOM   295  O OH   . TYR A 1 20 ? 9.804   -3.755  -8.734  1.00 5.22  ? 17  TYR A OH   1 
ATOM   296  H H    . TYR A 1 20 ? 4.172   -1.982  -3.305  1.00 4.16  ? 17  TYR A H    1 
ATOM   297  H HA   . TYR A 1 20 ? 4.067   -3.058  -5.678  1.00 4.64  ? 17  TYR A HA   1 
ATOM   298  H HB2  . TYR A 1 20 ? 5.597   -1.404  -5.125  1.00 5.63  ? 17  TYR A HB2  1 
ATOM   299  H HB3  . TYR A 1 20 ? 6.291   -2.360  -4.078  1.00 5.63  ? 17  TYR A HB3  1 
ATOM   300  H HD1  . TYR A 1 20 ? 5.684   -3.826  -7.169  1.00 5.45  ? 17  TYR A HD1  1 
ATOM   301  H HD2  . TYR A 1 20 ? 8.408   -1.729  -5.144  1.00 6.23  ? 17  TYR A HD2  1 
ATOM   302  H HE1  . TYR A 1 20 ? 7.306   -4.406  -8.728  1.00 5.07  ? 17  TYR A HE1  1 
ATOM   303  H HE2  . TYR A 1 20 ? 9.988   -2.298  -6.670  1.00 5.86  ? 17  TYR A HE2  1 
ATOM   304  H HH   . TYR A 1 20 ? 10.406  -4.141  -8.334  1.00 6.23  ? 17  TYR A HH   1 
ATOM   305  N N    . TRP A 1 21 ? 5.194   -4.984  -3.350  1.00 4.17  ? 18  TRP A N    1 
ATOM   306  C CA   . TRP A 1 21 ? 5.388   -6.375  -2.947  1.00 3.42  ? 18  TRP A CA   1 
ATOM   307  C C    . TRP A 1 21 ? 4.123   -7.182  -3.234  1.00 4.05  ? 18  TRP A C    1 
ATOM   308  O O    . TRP A 1 21 ? 4.169   -8.276  -3.825  1.00 4.19  ? 18  TRP A O    1 
ATOM   309  C CB   . TRP A 1 21 ? 5.768   -6.406  -1.457  1.00 4.37  ? 18  TRP A CB   1 
ATOM   310  C CG   . TRP A 1 21 ? 6.254   -7.736  -0.907  1.00 4.44  ? 18  TRP A CG   1 
ATOM   311  C CD1  . TRP A 1 21 ? 7.532   -8.041  -0.542  1.00 5.42  ? 18  TRP A CD1  1 
ATOM   312  C CD2  . TRP A 1 21 ? 5.468   -8.884  -0.573  1.00 5.11  ? 18  TRP A CD2  1 
ATOM   313  N NE1  . TRP A 1 21 ? 7.604   -9.315  -0.034  1.00 6.62  ? 18  TRP A NE1  1 
ATOM   314  C CE2  . TRP A 1 21 ? 6.344   -9.854  -0.037  1.00 7.19  ? 18  TRP A CE2  1 
ATOM   315  C CE3  . TRP A 1 21 ? 4.110   -9.194  -0.677  1.00 7.50  ? 18  TRP A CE3  1 
ATOM   316  C CZ2  . TRP A 1 21 ? 5.922   -11.096 0.372   1.00 9.31  ? 18  TRP A CZ2  1 
ATOM   317  C CZ3  . TRP A 1 21 ? 3.687   -10.448 -0.270  1.00 8.55  ? 18  TRP A CZ3  1 
ATOM   318  C CH2  . TRP A 1 21 ? 4.594   -11.384 0.242   1.00 9.63  ? 18  TRP A CH2  1 
ATOM   319  H H    . TRP A 1 21 ? 5.343   -4.420  -2.718  1.00 4.96  ? 18  TRP A H    1 
ATOM   320  H HA   . TRP A 1 21 ? 6.126   -6.763  -3.461  1.00 4.07  ? 18  TRP A HA   1 
ATOM   321  H HB2  . TRP A 1 21 ? 6.477   -5.760  -1.312  1.00 5.21  ? 18  TRP A HB2  1 
ATOM   322  H HB3  . TRP A 1 21 ? 4.989   -6.149  -0.940  1.00 5.21  ? 18  TRP A HB3  1 
ATOM   323  H HD1  . TRP A 1 21 ? 8.258   -7.467  -0.632  1.00 6.47  ? 18  TRP A HD1  1 
ATOM   324  H HE1  . TRP A 1 21 ? 8.318   -9.707  0.242   1.00 7.91  ? 18  TRP A HE1  1 
ATOM   325  H HE3  . TRP A 1 21 ? 3.507   -8.578  -1.025  1.00 8.97  ? 18  TRP A HE3  1 
ATOM   326  H HZ2  . TRP A 1 21 ? 6.521   -11.722 0.712   1.00 11.13 ? 18  TRP A HZ2  1 
ATOM   327  H HZ3  . TRP A 1 21 ? 2.787   -10.672 -0.338  1.00 10.23 ? 18  TRP A HZ3  1 
ATOM   328  H HH2  . TRP A 1 21 ? 4.281   -12.217 0.515   1.00 11.52 ? 18  TRP A HH2  1 
ATOM   329  N N    . LEU A 1 22 ? 2.985   -6.633  -2.841  1.00 3.98  ? 19  LEU A N    1 
ATOM   330  C CA   . LEU A 1 22 ? 1.708   -7.321  -3.058  1.00 4.49  ? 19  LEU A CA   1 
ATOM   331  C C    . LEU A 1 22 ? 1.374   -7.479  -4.539  1.00 4.11  ? 19  LEU A C    1 
ATOM   332  O O    . LEU A 1 22 ? 0.871   -8.523  -4.951  1.00 5.11  ? 19  LEU A O    1 
ATOM   333  C CB   . LEU A 1 22 ? 0.583   -6.605  -2.321  1.00 5.35  ? 19  LEU A CB   1 
ATOM   334  C CG   . LEU A 1 22 ? 0.622   -6.760  -0.802  1.00 5.28  ? 19  LEU A CG   1 
ATOM   335  C CD1  . LEU A 1 22 ? -0.254  -5.686  -0.177  1.00 6.72  ? 19  LEU A CD1  1 
ATOM   336  C CD2  . LEU A 1 22 ? 0.218   -8.159  -0.343  1.00 7.84  ? 19  LEU A CD2  1 
ATOM   337  H H    . LEU A 1 22 ? 2.918   -5.870  -2.450  1.00 4.74  ? 19  LEU A H    1 
ATOM   338  H HA   . LEU A 1 22 ? 1.777   -8.222  -2.679  1.00 5.36  ? 19  LEU A HA   1 
ATOM   339  H HB2  . LEU A 1 22 ? 0.634   -5.658  -2.522  1.00 6.39  ? 19  LEU A HB2  1 
ATOM   340  H HB3  . LEU A 1 22 ? -0.266  -6.960  -2.631  1.00 6.39  ? 19  LEU A HB3  1 
ATOM   341  H HG   . LEU A 1 22 ? 1.531   -6.605  -0.501  1.00 6.30  ? 19  LEU A HG   1 
ATOM   342  H HD11 . LEU A 1 22 ? -0.230  -5.782  0.778   1.00 8.03  ? 19  LEU A HD11 1 
ATOM   343  H HD12 . LEU A 1 22 ? 0.083   -4.824  -0.429  1.00 8.03  ? 19  LEU A HD12 1 
ATOM   344  H HD13 . LEU A 1 22 ? -1.153  -5.793  -0.495  1.00 8.03  ? 19  LEU A HD13 1 
ATOM   345  H HD21 . LEU A 1 22 ? 0.824   -8.800  -0.723  1.00 9.37  ? 19  LEU A HD21 1 
ATOM   346  H HD22 . LEU A 1 22 ? 0.262   -8.197  0.616   1.00 9.37  ? 19  LEU A HD22 1 
ATOM   347  H HD23 . LEU A 1 22 ? -0.676  -8.338  -0.638  1.00 9.37  ? 19  LEU A HD23 1 
ATOM   348  N N    . GLU A 1 23 ? 1.607   -6.444  -5.342  1.00 4.18  ? 20  GLU A N    1 
ATOM   349  C CA   . GLU A 1 23 ? 1.414   -6.578  -6.777  1.00 4.11  ? 20  GLU A CA   1 
ATOM   350  C C    . GLU A 1 23 ? 2.292   -7.683  -7.347  1.00 3.99  ? 20  GLU A C    1 
ATOM   351  O O    . GLU A 1 23 ? 1.857   -8.458  -8.206  1.00 4.02  ? 20  GLU A O    1 
ATOM   352  C CB   . GLU A 1 23 ? 1.695   -5.270  -7.510  1.00 5.11  ? 20  GLU A CB   1 
ATOM   353  C CG   . GLU A 1 23 ? 0.664   -4.163  -7.252  1.00 5.87  ? 20  GLU A CG   1 
ATOM   354  C CD   . GLU A 1 23 ? -0.549  -4.206  -8.170  1.00 9.28  ? 20  GLU A CD   1 
ATOM   355  O OE1  . GLU A 1 23 ? -0.655  -5.118  -9.018  1.00 10.86 ? 20  GLU A OE1  1 
ATOM   356  O OE2  . GLU A 1 23 ? -1.424  -3.326  -8.031  1.00 12.56 ? 20  GLU A OE2  1 
ATOM   357  H H    . GLU A 1 23 ? 1.874   -5.668  -5.085  1.00 4.98  ? 20  GLU A H    1 
ATOM   358  H HA   . GLU A 1 23 ? 0.479   -6.821  -6.947  1.00 4.89  ? 20  GLU A HA   1 
ATOM   359  H HB2  . GLU A 1 23 ? 2.561   -4.936  -7.228  1.00 6.10  ? 20  GLU A HB2  1 
ATOM   360  H HB3  . GLU A 1 23 ? 1.707   -5.444  -8.464  1.00 6.10  ? 20  GLU A HB3  1 
ATOM   361  H HG2  . GLU A 1 23 ? 0.345   -4.243  -6.340  1.00 7.01  ? 20  GLU A HG2  1 
ATOM   362  H HG3  . GLU A 1 23 ? 1.095   -3.303  -7.374  1.00 7.01  ? 20  GLU A HG3  1 
ATOM   363  N N    . LEU A 1 24 ? 3.538   -7.765  -6.904  1.00 4.36  ? 21  LEU A N    1 
ATOM   364  C CA   . LEU A 1 24 ? 4.415   -8.831  -7.370  1.00 4.25  ? 21  LEU A CA   1 
ATOM   365  C C    . LEU A 1 24 ? 3.876   -10.189 -6.963  1.00 4.11  ? 21  LEU A C    1 
ATOM   366  O O    . LEU A 1 24 ? 3.944   -11.146 -7.742  1.00 5.14  ? 21  LEU A O    1 
ATOM   367  C CB   . LEU A 1 24 ? 5.835   -8.645  -6.831  1.00 4.52  ? 21  LEU A CB   1 
ATOM   368  C CG   . LEU A 1 24 ? 6.645   -7.511  -7.473  1.00 5.19  ? 21  LEU A CG   1 
ATOM   369  C CD1  . LEU A 1 24 ? 7.960   -7.378  -6.761  1.00 7.39  ? 21  LEU A CD1  1 
ATOM   370  C CD2  . LEU A 1 24 ? 6.852   -7.710  -8.960  1.00 6.58  ? 21  LEU A CD2  1 
ATOM   371  H H    . LEU A 1 24 ? 3.897   -7.224  -6.342  1.00 5.20  ? 21  LEU A H    1 
ATOM   372  H HA   . LEU A 1 24 ? 4.456   -8.804  -8.349  1.00 5.07  ? 21  LEU A HA   1 
ATOM   373  H HB2  . LEU A 1 24 ? 5.781   -8.461  -5.880  1.00 5.38  ? 21  LEU A HB2  1 
ATOM   374  H HB3  . LEU A 1 24 ? 6.327   -9.469  -6.973  1.00 5.38  ? 21  LEU A HB3  1 
ATOM   375  H HG   . LEU A 1 24 ? 6.161   -6.679  -7.354  1.00 6.20  ? 21  LEU A HG   1 
ATOM   376  H HD11 . LEU A 1 24 ? 8.463   -6.667  -7.166  1.00 8.83  ? 21  LEU A HD11 1 
ATOM   377  H HD12 . LEU A 1 24 ? 7.795   -7.178  -5.837  1.00 8.83  ? 21  LEU A HD12 1 
ATOM   378  H HD13 . LEU A 1 24 ? 8.441   -8.205  -6.837  1.00 8.83  ? 21  LEU A HD13 1 
ATOM   379  H HD21 . LEU A 1 24 ? 7.363   -6.973  -9.306  1.00 7.86  ? 21  LEU A HD21 1 
ATOM   380  H HD22 . LEU A 1 24 ? 7.326   -8.533  -9.102  1.00 7.86  ? 21  LEU A HD22 1 
ATOM   381  H HD23 . LEU A 1 24 ? 5.995   -7.746  -9.393  1.00 7.86  ? 21  LEU A HD23 1 
ATOM   382  N N    . GLU A 1 25 ? 3.326   -10.284 -5.766  1.00 4.45  ? 22  GLU A N    1 
ATOM   383  C CA   . GLU A 1 25 ? 2.778   -11.540 -5.287  1.00 5.28  ? 22  GLU A CA   1 
ATOM   384  C C    . GLU A 1 25 ? 1.517   -11.948 -6.078  1.00 4.79  ? 22  GLU A C    1 
ATOM   385  O O    . GLU A 1 25 ? 1.353   -13.117 -6.445  1.00 5.41  ? 22  GLU A O    1 
ATOM   386  C CB   . GLU A 1 25 ? 2.492   -11.407 -3.797  1.00 5.91  ? 22  GLU A CB   1 
ATOM   387  C CG   . GLU A 1 25 ? 2.040   -12.670 -3.104  1.00 8.50  ? 22  GLU A CG   1 
ATOM   388  C CD   . GLU A 1 25 ? 3.094   -13.767 -3.017  1.00 9.80  ? 22  GLU A CD   1 
ATOM   389  O OE1  . GLU A 1 25 ? 4.175   -13.684 -3.657  1.00 7.66  ? 22  GLU A OE1  1 
ATOM   390  O OE2  . GLU A 1 25 ? 2.825   -14.749 -2.292  1.00 14.67 ? 22  GLU A OE2  1 
ATOM   391  H H    . GLU A 1 25 ? 3.256   -9.633  -5.208  1.00 5.30  ? 22  GLU A H    1 
ATOM   392  H HA   . GLU A 1 25 ? 3.448   -12.245 -5.405  1.00 6.29  ? 22  GLU A HA   1 
ATOM   393  H HB2  . GLU A 1 25 ? 3.302   -11.107 -3.356  1.00 7.05  ? 22  GLU A HB2  1 
ATOM   394  H HB3  . GLU A 1 25 ? 1.795   -10.744 -3.677  1.00 7.05  ? 22  GLU A HB3  1 
ATOM   395  H HG2  . GLU A 1 25 ? 1.774   -12.447 -2.197  1.00 10.17 ? 22  GLU A HG2  1 
ATOM   396  H HG3  . GLU A 1 25 ? 1.279   -13.031 -3.585  1.00 10.17 ? 22  GLU A HG3  1 
ATOM   397  N N    . VAL A 1 26 ? 0.637   -10.995 -6.370  1.00 4.80  ? 23  VAL A N    1 
ATOM   398  C CA   . VAL A 1 26 ? -0.517  -11.248 -7.217  1.00 4.84  ? 23  VAL A CA   1 
ATOM   399  C C    . VAL A 1 26 ? -0.049  -11.758 -8.574  1.00 4.41  ? 23  VAL A C    1 
ATOM   400  O O    . VAL A 1 26 ? -0.583  -12.742 -9.091  1.00 5.66  ? 23  VAL A O    1 
ATOM   401  C CB   . VAL A 1 26 ? -1.366  -9.984  -7.381  1.00 4.97  ? 23  VAL A CB   1 
ATOM   402  C CG1  . VAL A 1 26 ? -2.386  -10.173 -8.486  1.00 7.84  ? 23  VAL A CG1  1 
ATOM   403  C CG2  . VAL A 1 26 ? -2.075  -9.631  -6.075  1.00 6.43  ? 23  VAL A CG2  1 
ATOM   404  H H    . VAL A 1 26 ? 0.689   -10.185 -6.084  1.00 5.72  ? 23  VAL A H    1 
ATOM   405  H HA   . VAL A 1 26 ? -1.075  -11.942 -6.805  1.00 5.77  ? 23  VAL A HA   1 
ATOM   406  H HB   . VAL A 1 26 ? -0.784  -9.233  -7.626  1.00 5.92  ? 23  VAL A HB   1 
ATOM   407  H HG11 . VAL A 1 26 ? -2.287  -11.054 -8.855  1.00 9.37  ? 23  VAL A HG11 1 
ATOM   408  H HG12 . VAL A 1 26 ? -3.268  -10.070 -8.119  1.00 9.37  ? 23  VAL A HG12 1 
ATOM   409  H HG13 . VAL A 1 26 ? -2.236  -9.513  -9.167  1.00 9.37  ? 23  VAL A HG13 1 
ATOM   410  H HG21 . VAL A 1 26 ? -1.842  -10.282 -5.408  1.00 7.68  ? 23  VAL A HG21 1 
ATOM   411  H HG22 . VAL A 1 26 ? -1.794  -8.757  -5.792  1.00 7.68  ? 23  VAL A HG22 1 
ATOM   412  H HG23 . VAL A 1 26 ? -3.024  -9.638  -6.222  1.00 7.68  ? 23  VAL A HG23 1 
ATOM   413  N N    . ALA A 1 27 ? 0.957   -11.120 -9.161  1.00 5.06  ? 24  ALA A N    1 
ATOM   414  C CA   . ALA A 1 27 ? 1.420   -11.528 -10.474 1.00 6.39  ? 24  ALA A CA   1 
ATOM   415  C C    . ALA A 1 27 ? 1.987   -12.942 -10.428 1.00 5.42  ? 24  ALA A C    1 
ATOM   416  O O    . ALA A 1 27 ? 1.762   -13.718 -11.354 1.00 7.61  ? 24  ALA A O    1 
ATOM   417  C CB   . ALA A 1 27 ? 2.465   -10.547 -10.973 1.00 6.22  ? 24  ALA A CB   1 
ATOM   418  H H    . ALA A 1 27 ? 1.383   -10.455 -8.821  1.00 6.04  ? 24  ALA A H    1 
ATOM   419  H HA   . ALA A 1 27 ? 0.666   -11.519 -11.099 1.00 7.63  ? 24  ALA A HA   1 
ATOM   420  H HB1  . ALA A 1 27 ? 2.072   -9.673  -11.026 1.00 7.43  ? 24  ALA A HB1  1 
ATOM   421  H HB2  . ALA A 1 27 ? 3.203   -10.537 -10.360 1.00 7.43  ? 24  ALA A HB2  1 
ATOM   422  H HB3  . ALA A 1 27 ? 2.764   -10.825 -11.842 1.00 7.43  ? 24  ALA A HB3  1 
ATOM   423  N N    . ARG A 1 28 ? 2.751   -13.255 -9.381  1.00 4.99  ? 25  ARG A N    1 
ATOM   424  C CA   . ARG A 1 28 ? 3.341   -14.572 -9.209  1.00 5.48  ? 25  ARG A CA   1 
ATOM   425  C C    . ARG A 1 28 ? 2.260   -15.634 -9.162  1.00 5.73  ? 25  ARG A C    1 
ATOM   426  O O    . ARG A 1 28 ? 2.345   -16.677 -9.815  1.00 6.56  ? 25  ARG A O    1 
ATOM   427  C CB   . ARG A 1 28 ? 4.196   -14.619 -7.929  1.00 6.19  ? 25  ARG A CB   1 
ATOM   428  C CG   . ARG A 1 28 ? 4.844   -15.969 -7.660  1.00 6.58  ? 25  ARG A CG   1 
ATOM   429  C CD   . ARG A 1 28 ? 5.573   -16.015 -6.336  1.00 8.59  ? 25  ARG A CD   1 
ATOM   430  N NE   . ARG A 1 28 ? 4.666   -16.097 -5.195  1.00 9.05  ? 25  ARG A NE   1 
ATOM   431  C CZ   . ARG A 1 28 ? 4.055   -17.201 -4.793  1.00 11.61 ? 25  ARG A CZ   1 
ATOM   432  N NH1  . ARG A 1 28 ? 4.220   -18.324 -5.466  1.00 12.28 ? 25  ARG A NH1  1 
ATOM   433  N NH2  . ARG A 1 28 ? 3.265   -17.171 -3.727  1.00 13.52 ? 25  ARG A NH2  1 
ATOM   434  H H    . ARG A 1 28 ? 2.943   -12.707 -8.746  1.00 5.95  ? 25  ARG A H    1 
ATOM   435  H HA   . ARG A 1 28 ? 3.924   -14.765 -9.972  1.00 6.54  ? 25  ARG A HA   1 
ATOM   436  H HB2  . ARG A 1 28 ? 4.904   -13.962 -8.003  1.00 7.39  ? 25  ARG A HB2  1 
ATOM   437  H HB3  . ARG A 1 28 ? 3.631   -14.407 -7.169  1.00 7.39  ? 25  ARG A HB3  1 
ATOM   438  H HG2  . ARG A 1 28 ? 4.156   -16.654 -7.647  1.00 7.86  ? 25  ARG A HG2  1 
ATOM   439  H HG3  . ARG A 1 28 ? 5.486   -16.157 -8.362  1.00 7.86  ? 25  ARG A HG3  1 
ATOM   440  H HD2  . ARG A 1 28 ? 6.148   -16.795 -6.319  1.00 10.27 ? 25  ARG A HD2  1 
ATOM   441  H HD3  . ARG A 1 28 ? 6.103   -15.209 -6.240  1.00 10.27 ? 25  ARG A HD3  1 
ATOM   442  H HE   . ARG A 1 28 ? 4.517   -15.375 -4.752  1.00 10.82 ? 25  ARG A HE   1 
ATOM   443  H HH11 . ARG A 1 28 ? 4.735   -18.342 -6.154  1.00 14.70 ? 25  ARG A HH11 1 
ATOM   444  H HH12 . ARG A 1 28 ? 3.819   -19.041 -5.211  1.00 14.70 ? 25  ARG A HH12 1 
ATOM   445  H HH21 . ARG A 1 28 ? 3.154   -16.436 -3.296  1.00 16.18 ? 25  ARG A HH21 1 
ATOM   446  H HH22 . ARG A 1 28 ? 2.858   -17.884 -3.474  1.00 16.18 ? 25  ARG A HH22 1 
ATOM   447  N N    . LEU A 1 29 ? 1.238   -15.375 -8.359  1.00 5.75  ? 26  LEU A N    1 
ATOM   448  C CA   . LEU A 1 29 ? 0.185   -16.345 -8.179  1.00 5.15  ? 26  LEU A CA   1 
ATOM   449  C C    . LEU A 1 29 ? -0.683  -16.479 -9.431  1.00 4.62  ? 26  LEU A C    1 
ATOM   450  O O    . LEU A 1 29 ? -1.090  -17.596 -9.786  1.00 5.66  ? 26  LEU A O    1 
ATOM   451  C CB   . LEU A 1 29 ? -0.670  -15.981 -6.955  1.00 5.33  ? 26  LEU A CB   1 
ATOM   452  C CG   . LEU A 1 29 ? 0.001   -16.219 -5.606  1.00 6.35  ? 26  LEU A CG   1 
ATOM   453  C CD1  . LEU A 1 29 ? -0.664  -15.371 -4.514  1.00 7.44  ? 26  LEU A CD1  1 
ATOM   454  C CD2  . LEU A 1 29 ? 0.009   -17.685 -5.239  1.00 9.38  ? 26  LEU A CD2  1 
ATOM   455  H H    . LEU A 1 29 ? 1.135   -14.647 -7.913  1.00 6.86  ? 26  LEU A H    1 
ATOM   456  H HA   . LEU A 1 29 ? 0.593   -17.219 -8.006  1.00 6.15  ? 26  LEU A HA   1 
ATOM   457  H HB2  . LEU A 1 29 ? -0.897  -15.040 -7.007  1.00 6.36  ? 26  LEU A HB2  1 
ATOM   458  H HB3  . LEU A 1 29 ? -1.480  -16.513 -6.977  1.00 6.36  ? 26  LEU A HB3  1 
ATOM   459  H HG   . LEU A 1 29 ? 0.925   -15.931 -5.671  1.00 7.59  ? 26  LEU A HG   1 
ATOM   460  H HD11 . LEU A 1 29 ? -0.584  -14.443 -4.747  1.00 8.89  ? 26  LEU A HD11 1 
ATOM   461  H HD12 . LEU A 1 29 ? -1.591  -15.614 -4.452  1.00 8.89  ? 26  LEU A HD12 1 
ATOM   462  H HD13 . LEU A 1 29 ? -0.224  -15.539 -3.678  1.00 8.89  ? 26  LEU A HD13 1 
ATOM   463  H HD21 . LEU A 1 29 ? -0.896  -18.001 -5.192  1.00 11.22 ? 26  LEU A HD21 1 
ATOM   464  H HD22 . LEU A 1 29 ? 0.492   -18.172 -5.911  1.00 11.22 ? 26  LEU A HD22 1 
ATOM   465  H HD23 . LEU A 1 29 ? 0.439   -17.791 -4.386  1.00 11.22 ? 26  LEU A HD23 1 
ATOM   466  N N    . LYS A 1 30 ? -0.955  -15.370 -10.116 1.00 6.04  ? 27  LYS A N    1 
ATOM   467  C CA   . LYS A 1 30 ? -1.801  -15.408 -11.312 1.00 5.47  ? 27  LYS A CA   1 
ATOM   468  C C    . LYS A 1 30 ? -1.172  -16.245 -12.415 1.00 5.50  ? 27  LYS A C    1 
ATOM   469  O O    . LYS A 1 30 ? -1.883  -16.841 -13.232 1.00 6.39  ? 27  LYS A O    1 
ATOM   470  C CB   . LYS A 1 30 ? -2.109  -13.994 -11.803 1.00 7.60  ? 27  LYS A CB   1 
ATOM   471  C CG   . LYS A 1 30 ? -3.182  -13.330 -10.966 1.00 7.96  ? 27  LYS A CG   1 
ATOM   472  C CD   . LYS A 1 30 ? -3.736  -12.035 -11.564 1.00 18.15 ? 27  LYS A CD   1 
ATOM   473  C CE   . LYS A 1 30 ? -4.778  -12.320 -12.640 1.00 25.11 ? 27  LYS A CE   1 
ATOM   474  N NZ   . LYS A 1 30 ? -5.821  -13.303 -12.208 1.00 29.18 ? 27  LYS A NZ   1 
ATOM   475  H H    . LYS A 1 30 ? -0.666  -14.586 -9.913  1.00 7.22  ? 27  LYS A H    1 
ATOM   476  H HA   . LYS A 1 30 ? -2.654  -15.828 -11.074 1.00 6.52  ? 27  LYS A HA   1 
ATOM   477  H HB2  . LYS A 1 30 ? -1.305  -13.456 -11.749 1.00 9.08  ? 27  LYS A HB2  1 
ATOM   478  H HB3  . LYS A 1 30 ? -2.423  -14.037 -12.721 1.00 9.08  ? 27  LYS A HB3  1 
ATOM   479  H HG2  . LYS A 1 30 ? -3.923  -13.948 -10.864 1.00 9.51  ? 27  LYS A HG2  1 
ATOM   480  H HG3  . LYS A 1 30 ? -2.809  -13.118 -10.096 1.00 9.51  ? 27  LYS A HG3  1 
ATOM   481  H HD2  . LYS A 1 30 ? -4.157  -11.514 -10.863 1.00 21.74 ? 27  LYS A HD2  1 
ATOM   482  H HD3  . LYS A 1 30 ? -3.011  -11.532 -11.967 1.00 21.74 ? 27  LYS A HD3  1 
ATOM   483  H HE2  . LYS A 1 30 ? -5.227  -11.491 -12.869 1.00 30.10 ? 27  LYS A HE2  1 
ATOM   484  H HE3  . LYS A 1 30 ? -4.332  -12.682 -13.421 1.00 30.10 ? 27  LYS A HE3  1 
ATOM   485  H HZ1  . LYS A 1 30 ? -6.254  -12.993 -11.496 1.00 34.98 ? 27  LYS A HZ1  1 
ATOM   486  H HZ2  . LYS A 1 30 ? -6.403  -13.437 -12.867 1.00 34.98 ? 27  LYS A HZ2  1 
ATOM   487  H HZ3  . LYS A 1 30 ? -5.438  -14.079 -11.999 1.00 34.98 ? 27  LYS A HZ3  1 
ATOM   488  N N    . LYS A 1 31 ? 0.155   -16.294 -12.463 1.00 5.59  ? 28  LYS A N    1 
ATOM   489  C CA   . LYS A 1 31 ? 0.837   -17.121 -13.451 1.00 5.57  ? 28  LYS A CA   1 
ATOM   490  C C    . LYS A 1 31 ? 0.497   -18.594 -13.305 1.00 5.65  ? 28  LYS A C    1 
ATOM   491  O O    . LYS A 1 31 ? 0.630   -19.351 -14.255 1.00 5.04  ? 28  LYS A O    1 
ATOM   492  C CB   . LYS A 1 31 ? 2.350   -16.963 -13.322 1.00 6.92  ? 28  LYS A CB   1 
ATOM   493  C CG   . LYS A 1 31 ? 2.857   -15.661 -13.840 1.00 14.01 ? 28  LYS A CG   1 
ATOM   494  C CD   . LYS A 1 31 ? 4.362   -15.555 -13.619 1.00 17.93 ? 28  LYS A CD   1 
ATOM   495  C CE   . LYS A 1 31 ? 5.126   -16.739 -14.235 1.00 21.62 ? 28  LYS A CE   1 
ATOM   496  N NZ   . LYS A 1 31 ? 6.621   -16.560 -14.123 1.00 25.15 ? 28  LYS A NZ   1 
ATOM   497  H H    . LYS A 1 31 ? 0.681   -15.861 -11.938 1.00 6.67  ? 28  LYS A H    1 
ATOM   498  H HA   . LYS A 1 31 ? 0.573   -16.834 -14.351 1.00 6.65  ? 28  LYS A HA   1 
ATOM   499  H HB2  . LYS A 1 31 ? 2.594   -17.027 -12.386 1.00 8.27  ? 28  LYS A HB2  1 
ATOM   500  H HB3  . LYS A 1 31 ? 2.783   -17.672 -13.824 1.00 8.27  ? 28  LYS A HB3  1 
ATOM   501  H HG2  . LYS A 1 31 ? 2.681   -15.599 -14.792 1.00 16.78 ? 28  LYS A HG2  1 
ATOM   502  H HG3  . LYS A 1 31 ? 2.424   -14.933 -13.365 1.00 16.78 ? 28  LYS A HG3  1 
ATOM   503  H HD2  . LYS A 1 31 ? 4.687   -14.739 -14.032 1.00 21.48 ? 28  LYS A HD2  1 
ATOM   504  H HD3  . LYS A 1 31 ? 4.543   -15.541 -12.666 1.00 21.48 ? 28  LYS A HD3  1 
ATOM   505  H HE2  . LYS A 1 31 ? 4.883   -17.554 -13.769 1.00 25.91 ? 28  LYS A HE2  1 
ATOM   506  H HE3  . LYS A 1 31 ? 4.899   -16.811 -15.176 1.00 25.91 ? 28  LYS A HE3  1 
ATOM   507  H HZ1  . LYS A 1 31 ? 7.038   -17.257 -14.486 1.00 30.14 ? 28  LYS A HZ1  1 
ATOM   508  H HZ2  . LYS A 1 31 ? 6.871   -15.818 -14.549 1.00 30.14 ? 28  LYS A HZ2  1 
ATOM   509  H HZ3  . LYS A 1 31 ? 6.856   -16.495 -13.267 1.00 30.14 ? 28  LYS A HZ3  1 
ATOM   510  N N    . LEU A 1 32 ? 0.062   -19.001 -12.118 1.00 5.10  ? 29  LEU A N    1 
ATOM   511  C CA   . LEU A 1 32 ? -0.109  -20.413 -11.785 1.00 5.15  ? 29  LEU A CA   1 
ATOM   512  C C    . LEU A 1 32 ? -1.513  -20.938 -11.999 1.00 7.67  ? 29  LEU A C    1 
ATOM   513  O O    . LEU A 1 32 ? -1.720  -22.159 -11.985 1.00 9.47  ? 29  LEU A O    1 
ATOM   514  C CB   . LEU A 1 32 ? 0.255   -20.654 -10.330 1.00 6.42  ? 29  LEU A CB   1 
ATOM   515  C CG   . LEU A 1 32 ? 1.649   -20.243 -9.919  1.00 6.43  ? 29  LEU A CG   1 
ATOM   516  C CD1  . LEU A 1 32 ? 1.827   -20.414 -8.417  1.00 8.74  ? 29  LEU A CD1  1 
ATOM   517  C CD2  . LEU A 1 32 ? 2.688   -21.054 -10.695 1.00 7.80  ? 29  LEU A CD2  1 
ATOM   518  H H    . LEU A 1 32 ? -0.145  -18.469 -11.475 1.00 6.08  ? 29  LEU A H    1 
ATOM   519  H HA   . LEU A 1 32 ? 0.499   -20.944 -12.341 1.00 6.15  ? 29  LEU A HA   1 
ATOM   520  H HB2  . LEU A 1 32 ? -0.368  -20.160 -9.775  1.00 7.66  ? 29  LEU A HB2  1 
ATOM   521  H HB3  . LEU A 1 32 ? 0.168   -21.603 -10.148 1.00 7.66  ? 29  LEU A HB3  1 
ATOM   522  H HG   . LEU A 1 32 ? 1.779   -19.305 -10.132 1.00 7.67  ? 29  LEU A HG   1 
ATOM   523  H HD11 . LEU A 1 32 ? 2.718   -20.147 -8.177  1.00 10.45 ? 29  LEU A HD11 1 
ATOM   524  H HD12 . LEU A 1 32 ? 1.186   -19.863 -7.963  1.00 10.45 ? 29  LEU A HD12 1 
ATOM   525  H HD13 . LEU A 1 32 ? 1.687   -21.336 -8.189  1.00 10.45 ? 29  LEU A HD13 1 
ATOM   526  H HD21 . LEU A 1 32 ? 3.566   -20.781 -10.421 1.00 9.32  ? 29  LEU A HD21 1 
ATOM   527  H HD22 . LEU A 1 32 ? 2.562   -21.987 -10.505 1.00 9.32  ? 29  LEU A HD22 1 
ATOM   528  H HD23 . LEU A 1 32 ? 2.572   -20.892 -11.634 1.00 9.32  ? 29  LEU A HD23 1 
ATOM   529  N N    . VAL A 1 33 ? -2.476  -20.036 -12.115 1.00 6.07  ? 30  VAL A N    1 
ATOM   530  C CA   . VAL A 1 33 ? -3.881  -20.398 -12.177 1.00 8.36  ? 30  VAL A CA   1 
ATOM   531  C C    . VAL A 1 33 ? -4.523  -19.841 -13.439 1.00 5.72  ? 30  VAL A C    1 
ATOM   532  O O    . VAL A 1 33 ? -5.738  -20.006 -13.604 1.00 7.09  ? 30  VAL A O    1 
ATOM   533  C CB   . VAL A 1 33 ? -4.652  -19.847 -10.939 1.00 11.11 ? 30  VAL A CB   1 
ATOM   534  C CG1  . VAL A 1 33 ? -4.059  -20.355 -9.632  1.00 18.82 ? 30  VAL A CG1  1 
ATOM   535  C CG2  . VAL A 1 33 ? -4.655  -18.327 -10.935 1.00 15.44 ? 30  VAL A CG2  1 
ATOM   536  H H    . VAL A 1 33 ? -2.336  -19.189 -12.161 1.00 7.25  ? 30  VAL A H    1 
ATOM   537  H HA   . VAL A 1 33 ? -3.969  -21.374 -12.188 1.00 10.00 ? 30  VAL A HA   1 
ATOM   538  H HB   . VAL A 1 33 ? -5.582  -20.150 -10.985 1.00 13.30 ? 30  VAL A HB   1 
ATOM   539  H HG11 . VAL A 1 33 ? -3.312  -20.925 -9.829  1.00 22.55 ? 30  VAL A HG11 1 
ATOM   540  H HG12 . VAL A 1 33 ? -3.768  -19.604 -9.110  1.00 22.55 ? 30  VAL A HG12 1 
ATOM   541  H HG13 . VAL A 1 33 ? -4.730  -20.847 -9.155  1.00 22.55 ? 30  VAL A HG13 1 
ATOM   542  H HG21 . VAL A 1 33 ? -4.177  -18.010 -11.705 1.00 18.49 ? 30  VAL A HG21 1 
ATOM   543  H HG22 . VAL A 1 33 ? -5.563  -18.017 -10.963 1.00 18.49 ? 30  VAL A HG22 1 
ATOM   544  H HG23 . VAL A 1 33 ? -4.229  -18.016 -10.133 1.00 18.49 ? 30  VAL A HG23 1 
ATOM   545  N N    . GLY B 1 1  ? -3.778  24.144  7.885   1.00 29.07 ? -2  GLY B N    1 
ATOM   546  C CA   . GLY B 1 1  ? -2.457  24.695  8.096   1.00 7.17  ? -2  GLY B CA   1 
ATOM   547  C C    . GLY B 1 1  ? -1.481  24.303  7.011   1.00 7.72  ? -2  GLY B C    1 
ATOM   548  O O    . GLY B 1 1  ? -0.814  25.149  6.384   1.00 8.80  ? -2  GLY B O    1 
ATOM   549  N N    . SER B 1 2  ? -1.401  22.996  6.775   1.00 5.26  ? -1  SER B N    1 
ATOM   550  C CA   . SER B 1 2  ? -0.412  22.460  5.869   1.00 4.55  ? -1  SER B CA   1 
ATOM   551  C C    . SER B 1 2  ? -1.046  21.652  4.747   1.00 4.32  ? -1  SER B C    1 
ATOM   552  O O    . SER B 1 2  ? -1.530  20.529  4.958   1.00 4.33  ? -1  SER B O    1 
ATOM   553  C CB   . SER B 1 2  ? 0.529   21.583  6.659   1.00 4.22  ? -1  SER B CB   1 
ATOM   554  O OG   . SER B 1 2  ? 1.477   20.959  5.799   1.00 4.74  ? -1  SER B OG   1 
ATOM   555  N N    . MET B 1 3  ? -1.033  22.225  3.549   1.00 3.96  ? 0   MET B N    1 
ATOM   556  C CA   . MET B 1 3  ? -1.509  21.502  2.371   1.00 4.13  ? 0   MET B CA   1 
ATOM   557  C C    . MET B 1 3  ? -0.583  20.344  2.024   1.00 3.58  ? 0   MET B C    1 
ATOM   558  O O    . MET B 1 3  ? -1.048  19.337  1.500   1.00 4.75  ? 0   MET B O    1 
ATOM   559  C CB   . MET B 1 3  ? -1.681  22.444  1.169   1.00 5.14  ? 0   MET B CB   1 
ATOM   560  C CG   . MET B 1 3  ? -2.856  23.407  1.340   1.00 4.45  ? 0   MET B CG   1 
ATOM   561  S SD   . MET B 1 3  ? -4.377  22.530  1.867   1.00 4.86  ? 0   MET B SD   1 
ATOM   562  C CE   . MET B 1 3  ? -5.544  23.842  1.595   1.00 5.89  ? 0   MET B CE   1 
ATOM   563  N N    . ARG B 1 4  ? 0.712   20.467  2.329   1.00 4.34  ? 1   ARG B N    1 
ATOM   564  C CA   . ARG B 1 4  ? 1.644   19.352  2.150   1.00 4.44  ? 1   ARG B CA   1 
ATOM   565  C C    . ARG B 1 4  ? 1.198   18.167  2.993   1.00 3.25  ? 1   ARG B C    1 
ATOM   566  O O    . ARG B 1 4  ? 1.163   17.030  2.536   1.00 4.14  ? 1   ARG B O    1 
ATOM   567  C CB   . ARG B 1 4  ? 3.055   19.761  2.568   1.00 4.93  ? 1   ARG B CB   1 
ATOM   568  C CG   . ARG B 1 4  ? 3.740   20.747  1.636   1.00 4.47  ? 1   ARG B CG   1 
ATOM   569  C CD   . ARG B 1 4  ? 4.937   21.383  2.338   1.00 5.53  ? 1   ARG B CD   1 
ATOM   570  N NE   . ARG B 1 4  ? 5.852   22.061  1.431   1.00 4.48  ? 1   ARG B NE   1 
ATOM   571  C CZ   . ARG B 1 4  ? 7.041   22.508  1.807   1.00 5.23  ? 1   ARG B CZ   1 
ATOM   572  N NH1  . ARG B 1 4  ? 7.357   22.554  3.104   1.00 6.08  ? 1   ARG B NH1  1 
ATOM   573  N NH2  . ARG B 1 4  ? 7.900   22.950  0.890   1.00 5.94  ? 1   ARG B NH2  1 
ATOM   574  H HA   . ARG B 1 4  ? 1.660   19.082  1.209   1.00 5.30  ? 1   ARG B HA   1 
ATOM   575  N N    . MET B 1 5  ? 0.883   18.431  4.247   1.00 4.07  ? 2   MET B N    1 
ATOM   576  C CA   . MET B 1 5  ? 0.464   17.352  5.118   1.00 4.58  ? 2   MET B CA   1 
ATOM   577  C C    . MET B 1 5  ? -0.847  16.748  4.649   1.00 3.51  ? 2   MET B C    1 
ATOM   578  O O    . MET B 1 5  ? -0.999  15.531  4.687   1.00 4.69  ? 2   MET B O    1 
ATOM   579  C CB   . MET B 1 5  ? 0.342   17.844  6.542   1.00 7.43  ? 2   MET B CB   1 
ATOM   580  C CG   . MET B 1 5  ? 1.711   17.927  7.221   1.00 8.74  ? 2   MET B CG   1 
ATOM   581  S SD   . MET B 1 5  ? 1.638   18.612  8.882   1.00 10.73 ? 2   MET B SD   1 
ATOM   582  C CE   . MET B 1 5  ? 0.150   18.068  9.341   1.00 7.11  ? 2   MET B CE   1 
ATOM   583  H H    . MET B 1 5  ? 0.902   19.209  4.613   1.00 4.84  ? 2   MET B H    1 
ATOM   584  H HA   . MET B 1 5  ? 1.152   16.655  5.103   1.00 5.46  ? 2   MET B HA   1 
ATOM   585  H HB2  . MET B 1 5  ? -0.052  18.730  6.542   1.00 8.88  ? 2   MET B HB2  1 
ATOM   586  H HB3  . MET B 1 5  ? -0.211  17.229  7.047   1.00 8.88  ? 2   MET B HB3  1 
ATOM   587  H HG2  . MET B 1 5  ? 2.087   17.036  7.282   1.00 10.45 ? 2   MET B HG2  1 
ATOM   588  H HG3  . MET B 1 5  ? 2.292   18.495  6.691   1.00 10.45 ? 2   MET B HG3  1 
ATOM   589  H HE1  . MET B 1 5  ? 0.145   17.108  9.309   1.00 8.49  ? 2   MET B HE1  1 
ATOM   590  H HE2  . MET B 1 5  ? -0.029  18.366  10.236  1.00 8.49  ? 2   MET B HE2  1 
ATOM   591  H HE3  . MET B 1 5  ? -0.510  18.419  8.739   1.00 8.49  ? 2   MET B HE3  1 
ATOM   592  N N    . LYS B 1 6  ? -1.802  17.576  4.212   1.00 3.68  ? 3   LYS B N    1 
ATOM   593  C CA   . LYS B 1 6  ? -3.046  17.002  3.701   1.00 4.17  ? 3   LYS B CA   1 
ATOM   594  C C    . LYS B 1 6  ? -2.755  16.015  2.574   1.00 4.14  ? 3   LYS B C    1 
ATOM   595  O O    . LYS B 1 6  ? -3.368  14.941  2.499   1.00 4.46  ? 3   LYS B O    1 
ATOM   596  C CB   . LYS B 1 6  ? -4.035  18.063  3.211   1.00 5.32  ? 3   LYS B CB   1 
ATOM   597  C CG   . LYS B 1 6  ? -5.403  17.462  2.874   1.00 6.01  ? 3   LYS B CG   1 
ATOM   598  C CD   . LYS B 1 6  ? -6.366  18.420  2.183   1.00 7.67  ? 3   LYS B CD   1 
ATOM   599  C CE   . LYS B 1 6  ? -7.778  17.847  2.041   1.00 8.92  ? 3   LYS B CE   1 
ATOM   600  N NZ   . LYS B 1 6  ? -7.856  16.652  1.153   1.00 9.54  ? 3   LYS B NZ   1 
ATOM   601  H H    . LYS B 1 6  ? -1.757  18.434  4.200   1.00 4.38  ? 3   LYS B H    1 
ATOM   602  H HA   . LYS B 1 6  ? -3.481  16.505  4.425   1.00 4.97  ? 3   LYS B HA   1 
ATOM   603  H HB2  . LYS B 1 6  ? -4.160  18.727  3.907   1.00 6.35  ? 3   LYS B HB2  1 
ATOM   604  H HB3  . LYS B 1 6  ? -3.683  18.480  2.411   1.00 6.35  ? 3   LYS B HB3  1 
ATOM   605  H HG2  . LYS B 1 6  ? -5.270  16.703  2.284   1.00 7.18  ? 3   LYS B HG2  1 
ATOM   606  H HG3  . LYS B 1 6  ? -5.822  17.165  3.697   1.00 7.18  ? 3   LYS B HG3  1 
ATOM   607  H HD2  . LYS B 1 6  ? -6.425  19.237  2.704   1.00 9.17  ? 3   LYS B HD2  1 
ATOM   608  H HD3  . LYS B 1 6  ? -6.031  18.617  1.294   1.00 9.17  ? 3   LYS B HD3  1 
ATOM   609  H HE2  . LYS B 1 6  ? -8.099  17.586  2.918   1.00 10.67 ? 3   LYS B HE2  1 
ATOM   610  H HE3  . LYS B 1 6  ? -8.357  18.530  1.669   1.00 10.67 ? 3   LYS B HE3  1 
ATOM   611  H HZ1  . LYS B 1 6  ? -7.342  16.000  1.475   1.00 11.41 ? 3   LYS B HZ1  1 
ATOM   612  H HZ2  . LYS B 1 6  ? -8.696  16.361  1.106   1.00 11.41 ? 3   LYS B HZ2  1 
ATOM   613  H HZ3  . LYS B 1 6  ? -7.577  16.863  0.335   1.00 11.41 ? 3   LYS B HZ3  1 
ATOM   614  N N    . GLN B 1 7  ? -1.883  16.385  1.646   1.00 4.05  ? 4   GLN B N    1 
ATOM   615  C CA   . GLN B 1 7  ? -1.623  15.511  0.504   1.00 4.76  ? 4   GLN B CA   1 
ATOM   616  C C    . GLN B 1 7  ? -1.029  14.181  0.957   1.00 4.57  ? 4   GLN B C    1 
ATOM   617  O O    . GLN B 1 7  ? -1.376  13.128  0.402   1.00 5.21  ? 4   GLN B O    1 
ATOM   618  C CB   . GLN B 1 7  ? -0.715  16.184  -0.534  1.00 5.36  ? 4   GLN B CB   1 
ATOM   619  C CG   . GLN B 1 7  ? -1.397  17.330  -1.288  1.00 7.61  ? 4   GLN B CG   1 
ATOM   620  C CD   . GLN B 1 7  ? -2.652  16.876  -1.987  1.00 9.12  ? 4   GLN B CD   1 
ATOM   621  O OE1  . GLN B 1 7  ? -2.625  15.936  -2.784  1.00 12.55 ? 4   GLN B OE1  1 
ATOM   622  N NE2  . GLN B 1 7  ? -3.775  17.516  -1.670  1.00 11.91 ? 4   GLN B NE2  1 
ATOM   623  H H    . GLN B 1 7  ? -1.437  17.120  1.651   1.00 4.82  ? 4   GLN B H    1 
ATOM   624  H HA   . GLN B 1 7  ? -2.477  15.316  0.064   1.00 5.67  ? 4   GLN B HA   1 
ATOM   625  H HB2  . GLN B 1 7  ? 0.064   16.546  -0.082  1.00 6.39  ? 4   GLN B HB2  1 
ATOM   626  H HB3  . GLN B 1 7  ? -0.439  15.521  -1.185  1.00 6.39  ? 4   GLN B HB3  1 
ATOM   627  H HG2  . GLN B 1 7  ? -1.637  18.029  -0.659  1.00 9.10  ? 4   GLN B HG2  1 
ATOM   628  H HG3  . GLN B 1 7  ? -0.787  17.679  -1.958  1.00 9.10  ? 4   GLN B HG3  1 
ATOM   629  H HE21 . GLN B 1 7  ? -3.760  18.153  -1.094  1.00 14.25 ? 4   GLN B HE21 1 
ATOM   630  H HE22 . GLN B 1 7  ? -4.518  17.293  -2.043  1.00 14.25 ? 4   GLN B HE22 1 
ATOM   631  N N    . LEU B 1 8  ? -0.115  14.204  1.915   1.00 3.86  ? 5   LEU B N    1 
ATOM   632  C CA   . LEU B 1 8  ? 0.440   12.949  2.418   1.00 4.15  ? 5   LEU B CA   1 
ATOM   633  C C    . LEU B 1 8  ? -0.571  12.143  3.212   1.00 4.46  ? 5   LEU B C    1 
ATOM   634  O O    . LEU B 1 8  ? -0.608  10.926  3.099   1.00 5.27  ? 5   LEU B O    1 
ATOM   635  C CB   . LEU B 1 8  ? 1.694   13.179  3.247   1.00 5.25  ? 5   LEU B CB   1 
ATOM   636  C CG   . LEU B 1 8  ? 2.885   13.819  2.517   1.00 5.25  ? 5   LEU B CG   1 
ATOM   637  C CD1  . LEU B 1 8  ? 4.034   14.062  3.458   1.00 11.05 ? 5   LEU B CD1  1 
ATOM   638  C CD2  . LEU B 1 8  ? 3.361   12.959  1.369   1.00 13.74 ? 5   LEU B CD2  1 
ATOM   639  H H    . LEU B 1 8  ? 0.198   14.914  2.287   1.00 4.60  ? 5   LEU B H    1 
ATOM   640  H HA   . LEU B 1 8  ? 0.700   12.404  1.648   1.00 4.95  ? 5   LEU B HA   1 
ATOM   641  H HB2  . LEU B 1 8  ? 1.466   13.760  3.990   1.00 6.26  ? 5   LEU B HB2  1 
ATOM   642  H HB3  . LEU B 1 8  ? 1.994   12.321  3.590   1.00 6.26  ? 5   LEU B HB3  1 
ATOM   643  H HG   . LEU B 1 8  ? 2.610   14.675  2.154   1.00 6.27  ? 5   LEU B HG   1 
ATOM   644  H HD11 . LEU B 1 8  ? 3.744   14.653  4.157   1.00 13.23 ? 5   LEU B HD11 1 
ATOM   645  H HD12 . LEU B 1 8  ? 4.313   13.223  3.833   1.00 13.23 ? 5   LEU B HD12 1 
ATOM   646  H HD13 . LEU B 1 8  ? 4.758   14.461  2.972   1.00 13.23 ? 5   LEU B HD13 1 
ATOM   647  H HD21 . LEU B 1 8  ? 3.634   12.106  1.713   1.00 16.46 ? 5   LEU B HD21 1 
ATOM   648  H HD22 . LEU B 1 8  ? 2.641   12.847  0.744   1.00 16.46 ? 5   LEU B HD22 1 
ATOM   649  H HD23 . LEU B 1 8  ? 4.102   13.393  0.941   1.00 16.46 ? 5   LEU B HD23 1 
ATOM   650  N N    . GLU B 1 9  ? -1.415  12.819  3.989   1.00 4.31  ? 6   GLU B N    1 
ATOM   651  C CA   . GLU B 1 9  ? -2.494  12.125  4.708   1.00 4.71  ? 6   GLU B CA   1 
ATOM   652  C C    . GLU B 1 9  ? -3.396  11.414  3.727   1.00 4.31  ? 6   GLU B C    1 
ATOM   653  O O    . GLU B 1 9  ? -3.789  10.255  3.937   1.00 5.46  ? 6   GLU B O    1 
ATOM   654  C CB   . GLU B 1 9  ? -3.313  13.123  5.531   1.00 5.01  ? 6   GLU B CB   1 
ATOM   655  C CG   . GLU B 1 9  ? -2.548  13.681  6.708   1.00 5.09  ? 6   GLU B CG   1 
ATOM   656  C CD   . GLU B 1 9  ? -3.144  14.952  7.270   1.00 6.12  ? 6   GLU B CD   1 
ATOM   657  O OE1  . GLU B 1 9  ? -4.137  15.507  6.746   1.00 7.32  ? 6   GLU B OE1  1 
ATOM   658  O OE2  . GLU B 1 9  ? -2.573  15.466  8.254   1.00 7.05  ? 6   GLU B OE2  1 
ATOM   659  H H    . GLU B 1 9  ? -1.389  13.669  4.118   1.00 5.14  ? 6   GLU B H    1 
ATOM   660  H HA   . GLU B 1 9  ? -2.109  11.460  5.317   1.00 5.61  ? 6   GLU B HA   1 
ATOM   661  H HB2  . GLU B 1 9  ? -3.570  13.866  4.962   1.00 5.97  ? 6   GLU B HB2  1 
ATOM   662  H HB3  . GLU B 1 9  ? -4.104  12.678  5.872   1.00 5.97  ? 6   GLU B HB3  1 
ATOM   663  H HG2  . GLU B 1 9  ? -2.536  13.019  7.416   1.00 6.08  ? 6   GLU B HG2  1 
ATOM   664  H HG3  . GLU B 1 9  ? -1.641  13.879  6.427   1.00 6.08  ? 6   GLU B HG3  1 
ATOM   665  N N    . ASP B 1 10 ? -3.762  12.092  2.658   1.00 4.98  ? 7   ASP B N    1 
ATOM   666  C CA   . ASP B 1 10 ? -4.628  11.512  1.667   1.00 5.52  ? 7   ASP B CA   1 
ATOM   667  C C    . ASP B 1 10 ? -3.978  10.301  1.022   1.00 4.89  ? 7   ASP B C    1 
ATOM   668  O O    . ASP B 1 10 ? -4.657  9.291   0.760   1.00 5.13  ? 7   ASP B O    1 
ATOM   669  C CB   . ASP B 1 10 ? -5.012  12.551  0.628   1.00 7.94  ? 7   ASP B CB   1 
ATOM   670  C CG   . ASP B 1 10 ? -5.959  13.621  1.190   1.00 9.25  ? 7   ASP B CG   1 
ATOM   671  O OD1  . ASP B 1 10 ? -6.527  13.402  2.281   1.00 13.86 ? 7   ASP B OD1  1 
ATOM   672  O OD2  . ASP B 1 10 ? -6.106  14.643  0.536   1.00 12.99 ? 7   ASP B OD2  1 
ATOM   673  H H    . ASP B 1 10 ? -3.518  12.899  2.485   1.00 5.94  ? 7   ASP B H    1 
ATOM   674  H HA   . ASP B 1 10 ? -5.450  11.210  2.106   1.00 6.59  ? 7   ASP B HA   1 
ATOM   675  H HB2  . ASP B 1 10 ? -4.210  12.996  0.313   1.00 9.49  ? 7   ASP B HB2  1 
ATOM   676  H HB3  . ASP B 1 10 ? -5.461  12.111  -0.110  1.00 9.49  ? 7   ASP B HB3  1 
ATOM   677  N N    . LYS B 1 11 ? -2.679  10.392  0.751   1.00 4.78  ? 8   LYS B N    1 
ATOM   678  C CA   . LYS B 1 11 ? -1.964  9.296   0.118   1.00 4.65  ? 8   LYS B CA   1 
ATOM   679  C C    . LYS B 1 11 ? -1.903  8.092   1.059   1.00 4.37  ? 8   LYS B C    1 
ATOM   680  O O    . LYS B 1 11 ? -2.037  6.943   0.617   1.00 5.05  ? 8   LYS B O    1 
ATOM   681  C CB   . LYS B 1 11 ? -0.568  9.749   -0.308  1.00 6.04  ? 8   LYS B CB   1 
ATOM   682  C CG   . LYS B 1 11 ? 0.161   8.727   -1.122  1.00 7.23  ? 8   LYS B CG   1 
ATOM   683  C CD   . LYS B 1 11 ? -0.563  8.487   -2.427  1.00 11.35 ? 8   LYS B CD   1 
ATOM   684  C CE   . LYS B 1 11 ? 0.202   7.550   -3.329  1.00 13.69 ? 8   LYS B CE   1 
ATOM   685  N NZ   . LYS B 1 11 ? -0.499  7.376   -4.633  1.00 16.64 ? 8   LYS B NZ   1 
ATOM   686  H H    . LYS B 1 11 ? -2.191  11.079  0.923   1.00 5.70  ? 8   LYS B H    1 
ATOM   687  H HA   . LYS B 1 11 ? -2.451  9.022   -0.687  1.00 5.55  ? 8   LYS B HA   1 
ATOM   688  H HB2  . LYS B 1 11 ? -0.649  10.554  -0.844  1.00 7.21  ? 8   LYS B HB2  1 
ATOM   689  H HB3  . LYS B 1 11 ? -0.040  9.931   0.485   1.00 7.21  ? 8   LYS B HB3  1 
ATOM   690  H HG2  . LYS B 1 11 ? 1.055   9.048   -1.320  1.00 8.64  ? 8   LYS B HG2  1 
ATOM   691  H HG3  . LYS B 1 11 ? 0.200   7.891   -0.632  1.00 8.64  ? 8   LYS B HG3  1 
ATOM   692  H HD2  . LYS B 1 11 ? -1.428  8.091   -2.242  1.00 13.58 ? 8   LYS B HD2  1 
ATOM   693  H HD3  . LYS B 1 11 ? -0.673  9.331   -2.890  1.00 13.58 ? 8   LYS B HD3  1 
ATOM   694  H HE2  . LYS B 1 11 ? 1.083   7.918   -3.501  1.00 16.40 ? 8   LYS B HE2  1 
ATOM   695  H HE3  . LYS B 1 11 ? 0.275   6.681   -2.902  1.00 16.40 ? 8   LYS B HE3  1 
ATOM   696  H HZ1  . LYS B 1 11 ? -0.038  6.822   -5.155  1.00 19.93 ? 8   LYS B HZ1  1 
ATOM   697  H HZ2  . LYS B 1 11 ? -1.312  7.038   -4.499  1.00 19.93 ? 8   LYS B HZ2  1 
ATOM   698  H HZ3  . LYS B 1 11 ? -0.577  8.162   -5.043  1.00 19.93 ? 8   LYS B HZ3  1 
ATOM   699  N N    . VAL B 1 12 ? -1.681  8.311   2.348   1.00 3.91  ? 9   VAL B N    1 
ATOM   700  C CA   . VAL B 1 12 ? -1.736  7.201   3.290   1.00 4.87  ? 9   VAL B CA   1 
ATOM   701  C C    . VAL B 1 12 ? -3.092  6.496   3.175   1.00 3.48  ? 9   VAL B C    1 
ATOM   702  O O    . VAL B 1 12 ? -3.152  5.272   3.091   1.00 4.08  ? 9   VAL B O    1 
ATOM   703  C CB   . VAL B 1 12 ? -1.494  7.663   4.751   1.00 4.21  ? 9   VAL B CB   1 
ATOM   704  C CG1  . VAL B 1 12 ? -1.859  6.554   5.717   1.00 4.64  ? 9   VAL B CG1  1 
ATOM   705  C CG2  . VAL B 1 12 ? -0.057  8.124   4.941   1.00 4.74  ? 9   VAL B CG2  1 
ATOM   706  H H    . VAL B 1 12 ? -1.500  9.075   2.698   1.00 4.65  ? 9   VAL B H    1 
ATOM   707  H HA   . VAL B 1 12 ? -1.038  6.554   3.059   1.00 5.81  ? 9   VAL B HA   1 
ATOM   708  H HB   . VAL B 1 12 ? -2.078  8.426   4.940   1.00 5.01  ? 9   VAL B HB   1 
ATOM   709  H HG11 . VAL B 1 12 ? -1.703  6.858   6.614   1.00 5.53  ? 9   VAL B HG11 1 
ATOM   710  H HG12 . VAL B 1 12 ? -2.786  6.333   5.602   1.00 5.53  ? 9   VAL B HG12 1 
ATOM   711  H HG13 . VAL B 1 12 ? -1.314  5.786   5.531   1.00 5.53  ? 9   VAL B HG13 1 
ATOM   712  H HG21 . VAL B 1 12 ? 0.413   8.034   4.108   1.00 5.65  ? 9   VAL B HG21 1 
ATOM   713  H HG22 . VAL B 1 12 ? -0.058  9.042   5.220   1.00 5.65  ? 9   VAL B HG22 1 
ATOM   714  H HG23 . VAL B 1 12 ? 0.360   7.579   5.613   1.00 5.65  ? 9   VAL B HG23 1 
ATOM   715  N N    . GLY B 1 13 ? -4.192  7.251   3.190   1.00 4.38  ? 10  GLY B N    1 
ATOM   716  C CA   . GLY B 1 13 ? -5.517  6.646   3.084   1.00 5.20  ? 10  GLY B CA   1 
ATOM   717  C C    . GLY B 1 13 ? -5.689  5.860   1.802   1.00 5.17  ? 10  GLY B C    1 
ATOM   718  O O    . GLY B 1 13 ? -6.237  4.750   1.787   1.00 4.99  ? 10  GLY B O    1 
ATOM   719  H H    . GLY B 1 13 ? -4.197  8.108   3.258   1.00 5.22  ? 10  GLY B H    1 
ATOM   720  H HA2  . GLY B 1 13 ? -5.659  6.047   3.833   1.00 6.20  ? 10  GLY B HA2  1 
ATOM   721  H HA3  . GLY B 1 13 ? -6.193  7.341   3.113   1.00 6.20  ? 10  GLY B HA3  1 
ATOM   722  N N    . GLU B 1 14 ? -5.219  6.426   0.709   1.00 4.51  ? 11  GLU B N    1 
ATOM   723  C CA   . GLU B 1 14 ? -5.345  5.752   -0.588  1.00 5.06  ? 11  GLU B CA   1 
ATOM   724  C C    . GLU B 1 14 ? -4.553  4.451   -0.634  1.00 4.55  ? 11  GLU B C    1 
ATOM   725  O O    . GLU B 1 14 ? -5.008  3.448   -1.221  1.00 4.98  ? 11  GLU B O    1 
ATOM   726  C CB   . GLU B 1 14 ? -4.914  6.702   -1.705  1.00 6.60  ? 11  GLU B CB   1 
ATOM   727  C CG   . GLU B 1 14 ? -5.891  7.877   -1.870  1.00 9.24  ? 11  GLU B CG   1 
ATOM   728  C CD   . GLU B 1 14 ? -5.310  9.094   -2.568  1.00 14.27 ? 11  GLU B CD   1 
ATOM   729  O OE1  . GLU B 1 14 ? -4.132  9.073   -2.991  1.00 12.81 ? 11  GLU B OE1  1 
ATOM   730  O OE2  . GLU B 1 14 ? -6.059  10.098  -2.688  1.00 14.47 ? 11  GLU B OE2  1 
ATOM   731  H H    . GLU B 1 14 ? -4.825  7.189   0.680   1.00 5.37  ? 11  GLU B H    1 
ATOM   732  H HA   . GLU B 1 14 ? -6.288  5.530   -0.734  1.00 6.03  ? 11  GLU B HA   1 
ATOM   733  H HB2  . GLU B 1 14 ? -4.038  7.063   -1.496  1.00 7.89  ? 11  GLU B HB2  1 
ATOM   734  H HB3  . GLU B 1 14 ? -4.882  6.215   -2.544  1.00 7.89  ? 11  GLU B HB3  1 
ATOM   735  H HG2  . GLU B 1 14 ? -6.653  7.577   -2.390  1.00 11.05 ? 11  GLU B HG2  1 
ATOM   736  H HG3  . GLU B 1 14 ? -6.188  8.159   -0.989  1.00 11.05 ? 11  GLU B HG3  1 
ATOM   737  N N    . LEU B 1 15 ? -3.371  4.461   -0.034  1.00 4.46  ? 12  LEU B N    1 
ATOM   738  C CA   . LEU B 1 15 ? -2.536  3.262   -0.024  1.00 4.43  ? 12  LEU B CA   1 
ATOM   739  C C    . LEU B 1 15 ? -3.058  2.194   0.928   1.00 3.92  ? 12  LEU B C    1 
ATOM   740  O O    . LEU B 1 15 ? -2.960  0.992   0.624   1.00 4.61  ? 12  LEU B O    1 
ATOM   741  C CB   . LEU B 1 15 ? -1.081  3.612   0.298   1.00 4.98  ? 12  LEU B CB   1 
ATOM   742  C CG   . LEU B 1 15 ? -0.366  4.345   -0.834  1.00 6.95  ? 12  LEU B CG   1 
ATOM   743  C CD1  . LEU B 1 15 ? 0.910   4.967   -0.345  1.00 7.44  ? 12  LEU B CD1  1 
ATOM   744  C CD2  . LEU B 1 15 ? -0.044  3.402   -1.996  1.00 12.38 ? 12  LEU B CD2  1 
ATOM   745  H H    . LEU B 1 15 ? -3.030  5.140   0.370   1.00 5.31  ? 12  LEU B H    1 
ATOM   746  H HA   . LEU B 1 15 ? -2.547  2.876   -0.924  1.00 5.28  ? 12  LEU B HA   1 
ATOM   747  H HB2  . LEU B 1 15 ? -1.061  4.183   1.082   1.00 5.94  ? 12  LEU B HB2  1 
ATOM   748  H HB3  . LEU B 1 15 ? -0.593  2.792   0.476   1.00 5.94  ? 12  LEU B HB3  1 
ATOM   749  H HG   . LEU B 1 15 ? -0.939  5.054   -1.168  1.00 8.30  ? 12  LEU B HG   1 
ATOM   750  H HD11 . LEU B 1 15 ? 0.704   5.592   0.354   1.00 8.89  ? 12  LEU B HD11 1 
ATOM   751  H HD12 . LEU B 1 15 ? 1.484   4.276   -0.008  1.00 8.89  ? 12  LEU B HD12 1 
ATOM   752  H HD13 . LEU B 1 15 ? 1.336   5.420   -1.075  1.00 8.89  ? 12  LEU B HD13 1 
ATOM   753  H HD21 . LEU B 1 15 ? 0.524   2.698   -1.676  1.00 14.82 ? 12  LEU B HD21 1 
ATOM   754  H HD22 . LEU B 1 15 ? -0.863  3.034   -2.334  1.00 14.82 ? 12  LEU B HD22 1 
ATOM   755  H HD23 . LEU B 1 15 ? 0.403   3.898   -2.685  1.00 14.82 ? 12  LEU B HD23 1 
ATOM   756  N N    . LEU B 1 16 ? -3.617  2.610   2.060   1.00 3.58  ? 13  LEU B N    1 
ATOM   757  C CA   . LEU B 1 16 ? -4.259  1.652   2.949   1.00 3.58  ? 13  LEU B CA   1 
ATOM   758  C C    . LEU B 1 16 ? -5.408  0.937   2.243   1.00 3.40  ? 13  LEU B C    1 
ATOM   759  O O    . LEU B 1 16 ? -5.578  -0.274  2.369   1.00 4.12  ? 13  LEU B O    1 
ATOM   760  C CB   . LEU B 1 16 ? -4.768  2.323   4.212   1.00 3.88  ? 13  LEU B CB   1 
ATOM   761  C CG   . LEU B 1 16 ? -3.709  2.759   5.220   1.00 4.90  ? 13  LEU B CG   1 
ATOM   762  C CD1  . LEU B 1 16 ? -4.327  3.648   6.317   1.00 5.01  ? 13  LEU B CD1  1 
ATOM   763  C CD2  . LEU B 1 16 ? -3.016  1.569   5.838   1.00 5.15  ? 13  LEU B CD2  1 
ATOM   764  H H    . LEU B 1 16 ? -3.638  3.427   2.332   1.00 4.26  ? 13  LEU B H    1 
ATOM   765  H HA   . LEU B 1 16 ? -3.602  0.976   3.214   1.00 4.26  ? 13  LEU B HA   1 
ATOM   766  H HB2  . LEU B 1 16 ? -5.266  3.115   3.955   1.00 4.62  ? 13  LEU B HB2  1 
ATOM   767  H HB3  . LEU B 1 16 ? -5.362  1.705   4.667   1.00 4.62  ? 13  LEU B HB3  1 
ATOM   768  H HG   . LEU B 1 16 ? -3.038  3.285   4.757   1.00 5.84  ? 13  LEU B HG   1 
ATOM   769  H HD11 . LEU B 1 16 ? -4.709  4.428   5.909   1.00 5.97  ? 13  LEU B HD11 1 
ATOM   770  H HD12 . LEU B 1 16 ? -5.007  3.150   6.775   1.00 5.97  ? 13  LEU B HD12 1 
ATOM   771  H HD13 . LEU B 1 16 ? -3.638  3.904   6.934   1.00 5.97  ? 13  LEU B HD13 1 
ATOM   772  H HD21 . LEU B 1 16 ? -3.667  1.028   6.290   1.00 6.15  ? 13  LEU B HD21 1 
ATOM   773  H HD22 . LEU B 1 16 ? -2.591  1.060   5.144   1.00 6.15  ? 13  LEU B HD22 1 
ATOM   774  H HD23 . LEU B 1 16 ? -2.359  1.882   6.464   1.00 6.15  ? 13  LEU B HD23 1 
ATOM   775  N N    . PHE B 1 17 ? -6.190  1.690   1.486   1.00 3.80  ? 14  PHE B N    1 
ATOM   776  C CA   . PHE B 1 17 ? -7.276  1.143   0.675   1.00 4.00  ? 14  PHE B CA   1 
ATOM   777  C C    . PHE B 1 17 ? -6.743  0.149   -0.354  1.00 3.79  ? 14  PHE B C    1 
ATOM   778  O O    . PHE B 1 17 ? -7.228  -0.992  -0.470  1.00 4.46  ? 14  PHE B O    1 
ATOM   779  C CB   . PHE B 1 17 ? -8.033  2.291   -0.001  1.00 4.48  ? 14  PHE B CB   1 
ATOM   780  C CG   . PHE B 1 17 ? -9.089  1.845   -0.978  1.00 5.20  ? 14  PHE B CG   1 
ATOM   781  C CD1  . PHE B 1 17 ? -8.788  1.611   -2.314  1.00 5.63  ? 14  PHE B CD1  1 
ATOM   782  C CD2  . PHE B 1 17 ? -10.417 1.705   -0.561  1.00 5.91  ? 14  PHE B CD2  1 
ATOM   783  C CE1  . PHE B 1 17 ? -9.774  1.234   -3.185  1.00 6.59  ? 14  PHE B CE1  1 
ATOM   784  C CE2  . PHE B 1 17 ? -11.409 1.335   -1.443  1.00 7.39  ? 14  PHE B CE2  1 
ATOM   785  C CZ   . PHE B 1 17 ? -11.092 1.092   -2.747  1.00 7.17  ? 14  PHE B CZ   1 
ATOM   786  H H    . PHE B 1 17 ? -6.113  2.543   1.421   1.00 4.53  ? 14  PHE B H    1 
ATOM   787  H HA   . PHE B 1 17 ? -7.904  0.668   1.259   1.00 4.77  ? 14  PHE B HA   1 
ATOM   788  H HB2  . PHE B 1 17 ? -8.469  2.823   0.683   1.00 5.33  ? 14  PHE B HB2  1 
ATOM   789  H HB3  . PHE B 1 17 ? -7.397  2.841   -0.487  1.00 5.33  ? 14  PHE B HB3  1 
ATOM   790  H HD1  . PHE B 1 17 ? -7.913  1.705   -2.616  1.00 6.72  ? 14  PHE B HD1  1 
ATOM   791  H HD2  . PHE B 1 17 ? -10.636 1.871   0.327   1.00 7.06  ? 14  PHE B HD2  1 
ATOM   792  H HE1  . PHE B 1 17 ? -9.564  1.070   -4.076  1.00 7.87  ? 14  PHE B HE1  1 
ATOM   793  H HE2  . PHE B 1 17 ? -12.286 1.234   -1.148  1.00 8.84  ? 14  PHE B HE2  1 
ATOM   794  H HZ   . PHE B 1 17 ? -11.755 0.832   -3.346  1.00 8.56  ? 14  PHE B HZ   1 
ATOM   795  N N    . SER B 1 18 ? -5.737  0.568   -1.107  1.00 4.04  ? 15  SER B N    1 
ATOM   796  C CA   . SER B 1 18 ? -5.204  -0.291  -2.156  1.00 4.69  ? 15  SER B CA   1 
ATOM   797  C C    . SER B 1 18 ? -4.607  -1.574  -1.592  1.00 4.84  ? 15  SER B C    1 
ATOM   798  O O    . SER B 1 18 ? -4.769  -2.649  -2.147  1.00 5.37  ? 15  SER B O    1 
ATOM   799  C CB   . SER B 1 18 ? -4.143  0.443   -2.946  1.00 7.49  ? 15  SER B CB   1 
ATOM   800  O OG   . SER B 1 18 ? -4.731  1.449   -3.740  1.00 16.09 ? 15  SER B OG   1 
ATOM   801  H H    . SER B 1 18 ? -5.350  1.333   -1.036  1.00 4.82  ? 15  SER B H    1 
ATOM   802  H HA   . SER B 1 18 ? -5.927  -0.536  -2.771  1.00 5.60  ? 15  SER B HA   1 
ATOM   803  H HB2  . SER B 1 18 ? -3.515  0.851   -2.330  1.00 8.95  ? 15  SER B HB2  1 
ATOM   804  H HB3  . SER B 1 18 ? -3.683  -0.188  -3.521  1.00 8.95  ? 15  SER B HB3  1 
ATOM   805  H HG   . SER B 1 18 ? -4.153  1.844   -4.167  1.00 19.27 ? 15  SER B HG   1 
ATOM   806  N N    . ASN B 1 19 ? -3.921  -1.437  -0.464  1.00 4.42  ? 16  ASN B N    1 
ATOM   807  C CA   . ASN B 1 19 ? -3.288  -2.583  0.142   1.00 5.40  ? 16  ASN B CA   1 
ATOM   808  C C    . ASN B 1 19 ? -4.283  -3.563  0.719   1.00 4.94  ? 16  ASN B C    1 
ATOM   809  O O    . ASN B 1 19 ? -4.076  -4.767  0.620   1.00 5.34  ? 16  ASN B O    1 
ATOM   810  C CB   . ASN B 1 19 ? -2.275  -2.121  1.173   1.00 10.32 ? 16  ASN B CB   1 
ATOM   811  C CG   . ASN B 1 19 ? -0.980  -1.551  0.527   1.00 10.42 ? 16  ASN B CG   1 
ATOM   812  O OD1  . ASN B 1 19 ? -0.748  -1.610  -0.689  1.00 11.41 ? 16  ASN B OD1  1 
ATOM   813  N ND2  . ASN B 1 19 ? -0.109  -1.037  1.370   1.00 11.91 ? 16  ASN B ND2  1 
ATOM   814  H H    . ASN B 1 19 ? -3.813  -0.698  -0.037  1.00 5.26  ? 16  ASN B H    1 
ATOM   815  H HA   . ASN B 1 19 ? -2.791  -3.058  -0.557  1.00 6.44  ? 16  ASN B HA   1 
ATOM   816  N N    . TYR B 1 20 ? -5.370  -3.067  1.278   1.00 4.13  ? 17  TYR B N    1 
ATOM   817  C CA   . TYR B 1 20 ? -6.465  -3.920  1.722   1.00 3.92  ? 17  TYR B CA   1 
ATOM   818  C C    . TYR B 1 20 ? -6.964  -4.778  0.558   1.00 4.47  ? 17  TYR B C    1 
ATOM   819  O O    . TYR B 1 20 ? -7.098  -5.989  0.689   1.00 4.67  ? 17  TYR B O    1 
ATOM   820  C CB   . TYR B 1 20 ? -7.585  -3.075  2.302   1.00 5.20  ? 17  TYR B CB   1 
ATOM   821  C CG   . TYR B 1 20 ? -8.880  -3.793  2.529   1.00 4.36  ? 17  TYR B CG   1 
ATOM   822  C CD1  . TYR B 1 20 ? -9.067  -4.619  3.631   1.00 4.63  ? 17  TYR B CD1  1 
ATOM   823  C CD2  . TYR B 1 20 ? -9.938  -3.654  1.646   1.00 5.59  ? 17  TYR B CD2  1 
ATOM   824  C CE1  . TYR B 1 20 ? -10.251 -5.267  3.840   1.00 5.59  ? 17  TYR B CE1  1 
ATOM   825  C CE2  . TYR B 1 20 ? -11.135 -4.317  1.856   1.00 7.35  ? 17  TYR B CE2  1 
ATOM   826  C CZ   . TYR B 1 20 ? -11.295 -5.093  2.964   1.00 5.82  ? 17  TYR B CZ   1 
ATOM   827  O OH   . TYR B 1 20 ? -12.482 -5.742  3.182   1.00 8.64  ? 17  TYR B OH   1 
ATOM   828  H H    . TYR B 1 20 ? -5.503  -2.228  1.416   1.00 4.92  ? 17  TYR B H    1 
ATOM   829  H HA   . TYR B 1 20 ? -6.140  -4.520  2.426   1.00 4.67  ? 17  TYR B HA   1 
ATOM   830  H HB2  . TYR B 1 20 ? -7.293  -2.725  3.158   1.00 6.21  ? 17  TYR B HB2  1 
ATOM   831  H HB3  . TYR B 1 20 ? -7.763  -2.340  1.694   1.00 6.21  ? 17  TYR B HB3  1 
ATOM   832  H HD1  . TYR B 1 20 ? -8.374  -4.726  4.242   1.00 5.52  ? 17  TYR B HD1  1 
ATOM   833  H HD2  . TYR B 1 20 ? -9.842  -3.109  0.898   1.00 6.67  ? 17  TYR B HD2  1 
ATOM   834  H HE1  . TYR B 1 20 ? -10.359 -5.803  4.592   1.00 6.67  ? 17  TYR B HE1  1 
ATOM   835  H HE2  . TYR B 1 20 ? -11.840 -4.201  1.261   1.00 8.78  ? 17  TYR B HE2  1 
ATOM   836  H HH   . TYR B 1 20 ? -12.654 -6.232  2.547   1.00 10.33 ? 17  TYR B HH   1 
ATOM   837  N N    . TRP B 1 21 ? -7.254  -4.167  -0.573  1.00 4.17  ? 18  TRP B N    1 
ATOM   838  C CA   . TRP B 1 21 ? -7.780  -4.904  -1.705  1.00 4.68  ? 18  TRP B CA   1 
ATOM   839  C C    . TRP B 1 21 ? -6.755  -5.870  -2.305  1.00 4.10  ? 18  TRP B C    1 
ATOM   840  O O    . TRP B 1 21 ? -7.109  -6.960  -2.740  1.00 5.21  ? 18  TRP B O    1 
ATOM   841  C CB   . TRP B 1 21 ? -8.361  -3.942  -2.756  1.00 4.92  ? 18  TRP B CB   1 
ATOM   842  C CG   . TRP B 1 21 ? -9.682  -3.414  -2.283  1.00 5.06  ? 18  TRP B CG   1 
ATOM   843  C CD1  . TRP B 1 21 ? -9.932  -2.186  -1.733  1.00 5.12  ? 18  TRP B CD1  1 
ATOM   844  C CD2  . TRP B 1 21 ? -10.916 -4.119  -2.276  1.00 5.82  ? 18  TRP B CD2  1 
ATOM   845  N NE1  . TRP B 1 21 ? -11.243 -2.093  -1.369  1.00 6.12  ? 18  TRP B NE1  1 
ATOM   846  C CE2  . TRP B 1 21 ? -11.877 -3.265  -1.692  1.00 6.35  ? 18  TRP B CE2  1 
ATOM   847  C CE3  . TRP B 1 21 ? -11.309 -5.399  -2.707  1.00 7.03  ? 18  TRP B CE3  1 
ATOM   848  C CZ2  . TRP B 1 21 ? -13.202 -3.640  -1.538  1.00 8.76  ? 18  TRP B CZ2  1 
ATOM   849  C CZ3  . TRP B 1 21 ? -12.641 -5.772  -2.551  1.00 10.47 ? 18  TRP B CZ3  1 
ATOM   850  C CH2  . TRP B 1 21 ? -13.567 -4.896  -1.973  1.00 8.67  ? 18  TRP B CH2  1 
ATOM   851  H H    . TRP B 1 21 ? -7.158  -3.324  -0.713  1.00 4.96  ? 18  TRP B H    1 
ATOM   852  H HA   . TRP B 1 21 ? -8.527  -5.453  -1.384  1.00 5.58  ? 18  TRP B HA   1 
ATOM   853  H HB2  . TRP B 1 21 ? -7.756  -3.195  -2.882  1.00 5.87  ? 18  TRP B HB2  1 
ATOM   854  H HB3  . TRP B 1 21 ? -8.498  -4.416  -3.591  1.00 5.87  ? 18  TRP B HB3  1 
ATOM   855  H HD1  . TRP B 1 21 ? -9.291  -1.527  -1.590  1.00 6.11  ? 18  TRP B HD1  1 
ATOM   856  H HE1  . TRP B 1 21 ? -11.615 -1.407  -1.007  1.00 7.30  ? 18  TRP B HE1  1 
ATOM   857  H HE3  . TRP B 1 21 ? -10.692 -5.985  -3.080  1.00 8.40  ? 18  TRP B HE3  1 
ATOM   858  H HZ2  . TRP B 1 21 ? -13.827 -3.059  -1.168  1.00 10.47 ? 18  TRP B HZ2  1 
ATOM   859  H HZ3  . TRP B 1 21 ? -12.917 -6.617  -2.825  1.00 12.52 ? 18  TRP B HZ3  1 
ATOM   860  H HH2  . TRP B 1 21 ? -14.452 -5.168  -1.883  1.00 10.37 ? 18  TRP B HH2  1 
ATOM   861  N N    . LEU B 1 22 ? -5.483  -5.490  -2.303  1.00 4.31  ? 19  LEU B N    1 
ATOM   862  C CA   . LEU B 1 22 ? -4.441  -6.414  -2.768  1.00 4.30  ? 19  LEU B CA   1 
ATOM   863  C C    . LEU B 1 22 ? -4.295  -7.597  -1.836  1.00 5.19  ? 19  LEU B C    1 
ATOM   864  O O    . LEU B 1 22 ? -4.134  -8.724  -2.307  1.00 5.55  ? 19  LEU B O    1 
ATOM   865  C CB   . LEU B 1 22 ? -3.110  -5.683  -2.920  1.00 5.81  ? 19  LEU B CB   1 
ATOM   866  C CG   . LEU B 1 22 ? -3.005  -4.783  -4.159  1.00 6.67  ? 19  LEU B CG   1 
ATOM   867  C CD1  . LEU B 1 22 ? -1.866  -3.814  -4.027  1.00 7.67  ? 19  LEU B CD1  1 
ATOM   868  C CD2  . LEU B 1 22 ? -2.844  -5.619  -5.419  1.00 10.31 ? 19  LEU B CD2  1 
ATOM   869  H H    . LEU B 1 22 ? -5.195  -4.722  -2.044  1.00 5.14  ? 19  LEU B H    1 
ATOM   870  H HA   . LEU B 1 22 ? -4.696  -6.757  -3.650  1.00 5.12  ? 19  LEU B HA   1 
ATOM   871  H HB2  . LEU B 1 22 ? -2.973  -5.124  -2.138  1.00 6.94  ? 19  LEU B HB2  1 
ATOM   872  H HB3  . LEU B 1 22 ? -2.400  -6.343  -2.976  1.00 6.94  ? 19  LEU B HB3  1 
ATOM   873  H HG   . LEU B 1 22 ? -3.824  -4.271  -4.245  1.00 7.97  ? 19  LEU B HG   1 
ATOM   874  H HD11 . LEU B 1 22 ? -2.012  -3.263  -3.254  1.00 9.16  ? 19  LEU B HD11 1 
ATOM   875  H HD12 . LEU B 1 22 ? -1.047  -4.305  -3.929  1.00 9.16  ? 19  LEU B HD12 1 
ATOM   876  H HD13 . LEU B 1 22 ? -1.828  -3.267  -4.815  1.00 9.16  ? 19  LEU B HD13 1 
ATOM   877  H HD21 . LEU B 1 22 ? -2.045  -6.146  -5.344  1.00 12.34 ? 19  LEU B HD21 1 
ATOM   878  H HD22 . LEU B 1 22 ? -3.607  -6.194  -5.512  1.00 12.34 ? 19  LEU B HD22 1 
ATOM   879  H HD23 . LEU B 1 22 ? -2.781  -5.033  -6.177  1.00 12.34 ? 19  LEU B HD23 1 
ATOM   880  N N    . GLU B 1 23 ? -4.347  -7.368  -0.521  1.00 4.84  ? 20  GLU B N    1 
ATOM   881  C CA   . GLU B 1 23 ? -4.288  -8.479  0.425   1.00 6.07  ? 20  GLU B CA   1 
ATOM   882  C C    . GLU B 1 23 ? -5.450  -9.424  0.216   1.00 6.04  ? 20  GLU B C    1 
ATOM   883  O O    . GLU B 1 23 ? -5.283  -10.652 0.273   1.00 6.35  ? 20  GLU B O    1 
ATOM   884  C CB   . GLU B 1 23 ? -4.299  -7.979  1.883   1.00 7.27  ? 20  GLU B CB   1 
ATOM   885  C CG   . GLU B 1 23 ? -3.016  -7.279  2.300   1.00 11.29 ? 20  GLU B CG   1 
ATOM   886  C CD   . GLU B 1 23 ? -1.979  -8.224  2.852   1.00 18.50 ? 20  GLU B CD   1 
ATOM   887  O OE1  . GLU B 1 23 ? -2.266  -9.440  2.943   1.00 18.11 ? 20  GLU B OE1  1 
ATOM   888  O OE2  . GLU B 1 23 ? -0.867  -7.758  3.195   1.00 17.57 ? 20  GLU B OE2  1 
ATOM   889  H H    . GLU B 1 23 ? -4.415  -6.592  -0.158  1.00 5.77  ? 20  GLU B H    1 
ATOM   890  H HA   . GLU B 1 23 ? -3.459  -8.979  0.280   1.00 7.25  ? 20  GLU B HA   1 
ATOM   891  H HB2  . GLU B 1 23 ? -5.029  -7.350  1.992   1.00 8.69  ? 20  GLU B HB2  1 
ATOM   892  H HB3  . GLU B 1 23 ? -4.428  -8.738  2.473   1.00 8.69  ? 20  GLU B HB3  1 
ATOM   893  H HG2  . GLU B 1 23 ? -2.633  -6.835  1.527   1.00 13.51 ? 20  GLU B HG2  1 
ATOM   894  H HG3  . GLU B 1 23 ? -3.222  -6.627  2.987   1.00 13.51 ? 20  GLU B HG3  1 
ATOM   895  N N    . LEU B 1 24 ? -6.637  -8.886  -0.006  1.00 7.67  ? 21  LEU B N    1 
ATOM   896  C CA   . LEU B 1 24 ? -7.788  -9.742  -0.263  1.00 7.62  ? 21  LEU B CA   1 
ATOM   897  C C    . LEU B 1 24 ? -7.580  -10.569 -1.511  1.00 6.65  ? 21  LEU B C    1 
ATOM   898  O O    . LEU B 1 24 ? -7.912  -11.761 -1.520  1.00 6.34  ? 21  LEU B O    1 
ATOM   899  C CB   . LEU B 1 24 ? -9.017  -8.869  -0.427  1.00 9.52  ? 21  LEU B CB   1 
ATOM   900  C CG   . LEU B 1 24 ? -10.371 -9.551  -0.454  1.00 16.91 ? 21  LEU B CG   1 
ATOM   901  C CD1  . LEU B 1 24 ? -10.576 -10.434 0.775   1.00 22.73 ? 21  LEU B CD1  1 
ATOM   902  C CD2  . LEU B 1 24 ? -11.448 -8.477  -0.523  1.00 18.95 ? 21  LEU B CD2  1 
ATOM   903  H H    . LEU B 1 24 ? -6.805  -8.042  -0.012  1.00 9.17  ? 21  LEU B H    1 
ATOM   904  H HA   . LEU B 1 24 ? -7.929  -10.346 0.496   1.00 9.11  ? 21  LEU B HA   1 
ATOM   905  H HB2  . LEU B 1 24 ? -9.034  -8.236  0.308   1.00 11.39 ? 21  LEU B HB2  1 
ATOM   906  H HB3  . LEU B 1 24 ? -8.929  -8.383  -1.261  1.00 11.39 ? 21  LEU B HB3  1 
ATOM   907  H HG   . LEU B 1 24 ? -10.439 -10.106 -1.246  1.00 20.25 ? 21  LEU B HG   1 
ATOM   908  H HD11 . LEU B 1 24 ? -9.893  -11.108 0.792   1.00 27.24 ? 21  LEU B HD11 1 
ATOM   909  H HD12 . LEU B 1 24 ? -10.521 -9.889  1.564   1.00 27.24 ? 21  LEU B HD12 1 
ATOM   910  H HD13 . LEU B 1 24 ? -11.442 -10.846 0.721   1.00 27.24 ? 21  LEU B HD13 1 
ATOM   911  H HD21 . LEU B 1 24 ? -11.321 -7.959  -1.322  1.00 22.70 ? 21  LEU B HD21 1 
ATOM   912  H HD22 . LEU B 1 24 ? -12.310 -8.899  -0.541  1.00 22.70 ? 21  LEU B HD22 1 
ATOM   913  H HD23 . LEU B 1 24 ? -11.376 -7.911  0.249   1.00 22.70 ? 21  LEU B HD23 1 
ATOM   914  N N    . GLU B 1 25 ? -7.050  -9.953  -2.556  1.00 6.81  ? 22  GLU B N    1 
ATOM   915  C CA   . GLU B 1 25 ? -6.783  -10.669 -3.793  1.00 6.64  ? 22  GLU B CA   1 
ATOM   916  C C    . GLU B 1 25 ? -5.752  -11.782 -3.591  1.00 6.24  ? 22  GLU B C    1 
ATOM   917  O O    . GLU B 1 25 ? -5.922  -12.889 -4.116  1.00 5.94  ? 22  GLU B O    1 
ATOM   918  C CB   . GLU B 1 25 ? -6.308  -9.692  -4.863  1.00 7.83  ? 22  GLU B CB   1 
ATOM   919  C CG   . GLU B 1 25 ? -6.043  -10.360 -6.178  1.00 9.77  ? 22  GLU B CG   1 
ATOM   920  C CD   . GLU B 1 25 ? -5.969  -9.404  -7.323  1.00 18.46 ? 22  GLU B CD   1 
ATOM   921  O OE1  . GLU B 1 25 ? -5.710  -8.206  -7.073  1.00 23.89 ? 22  GLU B OE1  1 
ATOM   922  O OE2  . GLU B 1 25 ? -6.160  -9.856  -8.475  1.00 22.45 ? 22  GLU B OE2  1 
ATOM   923  H H    . GLU B 1 25 ? -6.837  -9.121  -2.576  1.00 8.13  ? 22  GLU B H    1 
ATOM   924  H HA   . GLU B 1 25 ? -7.614  -11.081 -4.108  1.00 7.93  ? 22  GLU B HA   1 
ATOM   925  H HB2  . GLU B 1 25 ? -6.990  -9.017  -5.000  1.00 9.36  ? 22  GLU B HB2  1 
ATOM   926  H HB3  . GLU B 1 25 ? -5.483  -9.275  -4.567  1.00 9.36  ? 22  GLU B HB3  1 
ATOM   927  H HG2  . GLU B 1 25 ? -5.196  -10.831 -6.126  1.00 11.69 ? 22  GLU B HG2  1 
ATOM   928  H HG3  . GLU B 1 25 ? -6.759  -10.989 -6.360  1.00 11.69 ? 22  GLU B HG3  1 
ATOM   929  N N    . VAL B 1 26 ? -4.682  -11.511 -2.855  1.00 4.86  ? 23  VAL B N    1 
ATOM   930  C CA   . VAL B 1 26 ? -3.690  -12.544 -2.578  1.00 5.32  ? 23  VAL B CA   1 
ATOM   931  C C    . VAL B 1 26 ? -4.338  -13.715 -1.827  1.00 5.31  ? 23  VAL B C    1 
ATOM   932  O O    . VAL B 1 26 ? -4.078  -14.878 -2.131  1.00 5.84  ? 23  VAL B O    1 
ATOM   933  C CB   . VAL B 1 26 ? -2.480  -11.985 -1.808  1.00 5.40  ? 23  VAL B CB   1 
ATOM   934  C CG1  . VAL B 1 26 ? -1.594  -13.114 -1.266  1.00 7.44  ? 23  VAL B CG1  1 
ATOM   935  C CG2  . VAL B 1 26 ? -1.690  -11.032 -2.707  1.00 5.77  ? 23  VAL B CG2  1 
ATOM   936  H H    . VAL B 1 26 ? -4.508  -10.745 -2.505  1.00 5.79  ? 23  VAL B H    1 
ATOM   937  H HA   . VAL B 1 26 ? -3.358  -12.891 -3.433  1.00 6.35  ? 23  VAL B HA   1 
ATOM   938  H HB   . VAL B 1 26 ? -2.807  -11.468 -1.041  1.00 6.44  ? 23  VAL B HB   1 
ATOM   939  H HG11 . VAL B 1 26 ? -0.853  -12.730 -0.793  1.00 8.89  ? 23  VAL B HG11 1 
ATOM   940  H HG12 . VAL B 1 26 ? -2.115  -13.661 -0.672  1.00 8.89  ? 23  VAL B HG12 1 
ATOM   941  H HG13 . VAL B 1 26 ? -1.276  -13.642 -2.002  1.00 8.89  ? 23  VAL B HG13 1 
ATOM   942  H HG21 . VAL B 1 26 ? -0.938  -10.690 -2.217  1.00 6.88  ? 23  VAL B HG21 1 
ATOM   943  H HG22 . VAL B 1 26 ? -1.385  -11.513 -3.480  1.00 6.88  ? 23  VAL B HG22 1 
ATOM   944  H HG23 . VAL B 1 26 ? -2.262  -10.310 -2.976  1.00 6.88  ? 23  VAL B HG23 1 
ATOM   945  N N    . ALA B 1 27 ? -5.170  -13.409 -0.844  1.00 5.81  ? 24  ALA B N    1 
ATOM   946  C CA   . ALA B 1 27 ? -5.817  -14.462 -0.066  1.00 6.45  ? 24  ALA B CA   1 
ATOM   947  C C    . ALA B 1 27 ? -6.745  -15.313 -0.948  1.00 6.71  ? 24  ALA B C    1 
ATOM   948  O O    . ALA B 1 27 ? -6.811  -16.532 -0.803  1.00 8.02  ? 24  ALA B O    1 
ATOM   949  C CB   . ALA B 1 27 ? -6.583  -13.869 1.107   1.00 7.81  ? 24  ALA B CB   1 
ATOM   950  H H    . ALA B 1 27 ? -5.377  -12.609 -0.605  1.00 6.93  ? 24  ALA B H    1 
ATOM   951  H HA   . ALA B 1 27 ? -5.127  -15.054 0.297   1.00 7.70  ? 24  ALA B HA   1 
ATOM   952  H HB1  . ALA B 1 27 ? -6.998  -14.581 1.601   1.00 9.33  ? 24  ALA B HB1  1 
ATOM   953  H HB2  . ALA B 1 27 ? -5.970  -13.393 1.672   1.00 9.33  ? 24  ALA B HB2  1 
ATOM   954  H HB3  . ALA B 1 27 ? -7.252  -13.269 0.771   1.00 9.33  ? 24  ALA B HB3  1 
ATOM   955  N N    . ARG B 1 28 ? -7.475  -14.664 -1.848  1.00 6.04  ? 25  ARG B N    1 
ATOM   956  C CA   . ARG B 1 28 ? -8.331  -15.393 -2.770  1.00 6.99  ? 25  ARG B CA   1 
ATOM   957  C C    . ARG B 1 28 ? -7.494  -16.298 -3.673  1.00 7.08  ? 25  ARG B C    1 
ATOM   958  O O    . ARG B 1 28 ? -7.879  -17.425 -3.972  1.00 8.39  ? 25  ARG B O    1 
ATOM   959  C CB   . ARG B 1 28 ? -9.148  -14.411 -3.599  1.00 7.92  ? 25  ARG B CB   1 
ATOM   960  C CG   . ARG B 1 28 ? -10.232 -13.733 -2.782  1.00 9.85  ? 25  ARG B CG   1 
ATOM   961  C CD   . ARG B 1 28 ? -10.845 -12.626 -3.559  1.00 15.11 ? 25  ARG B CD   1 
ATOM   962  N NE   . ARG B 1 28 ? -11.990 -12.045 -2.872  1.00 13.52 ? 25  ARG B NE   1 
ATOM   963  C CZ   . ARG B 1 28 ? -12.707 -11.044 -3.376  1.00 15.62 ? 25  ARG B CZ   1 
ATOM   964  N NH1  . ARG B 1 28 ? -12.376 -10.521 -4.554  1.00 18.20 ? 25  ARG B NH1  1 
ATOM   965  N NH2  . ARG B 1 28 ? -13.742 -10.557 -2.707  1.00 18.02 ? 25  ARG B NH2  1 
ATOM   966  H H    . ARG B 1 28 ? -7.492  -13.809 -1.943  1.00 7.21  ? 25  ARG B H    1 
ATOM   967  H HA   . ARG B 1 28 ? -8.951  -15.956 -2.260  1.00 8.35  ? 25  ARG B HA   1 
ATOM   968  H HB2  . ARG B 1 28 ? -8.559  -13.723 -3.948  1.00 9.46  ? 25  ARG B HB2  1 
ATOM   969  H HB3  . ARG B 1 28 ? -9.573  -14.888 -4.328  1.00 9.46  ? 25  ARG B HB3  1 
ATOM   970  H HG2  . ARG B 1 28 ? -10.925 -14.377 -2.566  1.00 11.78 ? 25  ARG B HG2  1 
ATOM   971  H HG3  . ARG B 1 28 ? -9.846  -13.365 -1.972  1.00 11.78 ? 25  ARG B HG3  1 
ATOM   972  H HD2  . ARG B 1 28 ? -10.185 -11.926 -3.689  1.00 18.10 ? 25  ARG B HD2  1 
ATOM   973  H HD3  . ARG B 1 28 ? -11.146 -12.965 -4.415  1.00 18.10 ? 25  ARG B HD3  1 
ATOM   974  H HE   . ARG B 1 28 ? -12.111 -12.250 -2.046  1.00 16.19 ? 25  ARG B HE   1 
ATOM   975  H HH11 . ARG B 1 28 ? -11.705 -10.835 -4.991  1.00 21.80 ? 25  ARG B HH11 1 
ATOM   976  H HH12 . ARG B 1 28 ? -12.837 -9.873  -4.881  1.00 21.80 ? 25  ARG B HH12 1 
ATOM   977  H HH21 . ARG B 1 28 ? -13.957 -10.890 -1.945  1.00 21.59 ? 25  ARG B HH21 1 
ATOM   978  H HH22 . ARG B 1 28 ? -14.199 -9.907  -3.037  1.00 21.59 ? 25  ARG B HH22 1 
ATOM   979  N N    . LEU B 1 29 ? -6.349  -15.803 -4.115  1.00 7.30  ? 26  LEU B N    1 
ATOM   980  C CA   . LEU B 1 29 ? -5.491  -16.600 -4.987  1.00 7.23  ? 26  LEU B CA   1 
ATOM   981  C C    . LEU B 1 29 ? -4.892  -17.771 -4.223  1.00 6.96  ? 26  LEU B C    1 
ATOM   982  O O    . LEU B 1 29 ? -4.763  -18.860 -4.770  1.00 6.86  ? 26  LEU B O    1 
ATOM   983  C CB   . LEU B 1 29 ? -4.394  -15.734 -5.612  1.00 7.64  ? 26  LEU B CB   1 
ATOM   984  C CG   . LEU B 1 29 ? -4.906  -14.808 -6.720  1.00 7.16  ? 26  LEU B CG   1 
ATOM   985  C CD1  . LEU B 1 29 ? -3.942  -13.692 -7.014  1.00 8.67  ? 26  LEU B CD1  1 
ATOM   986  C CD2  . LEU B 1 29 ? -5.169  -15.596 -7.975  1.00 11.18 ? 26  LEU B CD2  1 
ATOM   987  H H    . LEU B 1 29 ? -6.047  -15.020 -3.931  1.00 8.72  ? 26  LEU B H    1 
ATOM   988  H HA   . LEU B 1 29 ? -6.034  -16.966 -5.716  1.00 8.64  ? 26  LEU B HA   1 
ATOM   989  H HB2  . LEU B 1 29 ? -4.000  -15.180 -4.920  1.00 9.13  ? 26  LEU B HB2  1 
ATOM   990  H HB3  . LEU B 1 29 ? -3.718  -16.313 -5.997  1.00 9.13  ? 26  LEU B HB3  1 
ATOM   991  H HG   . LEU B 1 29 ? -5.744  -14.411 -6.436  1.00 8.55  ? 26  LEU B HG   1 
ATOM   992  H HD11 . LEU B 1 29 ? -3.106  -14.069 -7.296  1.00 10.37 ? 26  LEU B HD11 1 
ATOM   993  H HD12 . LEU B 1 29 ? -4.306  -13.142 -7.712  1.00 10.37 ? 26  LEU B HD12 1 
ATOM   994  H HD13 . LEU B 1 29 ? -3.816  -13.172 -6.218  1.00 10.37 ? 26  LEU B HD13 1 
ATOM   995  H HD21 . LEU B 1 29 ? -5.488  -15.000 -8.657  1.00 13.38 ? 26  LEU B HD21 1 
ATOM   996  H HD22 . LEU B 1 29 ? -4.352  -16.011 -8.260  1.00 13.38 ? 26  LEU B HD22 1 
ATOM   997  H HD23 . LEU B 1 29 ? -5.830  -16.267 -7.790  1.00 13.38 ? 26  LEU B HD23 1 
ATOM   998  N N    . LYS B 1 30 ? -4.534  -17.575 -2.966  1.00 7.49  ? 27  LYS B N    1 
ATOM   999  C CA   . LYS B 1 30 ? -3.999  -18.692 -2.178  1.00 8.16  ? 27  LYS B CA   1 
ATOM   1000 C C    . LYS B 1 30 ? -5.009  -19.806 -1.966  1.00 7.99  ? 27  LYS B C    1 
ATOM   1001 O O    . LYS B 1 30 ? -4.619  -20.959 -1.791  1.00 9.02  ? 27  LYS B O    1 
ATOM   1002 C CB   . LYS B 1 30 ? -3.530  -18.238 -0.801  1.00 11.66 ? 27  LYS B CB   1 
ATOM   1003 C CG   . LYS B 1 30 ? -2.420  -17.252 -0.778  1.00 15.80 ? 27  LYS B CG   1 
ATOM   1004 C CD   . LYS B 1 30 ? -1.118  -17.801 -1.259  1.00 22.61 ? 27  LYS B CD   1 
ATOM   1005 C CE   . LYS B 1 30 ? -0.003  -16.789 -0.984  1.00 21.68 ? 27  LYS B CE   1 
ATOM   1006 N NZ   . LYS B 1 30 ? 0.341   -16.656 0.456   1.00 24.51 ? 27  LYS B NZ   1 
ATOM   1007 H H    . LYS B 1 30 ? -4.585  -16.826 -2.546  1.00 8.95  ? 27  LYS B H    1 
ATOM   1008 H HA   . LYS B 1 30 ? -3.229  -19.069 -2.650  1.00 9.75  ? 27  LYS B HA   1 
ATOM   1009 H HB2  . LYS B 1 30 ? -4.282  -17.835 -0.340  1.00 13.95 ? 27  LYS B HB2  1 
ATOM   1010 H HB3  . LYS B 1 30 ? -3.232  -19.018 -0.309  1.00 13.95 ? 27  LYS B HB3  1 
ATOM   1011 H HG2  . LYS B 1 30 ? -2.655  -16.503 -1.348  1.00 18.92 ? 27  LYS B HG2  1 
ATOM   1012 H HG3  . LYS B 1 30 ? -2.294  -16.945 0.134   1.00 18.92 ? 27  LYS B HG3  1 
ATOM   1013 H HD2  . LYS B 1 30 ? -0.916  -18.622 -0.783  1.00 27.09 ? 27  LYS B HD2  1 
ATOM   1014 H HD3  . LYS B 1 30 ? -1.165  -17.961 -2.214  1.00 27.09 ? 27  LYS B HD3  1 
ATOM   1015 H HE2  . LYS B 1 30 ? 0.797   -17.068 -1.455  1.00 25.97 ? 27  LYS B HE2  1 
ATOM   1016 H HE3  . LYS B 1 30 ? -0.286  -15.917 -1.303  1.00 25.97 ? 27  LYS B HE3  1 
ATOM   1017 H HZ1  . LYS B 1 30 ? 0.992   -16.057 0.560   1.00 29.37 ? 27  LYS B HZ1  1 
ATOM   1018 H HZ2  . LYS B 1 30 ? -0.373  -16.389 0.916   1.00 29.37 ? 27  LYS B HZ2  1 
ATOM   1019 H HZ3  . LYS B 1 30 ? 0.615   -17.439 0.778   1.00 29.37 ? 27  LYS B HZ3  1 
ATOM   1020 N N    . LYS B 1 31 ? -6.293  -19.472 -1.971  1.00 8.02  ? 28  LYS B N    1 
ATOM   1021 C CA   . LYS B 1 31 ? -7.368  -20.455 -1.857  1.00 9.31  ? 28  LYS B CA   1 
ATOM   1022 C C    . LYS B 1 31 ? -7.644  -21.189 -3.181  1.00 7.40  ? 28  LYS B C    1 
ATOM   1023 O O    . LYS B 1 31 ? -8.336  -22.202 -3.195  1.00 7.90  ? 28  LYS B O    1 
ATOM   1024 C CB   . LYS B 1 31 ? -8.656  -19.729 -1.390  1.00 14.52 ? 28  LYS B CB   1 
ATOM   1025 C CG   . LYS B 1 31 ? -9.865  -20.638 -1.159  1.00 16.08 ? 28  LYS B CG   1 
ATOM   1026 C CD   . LYS B 1 31 ? -11.074 -19.893 -0.580  1.00 20.77 ? 28  LYS B CD   1 
ATOM   1027 C CE   . LYS B 1 31 ? -12.328 -20.781 -0.595  1.00 26.85 ? 28  LYS B CE   1 
ATOM   1028 N NZ   . LYS B 1 31 ? -13.496 -20.214 0.151   1.00 31.93 ? 28  LYS B NZ   1 
ATOM   1029 H H    . LYS B 1 31 ? -6.576  -18.662 -2.041  1.00 9.59  ? 28  LYS B H    1 
ATOM   1030 H HA   . LYS B 1 31 ? -7.126  -21.121 -1.180  1.00 11.13 ? 28  LYS B HA   1 
ATOM   1031 H HB2  . LYS B 1 31 ? -8.467  -19.275 -0.553  1.00 17.39 ? 28  LYS B HB2  1 
ATOM   1032 H HB3  . LYS B 1 31 ? -8.903  -19.077 -2.064  1.00 17.39 ? 28  LYS B HB3  1 
ATOM   1033 H HG2  . LYS B 1 31 ? -10.132 -21.028 -2.006  1.00 19.26 ? 28  LYS B HG2  1 
ATOM   1034 H HG3  . LYS B 1 31 ? -9.618  -21.338 -0.535  1.00 19.26 ? 28  LYS B HG3  1 
ATOM   1035 H HD2  . LYS B 1 31 ? -10.888 -19.643 0.338   1.00 24.89 ? 28  LYS B HD2  1 
ATOM   1036 H HD3  . LYS B 1 31 ? -11.253 -19.104 -1.115  1.00 24.89 ? 28  LYS B HD3  1 
ATOM   1037 H HE2  . LYS B 1 31 ? -12.603 -20.915 -1.516  1.00 32.18 ? 28  LYS B HE2  1 
ATOM   1038 H HE3  . LYS B 1 31 ? -12.108 -21.635 -0.193  1.00 32.18 ? 28  LYS B HE3  1 
ATOM   1039 H HZ1  . LYS B 1 31 ? -14.187 -20.773 0.104   1.00 38.28 ? 28  LYS B HZ1  1 
ATOM   1040 H HZ2  . LYS B 1 31 ? -13.280 -20.091 1.005   1.00 38.28 ? 28  LYS B HZ2  1 
ATOM   1041 H HZ3  . LYS B 1 31 ? -13.732 -19.432 -0.204  1.00 38.28 ? 28  LYS B HZ3  1 
ATOM   1042 N N    . LEU B 1 32 ? -7.119  -20.635 -4.275  1.00 6.67  ? 29  LEU B N    1 
ATOM   1043 C CA   . LEU B 1 32 ? -7.333  -21.142 -5.623  1.00 5.60  ? 29  LEU B CA   1 
ATOM   1044 C C    . LEU B 1 32 ? -6.157  -21.994 -6.138  1.00 5.08  ? 29  LEU B C    1 
ATOM   1045 O O    . LEU B 1 32 ? -6.374  -23.007 -6.797  1.00 5.72  ? 29  LEU B O    1 
ATOM   1046 C CB   . LEU B 1 32 ? -7.589  -19.976 -6.577  1.00 5.32  ? 29  LEU B CB   1 
ATOM   1047 C CG   . LEU B 1 32 ? -7.878  -20.337 -8.021  1.00 6.47  ? 29  LEU B CG   1 
ATOM   1048 C CD1  . LEU B 1 32 ? -9.118  -21.193 -8.132  1.00 7.44  ? 29  LEU B CD1  1 
ATOM   1049 C CD2  . LEU B 1 32 ? -8.059  -19.049 -8.779  1.00 8.53  ? 29  LEU B CD2  1 
ATOM   1050 H H    . LEU B 1 32 ? -6.617  -19.937 -4.256  1.00 7.97  ? 29  LEU B H    1 
ATOM   1051 H HA   . LEU B 1 32 ? -8.132  -21.709 -5.622  1.00 6.68  ? 29  LEU B HA   1 
ATOM   1052 H HB2  . LEU B 1 32 ? -8.352  -19.476 -6.247  1.00 6.34  ? 29  LEU B HB2  1 
ATOM   1053 H HB3  . LEU B 1 32 ? -6.805  -19.405 -6.575  1.00 6.34  ? 29  LEU B HB3  1 
ATOM   1054 H HG   . LEU B 1 32 ? -7.126  -20.821 -8.397  1.00 7.73  ? 29  LEU B HG   1 
ATOM   1055 H HD11 . LEU B 1 32 ? -8.987  -22.000 -7.630  1.00 8.89  ? 29  LEU B HD11 1 
ATOM   1056 H HD12 . LEU B 1 32 ? -9.866  -20.705 -7.778  1.00 8.89  ? 29  LEU B HD12 1 
ATOM   1057 H HD13 . LEU B 1 32 ? -9.271  -21.402 -9.056  1.00 8.89  ? 29  LEU B HD13 1 
ATOM   1058 H HD21 . LEU B 1 32 ? -8.792  -18.562 -8.397  1.00 10.19 ? 29  LEU B HD21 1 
ATOM   1059 H HD22 . LEU B 1 32 ? -7.253  -18.533 -8.713  1.00 10.19 ? 29  LEU B HD22 1 
ATOM   1060 H HD23 . LEU B 1 32 ? -8.244  -19.253 -9.699  1.00 10.19 ? 29  LEU B HD23 1 
ATOM   1061 N N    . VAL B 1 33 ? -4.923  -21.601 -5.859  1.00 5.17  ? 30  VAL B N    1 
ATOM   1062 C CA   . VAL B 1 33 ? -3.781  -22.381 -6.335  1.00 6.13  ? 30  VAL B CA   1 
ATOM   1063 C C    . VAL B 1 33 ? -3.703  -23.764 -5.670  1.00 6.02  ? 30  VAL B C    1 
ATOM   1064 O O    . VAL B 1 33 ? -2.977  -24.617 -6.209  1.00 6.94  ? 30  VAL B O    1 
ATOM   1065 C CB   . VAL B 1 33 ? -2.441  -21.631 -6.117  1.00 9.10  ? 30  VAL B CB   1 
ATOM   1066 C CG1  . VAL B 1 33 ? -2.389  -20.330 -6.892  1.00 12.80 ? 30  VAL B CG1  1 
ATOM   1067 C CG2  . VAL B 1 33 ? -2.196  -21.413 -4.648  1.00 9.39  ? 30  VAL B CG2  1 
ATOM   1068 H H    . VAL B 1 33 ? -4.717  -20.899 -5.406  1.00 6.17  ? 30  VAL B H    1 
ATOM   1069 H HA   . VAL B 1 33 ? -3.885  -22.524 -7.298  1.00 7.32  ? 30  VAL B HA   1 
ATOM   1070 H HB   . VAL B 1 33 ? -1.714  -22.198 -6.451  1.00 10.88 ? 30  VAL B HB   1 
ATOM   1071 H HG11 . VAL B 1 33 ? -1.546  -19.902 -6.728  1.00 15.32 ? 30  VAL B HG11 1 
ATOM   1072 H HG12 . VAL B 1 33 ? -2.482  -20.521 -7.829  1.00 15.32 ? 30  VAL B HG12 1 
ATOM   1073 H HG13 . VAL B 1 33 ? -3.107  -19.763 -6.600  1.00 15.32 ? 30  VAL B HG13 1 
ATOM   1074 H HG21 . VAL B 1 33 ? -1.363  -20.948 -4.536  1.00 11.23 ? 30  VAL B HG21 1 
ATOM   1075 H HG22 . VAL B 1 33 ? -2.914  -20.889 -4.287  1.00 11.23 ? 30  VAL B HG22 1 
ATOM   1076 H HG23 . VAL B 1 33 ? -2.158  -22.264 -4.208  1.00 11.23 ? 30  VAL B HG23 1 
HETATM 1077 O O    . HOH C 2 .  ? -6.592  -14.915 -12.789 1.00 33.67 ? 101 HOH A O    1 
HETATM 1078 O O    . HOH C 2 .  ? 8.090   6.395   11.037  1.00 31.83 ? 102 HOH A O    1 
HETATM 1079 O O    . HOH C 2 .  ? 11.568  10.901  3.958   1.00 26.36 ? 103 HOH A O    1 
HETATM 1080 O O    . HOH C 2 .  ? 5.889   3.909   8.787   1.00 19.20 ? 104 HOH A O    1 
HETATM 1081 O O    . HOH C 2 .  ? 11.471  6.181   5.946   1.00 29.90 ? 105 HOH A O    1 
HETATM 1082 O O    . HOH C 2 .  ? 2.502   -1.516  -6.650  1.00 23.10 ? 106 HOH A O    1 
HETATM 1083 O O    . HOH C 2 .  ? 9.137   -5.365  -10.672 1.00 6.64  ? 107 HOH A O    1 
HETATM 1084 O O    . HOH C 2 .  ? 0.128   -23.863 -12.743 1.00 11.82 ? 108 HOH A O    1 
HETATM 1085 O O    . HOH C 2 .  ? -7.104  -19.857 -15.850 1.00 4.53  ? 109 HOH A O    1 
HETATM 1086 O O    . HOH C 2 .  ? 2.233   -14.603 0.320   1.00 25.65 ? 110 HOH A O    1 
HETATM 1087 O O    . HOH C 2 .  ? 5.927   -11.390 -9.621  1.00 10.40 ? 111 HOH A O    1 
HETATM 1088 O O    . HOH C 2 .  ? 0.152   -7.495  -10.146 1.00 9.38  ? 112 HOH A O    1 
HETATM 1089 O O    . HOH C 2 .  ? 14.106  21.676  12.718  1.00 21.61 ? 113 HOH A O    1 
HETATM 1090 O O    . HOH C 2 .  ? 2.438   2.402   11.004  1.00 23.16 ? 114 HOH A O    1 
HETATM 1091 O O    . HOH C 2 .  ? 4.697   -18.014 -10.460 1.00 7.23  ? 115 HOH A O    1 
HETATM 1092 O O    . HOH C 2 .  ? 11.039  17.986  7.905   1.00 11.37 ? 116 HOH A O    1 
HETATM 1093 O O    . HOH C 2 .  ? 9.992   20.939  14.152  1.00 31.20 ? 117 HOH A O    1 
HETATM 1094 O O    . HOH C 2 .  ? 1.236   -18.731 -16.915 1.00 8.86  ? 118 HOH A O    1 
HETATM 1095 O O    . HOH C 2 .  ? 9.411   4.530   4.484   1.00 19.24 ? 119 HOH A O    1 
HETATM 1096 O O    . HOH C 2 .  ? -3.981  -4.083  -9.012  1.00 22.39 ? 120 HOH A O    1 
HETATM 1097 O O    . HOH C 2 .  ? -4.634  -16.092 -13.548 1.00 10.12 ? 121 HOH A O    1 
HETATM 1098 O O    . HOH C 2 .  ? 0.766   -12.773 -13.878 1.00 14.72 ? 122 HOH A O    1 
HETATM 1099 O O    . HOH C 2 .  ? 6.801   -2.119  3.627   1.00 14.22 ? 123 HOH A O    1 
HETATM 1100 O O    . HOH C 2 .  ? 7.117   9.042   0.931   1.00 20.01 ? 124 HOH A O    1 
HETATM 1101 O O    . HOH C 2 .  ? 11.980  -5.401  -7.713  1.00 7.24  ? 125 HOH A O    1 
HETATM 1102 O O    . HOH C 2 .  ? 5.675   6.511   10.231  1.00 24.64 ? 126 HOH A O    1 
HETATM 1103 O O    . HOH C 2 .  ? 3.142   -21.000 -4.852  1.00 18.63 ? 127 HOH A O    1 
HETATM 1104 O O    . HOH C 2 .  ? 9.209   18.180  14.814  1.00 6.98  ? 128 HOH A O    1 
HETATM 1105 O O    . HOH C 2 .  ? 1.856   -19.199 -2.057  1.00 15.35 ? 129 HOH A O    1 
HETATM 1106 O O    . HOH C 2 .  ? 15.600  19.782  9.287   1.00 24.11 ? 130 HOH A O    1 
HETATM 1107 O O    . HOH C 2 .  ? 2.301   8.899   10.021  1.00 16.23 ? 131 HOH A O    1 
HETATM 1108 O O    . HOH C 2 .  ? 3.134   14.103  15.180  1.00 5.53  ? 132 HOH A O    1 
HETATM 1109 O O    . HOH C 2 .  ? 6.642   -16.163 -11.090 1.00 10.58 ? 133 HOH A O    1 
HETATM 1110 O O    . HOH C 2 .  ? 14.530  9.439   3.554   1.00 39.88 ? 134 HOH A O    1 
HETATM 1111 O O    . HOH C 2 .  ? 5.277   -20.021 -2.832  1.00 44.01 ? 135 HOH A O    1 
HETATM 1112 O O    . HOH C 2 .  ? 6.130   -13.183 -13.869 1.00 28.50 ? 136 HOH A O    1 
HETATM 1113 O O    . HOH C 2 .  ? 8.384   -7.305  -2.698  1.00 49.47 ? 137 HOH A O    1 
HETATM 1114 O O    . HOH C 2 .  ? 13.740  13.664  6.478   1.00 35.70 ? 138 HOH A O    1 
HETATM 1115 O O    . HOH C 2 .  ? 6.945   7.797   17.522  1.00 15.12 ? 139 HOH A O    1 
HETATM 1116 O O    . HOH C 2 .  ? 1.410   4.366   11.406  1.00 26.32 ? 140 HOH A O    1 
HETATM 1117 O O    . HOH C 2 .  ? 5.468   -19.812 -12.511 1.00 21.67 ? 141 HOH A O    1 
HETATM 1118 O O    . HOH C 2 .  ? 3.849   7.067   11.617  1.00 23.63 ? 142 HOH A O    1 
HETATM 1119 O O    . HOH C 2 .  ? 9.869   7.424   1.362   1.00 28.49 ? 143 HOH A O    1 
HETATM 1120 O O    . HOH C 2 .  ? 10.438  0.898   1.945   1.00 25.44 ? 144 HOH A O    1 
HETATM 1121 O O    . HOH C 2 .  ? -1.195  -9.050  -11.727 1.00 14.33 ? 145 HOH A O    1 
HETATM 1122 O O    . HOH C 2 .  ? 14.702  21.690  8.608   1.00 41.30 ? 146 HOH A O    1 
HETATM 1123 O O    . HOH C 2 .  ? 4.193   4.393   10.934  1.00 28.49 ? 147 HOH A O    1 
HETATM 1124 O O    . HOH C 2 .  ? 7.843   6.467   13.646  1.00 25.87 ? 148 HOH A O    1 
HETATM 1125 O O    . HOH C 2 .  ? 10.541  5.174   0.676   1.00 15.96 ? 149 HOH A O    1 
HETATM 1126 O O    . HOH C 2 .  ? -2.156  1.607   -7.587  1.00 34.36 ? 150 HOH A O    1 
HETATM 1127 O O    . HOH C 2 .  ? -0.124  8.181   9.160   1.00 14.63 ? 151 HOH A O    1 
HETATM 1128 O O    . HOH C 2 .  ? 13.622  18.935  6.985   1.00 23.83 ? 152 HOH A O    1 
HETATM 1129 O O    . HOH C 2 .  ? 5.963   -13.588 -11.269 1.00 16.02 ? 153 HOH A O    1 
HETATM 1130 O O    . HOH C 2 .  ? 2.732   -1.688  4.957   1.00 21.06 ? 154 HOH A O    1 
HETATM 1131 O O    . HOH C 2 .  ? -0.769  -0.762  -6.865  1.00 24.87 ? 155 HOH A O    1 
HETATM 1132 O O    . HOH C 2 .  ? 4.181   -5.754  3.229   1.00 29.60 ? 156 HOH A O    1 
HETATM 1133 O O    . HOH C 2 .  ? 10.857  8.430   4.005   1.00 31.58 ? 157 HOH A O    1 
HETATM 1134 O O    . HOH C 2 .  ? 4.380   -22.031 -13.821 1.00 36.29 ? 158 HOH A O    1 
HETATM 1135 O O    . HOH D 2 .  ? -5.638  -17.745 0.889   1.00 22.28 ? 101 HOH B O    1 
HETATM 1136 O O    . HOH D 2 .  ? -2.901  7.040   -4.470  1.00 31.42 ? 102 HOH B O    1 
HETATM 1137 O O    . HOH D 2 .  ? -5.184  -20.573 0.579   1.00 19.79 ? 103 HOH B O    1 
HETATM 1138 O O    . HOH D 2 .  ? -5.538  14.707  -1.920  1.00 16.68 ? 104 HOH B O    1 
HETATM 1139 O O    . HOH D 2 .  ? -3.119  17.634  9.582   1.00 8.87  ? 105 HOH B O    1 
HETATM 1140 O O    . HOH D 2 .  ? -6.936  -6.340  -5.700  1.00 20.43 ? 106 HOH B O    1 
HETATM 1141 O O    . HOH D 2 .  ? -5.747  12.517  -3.678  1.00 15.56 ? 107 HOH B O    1 
HETATM 1142 O O    . HOH D 2 .  ? -2.988  11.352  -3.643  1.00 19.83 ? 108 HOH B O    1 
HETATM 1143 O O    . HOH D 2 .  ? -0.777  14.936  10.107  1.00 11.62 ? 109 HOH B O    1 
HETATM 1144 O O    . HOH D 2 .  ? -12.300 -8.236  4.064   1.00 15.57 ? 110 HOH B O    1 
HETATM 1145 O O    . HOH D 2 .  ? -4.468  9.523   6.396   1.00 13.22 ? 111 HOH B O    1 
HETATM 1146 O O    . HOH D 2 .  ? -4.791  18.078  6.878   1.00 8.55  ? 112 HOH B O    1 
HETATM 1147 O O    . HOH D 2 .  ? -8.584  13.108  3.938   1.00 43.89 ? 113 HOH B O    1 
HETATM 1148 O O    . HOH D 2 .  ? -0.917  27.329  4.865   1.00 29.74 ? 114 HOH B O    1 
HETATM 1149 O O    . HOH D 2 .  ? -2.900  10.100  -5.135  1.00 34.47 ? 115 HOH B O    1 
HETATM 1150 O O    . HOH D 2 .  ? -6.526  14.341  6.399   1.00 13.54 ? 116 HOH B O    1 
HETATM 1151 O O    . HOH D 2 .  ? -3.214  -11.698 1.842   1.00 15.84 ? 117 HOH B O    1 
HETATM 1152 O O    . HOH D 2 .  ? -13.682 -12.340 -6.037  1.00 44.73 ? 118 HOH B O    1 
HETATM 1153 O O    . HOH D 2 .  ? -14.842 -5.605  1.819   1.00 11.22 ? 119 HOH B O    1 
HETATM 1154 O O    . HOH D 2 .  ? -15.872 -21.587 -0.029  1.00 22.80 ? 120 HOH B O    1 
HETATM 1155 O O    . HOH D 2 .  ? -8.031  14.980  4.019   1.00 20.35 ? 121 HOH B O    1 
HETATM 1156 O O    . HOH D 2 .  ? -12.796 -13.181 -0.451  1.00 23.97 ? 122 HOH B O    1 
HETATM 1157 O O    . HOH D 2 .  ? -8.826  9.734   -2.480  1.00 11.88 ? 123 HOH B O    1 
HETATM 1158 O O    . HOH D 2 .  ? -3.026  21.418  8.422   1.00 11.22 ? 124 HOH B O    1 
HETATM 1159 O O    . HOH D 2 .  ? 0.230   27.723  6.027   1.00 17.51 ? 125 HOH B O    1 
HETATM 1160 O O    . HOH D 2 .  ? -7.382  8.925   1.311   1.00 14.20 ? 126 HOH B O    1 
HETATM 1161 O O    . HOH D 2 .  ? -4.119  -1.811  4.232   1.00 15.16 ? 127 HOH B O    1 
HETATM 1162 O O    . HOH D 2 .  ? -2.271  -22.482 -1.416  1.00 7.68  ? 128 HOH B O    1 
HETATM 1163 O O    . HOH D 2 .  ? -10.502 -18.018 -4.835  1.00 14.20 ? 129 HOH B O    1 
HETATM 1164 O O    . HOH D 2 .  ? -10.819 -22.702 -4.450  1.00 27.60 ? 130 HOH B O    1 
HETATM 1165 O O    . HOH D 2 .  ? -1.208  12.925  -2.415  1.00 28.68 ? 131 HOH B O    1 
HETATM 1166 O O    . HOH D 2 .  ? -9.126  -7.107  -4.734  1.00 34.23 ? 132 HOH B O    1 
HETATM 1167 O O    . HOH D 2 .  ? -0.254  24.997  3.474   1.00 5.88  ? 133 HOH B O    1 
HETATM 1168 O O    . HOH D 2 .  ? -6.997  16.923  -1.628  1.00 13.36 ? 134 HOH B O    1 
HETATM 1169 O O    . HOH D 2 .  ? -5.835  -2.513  -4.937  1.00 15.27 ? 135 HOH B O    1 
HETATM 1170 O O    . HOH D 2 .  ? -6.963  4.315   -3.328  1.00 20.73 ? 136 HOH B O    1 
HETATM 1171 O O    . HOH D 2 .  ? 0.364   10.237  -5.308  1.00 40.85 ? 137 HOH B O    1 
HETATM 1172 O O    . HOH D 2 .  ? -14.726 -10.020 0.191   1.00 25.57 ? 138 HOH B O    1 
HETATM 1173 O O    . HOH D 2 .  ? -5.358  16.934  -4.300  1.00 37.54 ? 139 HOH B O    1 
HETATM 1174 O O    . HOH D 2 .  ? -1.386  -1.861  4.125   1.00 18.93 ? 140 HOH B O    1 
HETATM 1175 O O    . HOH D 2 .  ? -4.238  19.014  -4.433  1.00 20.69 ? 141 HOH B O    1 
HETATM 1176 O O    . HOH D 2 .  ? -9.527  -16.170 0.828   1.00 23.62 ? 142 HOH B O    1 
HETATM 1177 O O    . HOH D 2 .  ? -2.333  -24.903 -2.914  1.00 6.33  ? 143 HOH B O    1 
HETATM 1178 O O    . HOH D 2 .  ? -2.890  20.738  -2.526  1.00 8.02  ? 144 HOH B O    1 
HETATM 1179 O O    . HOH D 2 .  ? -2.911  -14.495 1.675   1.00 22.12 ? 145 HOH B O    1 
HETATM 1180 O O    . HOH D 2 .  ? -4.265  -4.906  4.215   1.00 24.17 ? 146 HOH B O    1 
HETATM 1181 O O    . HOH D 2 .  ? -1.953  -3.488  3.471   1.00 19.83 ? 147 HOH B O    1 
HETATM 1182 O O    . HOH D 2 .  ? -6.172  6.446   -4.961  1.00 34.62 ? 148 HOH B O    1 
HETATM 1183 O O    . HOH D 2 .  ? -5.102  27.484  9.342   1.00 22.18 ? 149 HOH B O    1 
HETATM 1184 O O    . HOH D 2 .  ? -6.307  7.536   6.569   1.00 16.35 ? 150 HOH B O    1 
HETATM 1185 O O    . HOH D 2 .  ? -0.917  27.716  9.511   1.00 26.94 ? 151 HOH B O    1 
HETATM 1186 O O    . HOH D 2 .  ? -2.030  9.696   7.672   1.00 16.22 ? 152 HOH B O    1 
HETATM 1187 O O    . HOH D 2 .  ? -8.022  8.428   4.790   1.00 32.37 ? 153 HOH B O    1 
HETATM 1188 O O    . HOH D 2 .  ? -11.656 -20.369 -5.339  1.00 24.99 ? 154 HOH B O    1 
HETATM 1189 O O    . HOH D 2 .  ? -10.962 -17.026 -7.275  1.00 28.88 ? 155 HOH B O    1 
HETATM 1190 O O    . HOH D 2 .  ? -0.371  20.032  -3.509  1.00 11.19 ? 156 HOH B O    1 
HETATM 1191 O O    . HOH D 2 .  ? -3.538  19.752  0.036   1.00 8.83  ? 157 HOH B O    1 
HETATM 1192 O O    . HOH D 2 .  ? -5.284  0.432   -6.102  1.00 30.41 ? 158 HOH B O    1 
HETATM 1193 O O    . HOH D 2 .  ? 0.381   -5.534  3.615   1.00 23.53 ? 159 HOH B O    1 
HETATM 1194 O O    . HOH D 2 .  ? -0.630  0.298   -1.633  1.00 18.93 ? 160 HOH B O    1 
HETATM 1195 O O    . HOH D 2 .  ? 0.324   -2.420  3.755   1.00 25.69 ? 161 HOH B O    1 
HETATM 1196 O O    . HOH D 2 .  ? 2.670   -6.706  2.587   1.00 30.23 ? 162 HOH B O    1 
HETATM 1197 O O    . HOH D 2 .  ? -7.663  9.624   6.118   1.00 40.71 ? 163 HOH B O    1 
HETATM 1198 O O    . HOH D 2 .  ? -0.279  -3.240  1.827   1.00 26.87 ? 164 HOH B O    1 
HETATM 1199 O O    . HOH D 2 .  ? -4.246  21.955  10.871  1.00 37.06 ? 165 HOH B O    1 
HETATM 1200 O O    . HOH D 2 .  ? -9.326  -10.597 -9.613  1.00 43.34 ? 166 HOH B O    1 
HETATM 1201 O O    . HOH D 2 .  ? -7.532  -12.278 -9.158  1.00 40.15 ? 167 HOH B O    1 
HETATM 1202 O O    . HOH D 2 .  ? -4.883  24.407  11.437  1.00 41.84 ? 168 HOH B O    1 
# 
loop_
_atom_site_anisotrop.id 
_atom_site_anisotrop.type_symbol 
_atom_site_anisotrop.pdbx_label_atom_id 
_atom_site_anisotrop.pdbx_label_alt_id 
_atom_site_anisotrop.pdbx_label_comp_id 
_atom_site_anisotrop.pdbx_label_asym_id 
_atom_site_anisotrop.pdbx_label_seq_id 
_atom_site_anisotrop.pdbx_PDB_ins_code 
_atom_site_anisotrop.U[1][1] 
_atom_site_anisotrop.U[2][2] 
_atom_site_anisotrop.U[3][3] 
_atom_site_anisotrop.U[1][2] 
_atom_site_anisotrop.U[1][3] 
_atom_site_anisotrop.U[2][3] 
_atom_site_anisotrop.pdbx_auth_seq_id 
_atom_site_anisotrop.pdbx_auth_comp_id 
_atom_site_anisotrop.pdbx_auth_asym_id 
_atom_site_anisotrop.pdbx_auth_atom_id 
19   N N   . ARG A 4  ? 0.0704 0.0648 0.0705 0.0193  -0.0149 -0.0175 1  ARG A N   
20   C CA  . ARG A 4  ? 0.0632 0.0650 0.0724 0.0183  -0.0063 -0.0202 1  ARG A CA  
21   C C   . ARG A 4  ? 0.0529 0.0546 0.0689 0.0143  -0.0096 -0.0123 1  ARG A C   
22   O O   . ARG A 4  ? 0.0471 0.0530 0.0649 0.0129  -0.0030 -0.0102 1  ARG A O   
23   C CB  . ARG A 4  ? 0.0681 0.0729 0.0922 0.0234  -0.0104 -0.0338 1  ARG A CB  
24   C CG  . ARG A 4  ? 0.0634 0.0808 0.1092 0.0234  -0.0046 -0.0433 1  ARG A CG  
25   C CD  . ARG A 4  ? 0.0821 0.1082 0.1228 0.0162  0.0172  -0.0488 1  ARG A CD  
26   N NE  . ARG A 4  ? 0.1030 0.1211 0.1197 0.0098  0.0294  -0.0387 1  ARG A NE  
27   C CZ  . ARG A 4  ? 0.1096 0.1308 0.1316 0.0039  0.0350  -0.0343 1  ARG A CZ  
28   N NH1 . ARG A 4  ? 0.0717 0.1049 0.1232 0.0037  0.0302  -0.0414 1  ARG A NH1 
29   N NH2 . ARG A 4  ? 0.1309 0.1376 0.1252 -0.0013 0.0411  -0.0240 1  ARG A NH2 
43   N N   . MET A 5  ? 0.0586 0.0505 0.0726 0.0102  -0.0186 -0.0085 2  MET A N   
44   C CA  . MET A 5  ? 0.0643 0.0462 0.0706 0.0024  -0.0183 -0.0019 2  MET A CA  
45   C C   . MET A 5  ? 0.0533 0.0486 0.0623 -0.0011 -0.0062 0.0013  2  MET A C   
46   O O   . MET A 5  ? 0.0614 0.0539 0.0649 -0.0033 -0.0019 0.0041  2  MET A O   
47   C CB  . MET A 5  ? 0.0870 0.0478 0.0795 -0.0084 -0.0246 0.0015  2  MET A CB  
48   C CG  . MET A 5  ? 0.1824 0.1139 0.1472 -0.0191 -0.0262 0.0079  2  MET A CG  
49   S SD  . MET A 5  ? 0.1973 0.1033 0.1489 -0.0080 -0.0507 0.0047  2  MET A SD  
50   C CE  . MET A 5  ? 0.2224 0.1122 0.1640 -0.0088 -0.0654 0.0041  2  MET A CE  
60   N N   . LYS A 6  ? 0.0480 0.0545 0.0663 0.0002  -0.0047 -0.0016 3  LYS A N   
61   C CA  . LYS A 6  ? 0.0420 0.0604 0.0700 0.0005  0.0006  -0.0038 3  LYS A CA  
62   C C   . LYS A 6  ? 0.0392 0.0553 0.0585 0.0078  0.0015  -0.0013 3  LYS A C   
63   O O   . LYS A 6  ? 0.0414 0.0610 0.0632 0.0076  0.0055  -0.0013 3  LYS A O   
64   C CB  . LYS A 6  ? 0.0432 0.0714 0.0897 0.0034  -0.0064 -0.0126 3  LYS A CB  
65   C CG  . LYS A 6  ? 0.0505 0.0926 0.1178 0.0079  -0.0076 -0.0221 3  LYS A CG  
66   C CD  . LYS A 6  ? 0.0834 0.1403 0.1663 -0.0039 0.0089  -0.0278 3  LYS A CD  
67   C CE  . LYS A 6  ? 0.1019 0.1672 0.2034 0.0027  0.0043  -0.0410 3  LYS A CE  
68   N NZ  . LYS A 6  ? 0.1904 0.2615 0.2934 -0.0072 0.0206  -0.0462 3  LYS A NZ  
82   N N   . GLN A 7  ? 0.0456 0.0535 0.0522 0.0120  0.0000  -0.0006 4  GLN A N   
83   C CA  . GLN A 7  ? 0.0575 0.0577 0.0505 0.0123  0.0056  0.0016  4  GLN A CA  
84   C C   . GLN A 7  ? 0.0494 0.0554 0.0516 0.0089  0.0116  0.0029  4  GLN A C   
85   O O   . GLN A 7  ? 0.0583 0.0610 0.0568 0.0081  0.0143  0.0052  4  GLN A O   
86   C CB  . GLN A 7  ? 0.0724 0.0605 0.0456 0.0110  0.0106  -0.0010 4  GLN A CB  
87   C CG  . GLN A 7  ? 0.0991 0.0661 0.0465 0.0152  0.0005  -0.0011 4  GLN A CG  
88   C CD  . GLN A 7  ? 0.1388 0.0863 0.0539 0.0108  0.0091  -0.0047 4  GLN A CD  
89   O OE1 . GLN A 7  ? 0.1661 0.1269 0.0923 0.0055  0.0241  -0.0116 4  GLN A OE1 
90   N NE2 . GLN A 7  ? 0.1822 0.0948 0.0558 0.0134  -0.0020 -0.0033 4  GLN A NE2 
99   N N   . LEU A 8  ? 0.0379 0.0467 0.0501 0.0082  0.0088  0.0004  5  LEU A N   
100  C CA  . LEU A 8  ? 0.0390 0.0455 0.0575 0.0076  0.0059  -0.0005 5  LEU A CA  
101  C C   . LEU A 8  ? 0.0464 0.0468 0.0544 0.0045  0.0061  0.0051  5  LEU A C   
102  O O   . LEU A 8  ? 0.0505 0.0483 0.0576 0.0048  0.0068  0.0056  5  LEU A O   
103  C CB  . LEU A 8  ? 0.0466 0.0458 0.0718 0.0103  -0.0065 -0.0063 5  LEU A CB  
104  C CG  . LEU A 8  ? 0.0481 0.0598 0.0961 0.0147  -0.0053 -0.0203 5  LEU A CG  
105  C CD1 . LEU A 8  ? 0.0541 0.0554 0.1074 0.0201  -0.0234 -0.0276 5  LEU A CD1 
106  C CD2 . LEU A 8  ? 0.0538 0.0752 0.1205 0.0129  -0.0009 -0.0286 5  LEU A CD2 
118  N N   . GLU A 9  ? 0.0484 0.0465 0.0501 -0.0001 0.0074  0.0066  6  GLU A N   
119  C CA  . GLU A 9  ? 0.0640 0.0595 0.0574 -0.0065 0.0147  0.0067  6  GLU A CA  
120  C C   . GLU A 9  ? 0.0521 0.0608 0.0563 -0.0009 0.0189  0.0036  6  GLU A C   
121  O O   . GLU A 9  ? 0.0549 0.0598 0.0528 -0.0020 0.0224  0.0024  6  GLU A O   
122  C CB  . GLU A 9  ? 0.0805 0.0788 0.0750 -0.0166 0.0217  0.0036  6  GLU A CB  
123  C CG  . GLU A 9  ? 0.1648 0.1636 0.1535 -0.0263 0.0348  -0.0019 6  GLU A CG  
124  C CD  . GLU A 9  ? 0.2764 0.2725 0.2633 -0.0391 0.0421  -0.0070 6  GLU A CD  
125  O OE1 . GLU A 9  ? 0.1691 0.1755 0.1735 -0.0400 0.0401  -0.0092 6  GLU A OE1 
126  O OE2 . GLU A 9  ? 0.3502 0.3319 0.3169 -0.0493 0.0507  -0.0106 6  GLU A OE2 
133  N N   . ASP A 10 ? 0.0415 0.0582 0.0561 0.0055  0.0150  0.0017  7  ASP A N   
134  C CA  . ASP A 10 ? 0.0703 0.0877 0.0887 0.0129  0.0110  -0.0017 7  ASP A CA  
135  C C   . ASP A 10 ? 0.0525 0.0579 0.0585 0.0133  0.0110  0.0036  7  ASP A C   
136  O O   . ASP A 10 ? 0.0605 0.0634 0.0670 0.0165  0.0093  0.0011  7  ASP A O   
137  C CB  . ASP A 10 ? 0.0824 0.0930 0.0975 0.0191  0.0006  -0.0029 7  ASP A CB  
138  C CG  . ASP A 10 ? 0.1568 0.1539 0.1666 0.0285  -0.0126 -0.0070 7  ASP A CG  
139  O OD1 . ASP A 10 ? 0.1557 0.1661 0.1888 0.0340  -0.0164 -0.0185 7  ASP A OD1 
140  O OD2 . ASP A 10 ? 0.1927 0.1619 0.1723 0.0294  -0.0195 -0.0007 7  ASP A OD2 
145  N N   . LYS A 11 ? 0.0537 0.0538 0.0542 0.0097  0.0133  0.0078  8  LYS A N   
146  C CA  . LYS A 11 ? 0.0663 0.0595 0.0648 0.0065  0.0157  0.0090  8  LYS A CA  
147  C C   . LYS A 11 ? 0.0479 0.0413 0.0514 0.0070  0.0128  0.0078  8  LYS A C   
148  O O   . LYS A 11 ? 0.0580 0.0446 0.0593 0.0074  0.0112  0.0077  8  LYS A O   
149  C CB  . LYS A 11 ? 0.0622 0.0583 0.0664 0.0008  0.0226  0.0058  8  LYS A CB  
150  C CG  . LYS A 11 ? 0.0658 0.0593 0.0770 -0.0068 0.0295  0.0022  8  LYS A CG  
151  C CD  . LYS A 11 ? 0.1079 0.0782 0.0916 -0.0126 0.0330  0.0082  8  LYS A CD  
152  C CE  . LYS A 11 ? 0.1081 0.0754 0.0970 -0.0250 0.0426  0.0028  8  LYS A CE  
153  N NZ  . LYS A 11 ? 0.1679 0.1052 0.1216 -0.0309 0.0411  0.0088  8  LYS A NZ  
167  N N   . VAL A 12 ? 0.0469 0.0399 0.0492 0.0063  0.0100  0.0069  9  VAL A N   
168  C CA  . VAL A 12 ? 0.0644 0.0434 0.0546 0.0057  0.0046  0.0063  9  VAL A CA  
169  C C   . VAL A 12 ? 0.0655 0.0447 0.0466 0.0060  0.0111  0.0048  9  VAL A C   
170  O O   . VAL A 12 ? 0.0753 0.0444 0.0489 0.0077  0.0077  0.0032  9  VAL A O   
171  C CB  . VAL A 12 ? 0.0772 0.0390 0.0498 0.0022  -0.0018 0.0073  9  VAL A CB  
172  C CG1 . VAL A 12 ? 0.1129 0.0459 0.0519 -0.0016 -0.0061 0.0079  9  VAL A CG1 
173  C CG2 . VAL A 12 ? 0.0797 0.0400 0.0683 0.0067  -0.0152 0.0030  9  VAL A CG2 
183  N N   . GLY A 13 ? 0.0609 0.0529 0.0479 0.0050  0.0192  0.0014  10 GLY A N   
184  C CA  . GLY A 13 ? 0.0676 0.0670 0.0585 0.0065  0.0259  -0.0079 10 GLY A CA  
185  C C   . GLY A 13 ? 0.0637 0.0609 0.0616 0.0161  0.0170  -0.0094 10 GLY A C   
186  O O   . GLY A 13 ? 0.0741 0.0674 0.0687 0.0192  0.0173  -0.0158 10 GLY A O   
190  N N   . GLU A 14 ? 0.0720 0.0647 0.0789 0.0149  0.0003  -0.0379 11 GLU A N   
191  C CA  . GLU A 14 ? 0.0813 0.0715 0.0558 0.0208  -0.0030 -0.0308 11 GLU A CA  
192  C C   . GLU A 14 ? 0.0720 0.0556 0.0485 0.0189  0.0061  -0.0166 11 GLU A C   
193  O O   . GLU A 14 ? 0.0789 0.0578 0.0475 0.0183  0.0041  -0.0071 11 GLU A O   
194  C CB  . GLU A 14 ? 0.1139 0.1047 0.0599 0.0220  -0.0007 -0.0367 11 GLU A CB  
195  C CG  . GLU A 14 ? 0.2130 0.1945 0.1233 0.0260  -0.0002 -0.0209 11 GLU A CG  
196  C CD  . GLU A 14 ? 0.3221 0.3079 0.2001 0.0223  0.0060  -0.0248 11 GLU A CD  
197  O OE1 . GLU A 14 ? 0.3247 0.3179 0.2056 0.0174  0.0097  -0.0447 11 GLU A OE1 
198  O OE2 . GLU A 14 ? 0.4427 0.4196 0.2916 0.0228  0.0095  -0.0075 11 GLU A OE2 
205  N N   . LEU A 15 ? 0.0656 0.0519 0.0621 0.0169  0.0161  -0.0169 12 LEU A N   
206  C CA  . LEU A 15 ? 0.0582 0.0508 0.0682 0.0133  0.0214  -0.0063 12 LEU A CA  
207  C C   . LEU A 15 ? 0.0519 0.0530 0.0732 0.0100  0.0117  0.0036  12 LEU A C   
208  O O   . LEU A 15 ? 0.0607 0.0695 0.0809 0.0043  0.0112  0.0067  12 LEU A O   
209  C CB  . LEU A 15 ? 0.0722 0.0735 0.1114 0.0157  0.0301  -0.0109 12 LEU A CB  
210  C CG  . LEU A 15 ? 0.0829 0.0837 0.1056 0.0139  0.0428  -0.0223 12 LEU A CG  
211  C CD1 . LEU A 15 ? 0.0897 0.0993 0.1457 0.0164  0.0476  -0.0296 12 LEU A CD1 
212  C CD2 . LEU A 15 ? 0.1419 0.1416 0.1454 0.0063  0.0531  -0.0159 12 LEU A CD2 
224  N N   . LEU A 16 ? 0.0476 0.0485 0.0786 0.0106  0.0064  0.0067  13 LEU A N   
225  C CA  . LEU A 16 ? 0.0458 0.0573 0.0751 0.0052  0.0007  0.0171  13 LEU A CA  
226  C C   . LEU A 16 ? 0.0413 0.0551 0.0532 0.0006  -0.0001 0.0083  13 LEU A C   
227  O O   . LEU A 16 ? 0.0516 0.0785 0.0579 -0.0057 -0.0016 0.0081  13 LEU A O   
228  C CB  . LEU A 16 ? 0.0669 0.0722 0.1072 0.0035  0.0019  0.0254  13 LEU A CB  
229  C CG  . LEU A 16 ? 0.1103 0.1129 0.1682 0.0076  0.0008  0.0418  13 LEU A CG  
230  C CD1 . LEU A 16 ? 0.1690 0.1568 0.2361 0.0034  0.0070  0.0468  13 LEU A CD1 
231  C CD2 . LEU A 16 ? 0.1158 0.1397 0.1608 0.0063  -0.0083 0.0553  13 LEU A CD2 
243  N N   . PHE A 17 ? 0.0430 0.0469 0.0495 0.0051  -0.0007 -0.0015 14 PHE A N   
244  C CA  . PHE A 17 ? 0.0570 0.0603 0.0581 0.0065  -0.0027 -0.0093 14 PHE A CA  
245  C C   . PHE A 17 ? 0.0527 0.0442 0.0455 0.0058  0.0008  -0.0072 14 PHE A C   
246  O O   . PHE A 17 ? 0.0616 0.0551 0.0593 0.0010  0.0032  -0.0144 14 PHE A O   
247  C CB  . PHE A 17 ? 0.0489 0.0495 0.0510 0.0162  -0.0102 -0.0180 14 PHE A CB  
248  C CG  . PHE A 17 ? 0.0752 0.0765 0.0842 0.0219  -0.0138 -0.0241 14 PHE A CG  
249  C CD1 . PHE A 17 ? 0.0848 0.0656 0.0821 0.0295  -0.0153 -0.0170 14 PHE A CD1 
250  C CD2 . PHE A 17 ? 0.0788 0.0997 0.1092 0.0169  -0.0117 -0.0351 14 PHE A CD2 
251  C CE1 . PHE A 17 ? 0.1044 0.0825 0.1167 0.0344  -0.0161 -0.0212 14 PHE A CE1 
252  C CE2 . PHE A 17 ? 0.1069 0.1294 0.1499 0.0211  -0.0130 -0.0422 14 PHE A CE2 
253  C CZ  . PHE A 17 ? 0.0888 0.0892 0.1244 0.0313  -0.0159 -0.0353 14 PHE A CZ  
263  N N   . SER A 18 ? 0.0610 0.0406 0.0444 0.0077  0.0052  -0.0006 15 SER A N   
264  C CA  . SER A 18 ? 0.0728 0.0387 0.0537 0.0022  0.0144  0.0025  15 SER A CA  
265  C C   . SER A 18 ? 0.0619 0.0483 0.0629 -0.0105 0.0165  -0.0045 15 SER A C   
266  O O   . SER A 18 ? 0.0747 0.0546 0.0839 -0.0188 0.0219  -0.0122 15 SER A O   
267  C CB  . SER A 18 ? 0.1007 0.0573 0.0676 0.0024  0.0247  0.0097  15 SER A CB  
268  O OG  . SER A 18 ? 0.1731 0.1139 0.1103 0.0135  0.0201  0.0155  15 SER A OG  
274  N N   . ASN A 19 ? 0.0571 0.0667 0.0559 -0.0059 0.0200  -0.0292 16 ASN A N   
275  C CA  . ASN A 19 ? 0.0719 0.0852 0.0838 0.0039  0.0201  -0.0207 16 ASN A CA  
276  C C   . ASN A 19 ? 0.0533 0.0678 0.0564 0.0067  0.0107  -0.0094 16 ASN A C   
277  O O   . ASN A 19 ? 0.0529 0.0779 0.0524 0.0072  0.0061  -0.0057 16 ASN A O   
278  C CB  . ASN A 19 ? 0.1030 0.1102 0.1432 0.0123  0.0287  -0.0184 16 ASN A CB  
279  C CG  . ASN A 19 ? 0.1173 0.1377 0.1736 0.0243  0.0248  -0.0028 16 ASN A CG  
280  O OD1 . ASN A 19 ? 0.1876 0.2103 0.2433 0.0300  0.0191  0.0129  16 ASN A OD1 
281  N ND2 . ASN A 19 ? 0.1083 0.1408 0.1755 0.0260  0.0265  -0.0067 16 ASN A ND2 
284  N N   . TYR A 20 ? 0.0414 0.0478 0.0436 0.0063  0.0100  -0.0078 17 TYR A N   
285  C CA  . TYR A 20 ? 0.0479 0.0564 0.0440 0.0075  0.0049  -0.0009 17 TYR A CA  
286  C C   . TYR A 20 ? 0.0449 0.0549 0.0296 0.0034  0.0001  -0.0039 17 TYR A C   
287  O O   . TYR A 20 ? 0.0494 0.0649 0.0322 0.0030  -0.0008 -0.0037 17 TYR A O   
288  C CB  . TYR A 20 ? 0.0586 0.0592 0.0615 0.0062  0.0083  -0.0012 17 TYR A CB  
289  C CG  . TYR A 20 ? 0.0389 0.0427 0.0390 0.0059  0.0071  0.0032  17 TYR A CG  
290  C CD1 . TYR A 20 ? 0.0560 0.0704 0.0474 0.0070  0.0049  0.0072  17 TYR A CD1 
291  C CD2 . TYR A 20 ? 0.0633 0.0639 0.0714 0.0021  0.0101  -0.0007 17 TYR A CD2 
292  C CE1 . TYR A 20 ? 0.0509 0.0706 0.0402 0.0045  0.0075  0.0064  17 TYR A CE1 
293  C CE2 . TYR A 20 ? 0.0573 0.0629 0.0665 0.0010  0.0119  0.0011  17 TYR A CE2 
294  C CZ  . TYR A 20 ? 0.0474 0.0615 0.0464 0.0024  0.0115  0.0044  17 TYR A CZ  
295  O OH  . TYR A 20 ? 0.0587 0.0800 0.0596 -0.0008 0.0169  0.0013  17 TYR A OH  
305  N N   . TRP A 21 ? 0.0575 0.0644 0.0365 -0.0003 -0.0015 -0.0066 18 TRP A N   
306  C CA  . TRP A 21 ? 0.0507 0.0550 0.0242 -0.0016 -0.0042 -0.0025 18 TRP A CA  
307  C C   . TRP A 21 ? 0.0591 0.0625 0.0324 -0.0043 0.0001  -0.0038 18 TRP A C   
308  O O   . TRP A 21 ? 0.0607 0.0592 0.0394 -0.0055 0.0026  -0.0047 18 TRP A O   
309  C CB  . TRP A 21 ? 0.0641 0.0723 0.0297 -0.0044 -0.0073 0.0005  18 TRP A CB  
310  C CG  . TRP A 21 ? 0.0664 0.0736 0.0284 -0.0029 -0.0115 0.0143  18 TRP A CG  
311  C CD1 . TRP A 21 ? 0.0744 0.0884 0.0432 0.0017  -0.0186 0.0219  18 TRP A CD1 
312  C CD2 . TRP A 21 ? 0.0795 0.0768 0.0379 -0.0049 -0.0066 0.0237  18 TRP A CD2 
313  N NE1 . TRP A 21 ? 0.0909 0.0987 0.0621 0.0057  -0.0187 0.0376  18 TRP A NE1 
314  C CE2 . TRP A 21 ? 0.1047 0.0993 0.0690 0.0010  -0.0103 0.0400  18 TRP A CE2 
315  C CE3 . TRP A 21 ? 0.1126 0.1037 0.0688 -0.0108 0.0024  0.0187  18 TRP A CE3 
316  C CZ2 . TRP A 21 ? 0.1355 0.1154 0.1027 0.0011  -0.0039 0.0530  18 TRP A CZ2 
317  C CZ3 . TRP A 21 ? 0.1296 0.1079 0.0875 -0.0137 0.0094  0.0298  18 TRP A CZ3 
318  C CH2 . TRP A 21 ? 0.1445 0.1139 0.1075 -0.0076 0.0071  0.0493  18 TRP A CH2 
329  N N   . LEU A 22 ? 0.0563 0.0650 0.0299 -0.0060 0.0030  -0.0070 19 LEU A N   
330  C CA  . LEU A 22 ? 0.0596 0.0744 0.0368 -0.0107 0.0074  -0.0110 19 LEU A CA  
331  C C   . LEU A 22 ? 0.0476 0.0750 0.0338 -0.0100 0.0053  -0.0149 19 LEU A C   
332  O O   . LEU A 22 ? 0.0573 0.0890 0.0477 -0.0173 0.0088  -0.0220 19 LEU A O   
333  C CB  . LEU A 22 ? 0.0664 0.0888 0.0482 -0.0120 0.0114  -0.0146 19 LEU A CB  
334  C CG  . LEU A 22 ? 0.0710 0.0875 0.0423 -0.0170 0.0146  -0.0131 19 LEU A CG  
335  C CD1 . LEU A 22 ? 0.0839 0.1082 0.0631 -0.0179 0.0200  -0.0212 19 LEU A CD1 
336  C CD2 . LEU A 22 ? 0.1077 0.1188 0.0714 -0.0249 0.0199  -0.0085 19 LEU A CD2 
348  N N   . GLU A 23 ? 0.0497 0.0688 0.0405 0.0003  0.0057  -0.0098 20 GLU A N   
349  C CA  . GLU A 23 ? 0.0538 0.0619 0.0403 0.0020  0.0012  -0.0029 20 GLU A CA  
350  C C   . GLU A 23 ? 0.0569 0.0618 0.0330 -0.0011 0.0007  -0.0011 20 GLU A C   
351  O O   . GLU A 23 ? 0.0611 0.0618 0.0298 -0.0010 -0.0042 0.0020  20 GLU A O   
352  C CB  . GLU A 23 ? 0.0739 0.0636 0.0567 0.0042  0.0047  -0.0009 20 GLU A CB  
353  C CG  . GLU A 23 ? 0.0783 0.0666 0.0782 0.0101  0.0019  -0.0020 20 GLU A CG  
354  C CD  . GLU A 23 ? 0.1242 0.1040 0.1244 0.0192  -0.0150 0.0039  20 GLU A CD  
355  O OE1 . GLU A 23 ? 0.1519 0.1274 0.1332 0.0199  -0.0249 0.0080  20 GLU A OE1 
356  O OE2 . GLU A 23 ? 0.1579 0.1367 0.1824 0.0267  -0.0210 0.0011  20 GLU A OE2 
363  N N   . LEU A 24 ? 0.0586 0.0666 0.0406 -0.0031 0.0040  -0.0071 21 LEU A N   
364  C CA  . LEU A 24 ? 0.0563 0.0634 0.0419 -0.0052 0.0041  -0.0095 21 LEU A CA  
365  C C   . LEU A 24 ? 0.0539 0.0654 0.0367 -0.0034 -0.0033 -0.0039 21 LEU A C   
366  O O   . LEU A 24 ? 0.0678 0.0755 0.0522 -0.0055 -0.0025 -0.0038 21 LEU A O   
367  C CB  . LEU A 24 ? 0.0494 0.0635 0.0587 -0.0051 0.0041  -0.0224 21 LEU A CB  
368  C CG  . LEU A 24 ? 0.0556 0.0618 0.0799 -0.0112 0.0208  -0.0325 21 LEU A CG  
369  C CD1 . LEU A 24 ? 0.0644 0.0870 0.1293 -0.0104 0.0164  -0.0500 21 LEU A CD1 
370  C CD2 . LEU A 24 ? 0.0850 0.0699 0.0949 -0.0183 0.0385  -0.0301 21 LEU A CD2 
382  N N   . GLU A 25 ? 0.0595 0.0740 0.0355 -0.0012 -0.0065 -0.0003 22 GLU A N   
383  C CA  . GLU A 25 ? 0.0744 0.0829 0.0432 -0.0014 -0.0065 0.0071  22 GLU A CA  
384  C C   . GLU A 25 ? 0.0638 0.0748 0.0434 -0.0057 -0.0010 0.0076  22 GLU A C   
385  O O   . GLU A 25 ? 0.0705 0.0775 0.0575 -0.0079 0.0001  0.0087  22 GLU A O   
386  C CB  . GLU A 25 ? 0.0926 0.0936 0.0380 0.0001  -0.0047 0.0107  22 GLU A CB  
387  C CG  . GLU A 25 ? 0.1382 0.1200 0.0648 -0.0009 0.0012  0.0214  22 GLU A CG  
388  C CD  . GLU A 25 ? 0.1600 0.1290 0.0833 0.0060  -0.0123 0.0275  22 GLU A CD  
389  O OE1 . GLU A 25 ? 0.1224 0.1015 0.0672 0.0108  -0.0254 0.0201  22 GLU A OE1 
390  O OE2 . GLU A 25 ? 0.2338 0.1829 0.1406 0.0063  -0.0075 0.0377  22 GLU A OE2 
397  N N   . VAL A 26 ? 0.0592 0.0768 0.0463 -0.0057 -0.0004 0.0038  23 VAL A N   
398  C CA  . VAL A 26 ? 0.0518 0.0748 0.0573 -0.0063 -0.0045 -0.0011 23 VAL A CA  
399  C C   . VAL A 26 ? 0.0513 0.0687 0.0476 -0.0058 -0.0132 -0.0030 23 VAL A C   
400  O O   . VAL A 26 ? 0.0618 0.0820 0.0710 -0.0083 -0.0163 -0.0089 23 VAL A O   
401  C CB  . VAL A 26 ? 0.0473 0.0757 0.0657 -0.0016 -0.0100 -0.0056 23 VAL A CB  
402  C CG1 . VAL A 26 ? 0.0759 0.1088 0.1131 0.0026  -0.0263 -0.0135 23 VAL A CG1 
403  C CG2 . VAL A 26 ? 0.0579 0.0934 0.0932 -0.0049 0.0045  -0.0102 23 VAL A CG2 
413  N N   . ALA A 27 ? 0.0700 0.0771 0.0452 -0.0046 -0.0133 -0.0009 24 ALA A N   
414  C CA  . ALA A 27 ? 0.0973 0.0919 0.0536 -0.0066 -0.0144 -0.0047 24 ALA A CA  
415  C C   . ALA A 27 ? 0.0790 0.0774 0.0496 -0.0114 -0.0086 -0.0093 24 ALA A C   
416  O O   . ALA A 27 ? 0.1092 0.1039 0.0761 -0.0140 -0.0112 -0.0171 24 ALA A O   
417  C CB  . ALA A 27 ? 0.1079 0.0856 0.0430 -0.0076 -0.0043 -0.0026 24 ALA A CB  
423  N N   . ARG A 28 ? 0.0672 0.0698 0.0524 -0.0109 -0.0037 -0.0060 25 ARG A N   
424  C CA  . ARG A 28 ? 0.0681 0.0692 0.0708 -0.0119 -0.0016 -0.0082 25 ARG A CA  
425  C C   . ARG A 28 ? 0.0673 0.0687 0.0818 -0.0144 -0.0016 -0.0078 25 ARG A C   
426  O O   . ARG A 28 ? 0.0742 0.0729 0.1022 -0.0179 0.0008  -0.0157 25 ARG A O   
427  C CB  . ARG A 28 ? 0.0751 0.0753 0.0850 -0.0059 -0.0058 -0.0026 25 ARG A CB  
428  C CG  . ARG A 28 ? 0.0762 0.0686 0.1053 -0.0025 -0.0094 -0.0022 25 ARG A CG  
429  C CD  . ARG A 28 ? 0.1053 0.0903 0.1308 0.0081  -0.0235 0.0049  25 ARG A CD  
430  N NE  . ARG A 28 ? 0.1273 0.0973 0.1192 0.0098  -0.0236 0.0206  25 ARG A NE  
431  C CZ  . ARG A 28 ? 0.1701 0.1184 0.1525 0.0090  -0.0173 0.0325  25 ARG A CZ  
432  N NH1 . ARG A 28 ? 0.1711 0.1145 0.1810 0.0077  -0.0143 0.0297  25 ARG A NH1 
433  N NH2 . ARG A 28 ? 0.2129 0.1416 0.1590 0.0077  -0.0092 0.0454  25 ARG A NH2 
447  N N   . LEU A 29 ? 0.0728 0.0703 0.0754 -0.0337 -0.0166 -0.0130 26 LEU A N   
448  C CA  . LEU A 29 ? 0.0553 0.0672 0.0733 -0.0159 -0.0183 -0.0089 26 LEU A CA  
449  C C   . LEU A 29 ? 0.0537 0.0536 0.0682 -0.0069 -0.0181 -0.0074 26 LEU A C   
450  O O   . LEU A 29 ? 0.0552 0.0717 0.0880 -0.0024 -0.0195 -0.0044 26 LEU A O   
451  C CB  . LEU A 29 ? 0.0639 0.0690 0.0695 -0.0067 -0.0189 -0.0101 26 LEU A CB  
452  C CG  . LEU A 29 ? 0.0762 0.0876 0.0775 -0.0127 -0.0230 -0.0104 26 LEU A CG  
453  C CD1 . LEU A 29 ? 0.1098 0.0948 0.0780 -0.0062 -0.0200 -0.0140 26 LEU A CD1 
454  C CD2 . LEU A 29 ? 0.1017 0.1342 0.1206 -0.0088 -0.0244 -0.0051 26 LEU A CD2 
466  N N   . LYS A 30 ? 0.0948 0.0576 0.0772 -0.0045 -0.0194 -0.0097 27 LYS A N   
467  C CA  . LYS A 30 ? 0.0975 0.0422 0.0680 0.0076  -0.0262 -0.0090 27 LYS A CA  
468  C C   . LYS A 30 ? 0.0980 0.0414 0.0696 -0.0018 -0.0219 -0.0065 27 LYS A C   
469  O O   . LYS A 30 ? 0.1110 0.0503 0.0816 0.0064  -0.0305 -0.0055 27 LYS A O   
470  C CB  . LYS A 30 ? 0.1563 0.0531 0.0793 0.0149  -0.0299 -0.0102 27 LYS A CB  
471  C CG  . LYS A 30 ? 0.1600 0.0602 0.0821 0.0358  -0.0361 -0.0145 27 LYS A CG  
472  C CD  . LYS A 30 ? 0.3169 0.1795 0.1930 0.0482  -0.0435 -0.0153 27 LYS A CD  
473  C CE  . LYS A 30 ? 0.4005 0.2715 0.2821 0.0621  -0.0563 -0.0204 27 LYS A CE  
474  N NZ  . LYS A 30 ? 0.4123 0.3420 0.3546 0.0696  -0.0566 -0.0234 27 LYS A NZ  
488  N N   . LYS A 31 ? 0.0966 0.0455 0.0702 -0.0187 -0.0090 -0.0070 28 LYS A N   
489  C CA  . LYS A 31 ? 0.0951 0.0463 0.0704 -0.0234 0.0008  -0.0065 28 LYS A CA  
490  C C   . LYS A 31 ? 0.0787 0.0554 0.0806 -0.0123 -0.0049 -0.0043 28 LYS A C   
491  O O   . LYS A 31 ? 0.0797 0.0424 0.0696 -0.0097 -0.0013 -0.0041 28 LYS A O   
492  C CB  . LYS A 31 ? 0.0988 0.0742 0.0900 -0.0412 0.0178  -0.0103 28 LYS A CB  
493  C CG  . LYS A 31 ? 0.2110 0.1552 0.1661 -0.0571 0.0276  -0.0122 28 LYS A CG  
494  C CD  . LYS A 31 ? 0.2374 0.2225 0.2214 -0.0715 0.0396  -0.0175 28 LYS A CD  
495  C CE  . LYS A 31 ? 0.2626 0.2822 0.2769 -0.0659 0.0521  -0.0199 28 LYS A CE  
496  N NZ  . LYS A 31 ? 0.2824 0.3448 0.3282 -0.0760 0.0612  -0.0245 28 LYS A NZ  
510  N N   . LEU A 32 ? 0.0547 0.0577 0.0814 -0.0076 -0.0122 -0.0028 29 LEU A N   
511  C CA  . LEU A 32 ? 0.0465 0.0623 0.0871 -0.0024 -0.0156 0.0000  29 LEU A CA  
512  C C   . LEU A 32 ? 0.0838 0.0904 0.1175 -0.0014 -0.0222 0.0016  29 LEU A C   
513  O O   . LEU A 32 ? 0.1079 0.1104 0.1415 -0.0033 -0.0254 0.0038  29 LEU A O   
514  C CB  . LEU A 32 ? 0.0583 0.0877 0.0978 -0.0010 -0.0119 0.0006  29 LEU A CB  
515  C CG  . LEU A 32 ? 0.0499 0.0972 0.0970 -0.0030 -0.0096 -0.0008 29 LEU A CG  
516  C CD1 . LEU A 32 ? 0.0791 0.1313 0.1218 -0.0009 -0.0132 0.0003  29 LEU A CD1 
517  C CD2 . LEU A 32 ? 0.0580 0.1173 0.1209 0.0030  -0.0058 -0.0018 29 LEU A CD2 
529  N N   . VAL A 33 ? 0.0644 0.0706 0.0956 0.0008  -0.0254 -0.0004 30 VAL A N   
530  C CA  . VAL A 33 ? 0.0880 0.1049 0.1250 0.0008  -0.0290 -0.0011 30 VAL A CA  
531  C C   . VAL A 33 ? 0.0627 0.0640 0.0904 0.0066  -0.0419 -0.0043 30 VAL A C   
532  O O   . VAL A 33 ? 0.0701 0.0895 0.1097 0.0076  -0.0481 -0.0059 30 VAL A O   
533  C CB  . VAL A 33 ? 0.1104 0.1529 0.1588 0.0030  -0.0233 -0.0012 30 VAL A CB  
534  C CG1 . VAL A 33 ? 0.2065 0.2541 0.2543 -0.0017 -0.0153 -0.0003 30 VAL A CG1 
535  C CG2 . VAL A 33 ? 0.1696 0.2031 0.2140 0.0136  -0.0267 -0.0039 30 VAL A CG2 
563  N N   . ARG B 4  ? 0.0691 0.0392 0.0568 0.0125  -0.0103 0.0046  1  ARG B N   
564  C CA  . ARG B 4  ? 0.0705 0.0445 0.0538 0.0088  -0.0123 0.0038  1  ARG B CA  
565  C C   . ARG B 4  ? 0.0565 0.0314 0.0357 0.0091  -0.0116 0.0035  1  ARG B C   
566  O O   . ARG B 4  ? 0.0666 0.0430 0.0477 0.0077  -0.0105 0.0044  1  ARG B O   
567  C CB  . ARG B 4  ? 0.0773 0.0482 0.0618 0.0066  -0.0147 0.0016  1  ARG B CB  
568  C CG  . ARG B 4  ? 0.0710 0.0381 0.0608 0.0039  -0.0120 0.0024  1  ARG B CG  
569  C CD  . ARG B 4  ? 0.0818 0.0491 0.0794 -0.0011 -0.0142 -0.0029 1  ARG B CD  
570  N NE  . ARG B 4  ? 0.0658 0.0307 0.0736 -0.0061 -0.0085 -0.0022 1  ARG B NE  
571  C CZ  . ARG B 4  ? 0.0685 0.0385 0.0918 -0.0129 -0.0098 -0.0075 1  ARG B CZ  
572  N NH1 . ARG B 4  ? 0.0769 0.0533 0.1010 -0.0163 -0.0202 -0.0137 1  ARG B NH1 
573  N NH2 . ARG B 4  ? 0.0733 0.0425 0.1096 -0.0186 -0.0007 -0.0066 1  ARG B NH2 
575  N N   . MET B 5  ? 0.0710 0.0415 0.0421 0.0091  -0.0094 0.0014  2  MET B N   
576  C CA  . MET B 5  ? 0.0814 0.0493 0.0434 0.0078  -0.0062 0.0036  2  MET B CA  
577  C C   . MET B 5  ? 0.0623 0.0355 0.0355 0.0069  0.0004  0.0036  2  MET B C   
578  O O   . MET B 5  ? 0.0782 0.0488 0.0511 0.0044  0.0031  0.0063  2  MET B O   
579  C CB  . MET B 5  ? 0.1269 0.0868 0.0687 0.0049  -0.0027 0.0003  2  MET B CB  
580  C CG  . MET B 5  ? 0.1467 0.1071 0.0782 0.0019  -0.0139 0.0020  2  MET B CG  
581  S SD  . MET B 5  ? 0.1823 0.1372 0.0881 -0.0058 -0.0111 -0.0045 2  MET B SD  
582  C CE  . MET B 5  ? 0.1426 0.0892 0.0382 -0.0062 0.0049  -0.0043 2  MET B CE  
592  N N   . LYS B 6  ? 0.0571 0.0381 0.0447 0.0090  0.0027  0.0014  3  LYS B N   
593  C CA  . LYS B 6  ? 0.0531 0.0466 0.0589 0.0067  0.0050  0.0014  3  LYS B CA  
594  C C   . LYS B 6  ? 0.0518 0.0485 0.0568 0.0014  -0.0017 0.0017  3  LYS B C   
595  O O   . LYS B 6  ? 0.0530 0.0524 0.0640 -0.0051 0.0020  -0.0008 3  LYS B O   
596  C CB  . LYS B 6  ? 0.0550 0.0618 0.0854 0.0119  0.0033  0.0028  3  LYS B CB  
597  C CG  . LYS B 6  ? 0.0480 0.0750 0.1055 0.0085  0.0036  0.0026  3  LYS B CG  
598  C CD  . LYS B 6  ? 0.0511 0.0981 0.1421 0.0154  -0.0042 0.0084  3  LYS B CD  
599  C CE  . LYS B 6  ? 0.0470 0.1195 0.1724 0.0109  -0.0045 0.0073  3  LYS B CE  
600  N NZ  . LYS B 6  ? 0.0528 0.1367 0.1730 -0.0024 -0.0163 0.0048  3  LYS B NZ  
614  N N   . GLN B 7  ? 0.0537 0.0488 0.0513 0.0022  -0.0087 0.0027  4  GLN B N   
615  C CA  . GLN B 7  ? 0.0645 0.0598 0.0565 -0.0050 -0.0108 -0.0008 4  GLN B CA  
616  C C   . GLN B 7  ? 0.0674 0.0495 0.0568 -0.0073 -0.0025 -0.0038 4  GLN B C   
617  O O   . GLN B 7  ? 0.0759 0.0554 0.0668 -0.0154 0.0015  -0.0099 4  GLN B O   
618  C CB  . GLN B 7  ? 0.0770 0.0693 0.0572 -0.0051 -0.0146 0.0006  4  GLN B CB  
619  C CG  . GLN B 7  ? 0.1022 0.1043 0.0828 -0.0037 -0.0244 0.0077  4  GLN B CG  
620  C CD  . GLN B 7  ? 0.1141 0.1321 0.1003 -0.0099 -0.0325 0.0070  4  GLN B CD  
621  O OE1 . GLN B 7  ? 0.1618 0.1789 0.1360 -0.0197 -0.0317 -0.0004 4  GLN B OE1 
622  N NE2 . GLN B 7  ? 0.1374 0.1693 0.1459 -0.0037 -0.0375 0.0126  4  GLN B NE2 
631  N N   . LEU B 8  ? 0.0622 0.0355 0.0490 -0.0010 -0.0006 0.0008  5  LEU B N   
632  C CA  . LEU B 8  ? 0.0695 0.0298 0.0586 0.0000  0.0051  0.0036  5  LEU B CA  
633  C C   . LEU B 8  ? 0.0755 0.0298 0.0643 -0.0038 0.0119  0.0061  5  LEU B C   
634  O O   . LEU B 8  ? 0.0879 0.0301 0.0822 -0.0072 0.0196  0.0056  5  LEU B O   
635  C CB  . LEU B 8  ? 0.0844 0.0419 0.0732 0.0076  -0.0001 0.0113  5  LEU B CB  
636  C CG  . LEU B 8  ? 0.0795 0.0431 0.0770 0.0099  -0.0032 0.0086  5  LEU B CG  
637  C CD1 . LEU B 8  ? 0.1487 0.1201 0.1512 0.0142  -0.0094 0.0145  5  LEU B CD1 
638  C CD2 . LEU B 8  ? 0.1851 0.1438 0.1932 0.0079  0.0066  0.0023  5  LEU B CD2 
650  N N   . GLU B 9  ? 0.0527 0.0394 0.0717 -0.0071 -0.0084 0.0168  6  GLU B N   
651  C CA  . GLU B 9  ? 0.0545 0.0456 0.0788 -0.0035 -0.0026 0.0078  6  GLU B CA  
652  C C   . GLU B 9  ? 0.0462 0.0417 0.0758 -0.0027 -0.0041 0.0067  6  GLU B C   
653  O O   . GLU B 9  ? 0.0598 0.0599 0.0876 -0.0043 0.0043  0.0029  6  GLU B O   
654  C CB  . GLU B 9  ? 0.0536 0.0432 0.0936 -0.0006 -0.0038 -0.0032 6  GLU B CB  
655  C CG  . GLU B 9  ? 0.0615 0.0421 0.0899 -0.0014 -0.0024 -0.0046 6  GLU B CG  
656  C CD  . GLU B 9  ? 0.0696 0.0477 0.1152 0.0024  -0.0063 -0.0163 6  GLU B CD  
657  O OE1 . GLU B 9  ? 0.0735 0.0572 0.1473 0.0076  -0.0138 -0.0251 6  GLU B OE1 
658  O OE2 . GLU B 9  ? 0.0893 0.0564 0.1222 0.0019  -0.0066 -0.0189 6  GLU B OE2 
665  N N   . ASP B 10 ? 0.0573 0.0437 0.0883 -0.0012 -0.0185 0.0099  7  ASP B N   
666  C CA  . ASP B 10 ? 0.0644 0.0477 0.0976 0.0009  -0.0276 0.0079  7  ASP B CA  
667  C C   . ASP B 10 ? 0.0634 0.0484 0.0739 -0.0035 -0.0185 0.0142  7  ASP B C   
668  O O   . ASP B 10 ? 0.0626 0.0527 0.0796 -0.0019 -0.0183 0.0091  7  ASP B O   
669  C CB  . ASP B 10 ? 0.1073 0.0637 0.1306 0.0028  -0.0531 0.0117  7  ASP B CB  
670  C CG  . ASP B 10 ? 0.1123 0.0708 0.1685 0.0087  -0.0645 -0.0033 7  ASP B CG  
671  O OD1 . ASP B 10 ? 0.1508 0.1328 0.2430 0.0125  -0.0521 -0.0181 7  ASP B OD1 
672  O OD2 . ASP B 10 ? 0.1720 0.1072 0.2145 0.0067  -0.0833 -0.0026 7  ASP B OD2 
677  N N   . LYS B 11 ? 0.0696 0.0519 0.0601 -0.0097 -0.0104 0.0215  8  LYS B N   
678  C CA  . LYS B 11 ? 0.0706 0.0579 0.0483 -0.0130 -0.0004 0.0210  8  LYS B CA  
679  C C   . LYS B 11 ? 0.0576 0.0585 0.0500 -0.0077 0.0053  0.0149  8  LYS B C   
680  O O   . LYS B 11 ? 0.0671 0.0691 0.0557 -0.0063 0.0063  0.0117  8  LYS B O   
681  C CB  . LYS B 11 ? 0.0911 0.0792 0.0590 -0.0227 0.0112  0.0222  8  LYS B CB  
682  C CG  . LYS B 11 ? 0.1050 0.1013 0.0685 -0.0255 0.0233  0.0143  8  LYS B CG  
683  C CD  . LYS B 11 ? 0.1743 0.1502 0.1066 -0.0282 0.0179  0.0165  8  LYS B CD  
684  C CE  . LYS B 11 ? 0.2043 0.1860 0.1300 -0.0325 0.0318  0.0064  8  LYS B CE  
685  N NZ  . LYS B 11 ? 0.2630 0.2177 0.1513 -0.0368 0.0247  0.0087  8  LYS B NZ  
699  N N   . VAL B 12 ? 0.0485 0.0509 0.0492 -0.0060 0.0064  0.0134  9  VAL B N   
700  C CA  . VAL B 12 ? 0.0642 0.0608 0.0601 -0.0046 0.0074  0.0100  9  VAL B CA  
701  C C   . VAL B 12 ? 0.0469 0.0416 0.0437 -0.0073 0.0106  0.0073  9  VAL B C   
702  O O   . VAL B 12 ? 0.0593 0.0475 0.0481 -0.0082 0.0103  0.0061  9  VAL B O   
703  C CB  . VAL B 12 ? 0.0627 0.0468 0.0504 -0.0055 0.0065  0.0093  9  VAL B CB  
704  C CG1 . VAL B 12 ? 0.0846 0.0450 0.0466 -0.0102 0.0074  0.0080  9  VAL B CG1 
705  C CG2 . VAL B 12 ? 0.0663 0.0523 0.0616 -0.0019 -0.0015 0.0087  9  VAL B CG2 
715  N N   . GLY B 13 ? 0.0509 0.0514 0.0640 -0.0086 0.0120  0.0028  10 GLY B N   
716  C CA  . GLY B 13 ? 0.0538 0.0593 0.0844 -0.0122 0.0158  -0.0062 10 GLY B CA  
717  C C   . GLY B 13 ? 0.0535 0.0590 0.0837 -0.0089 0.0058  -0.0045 10 GLY B C   
718  O O   . GLY B 13 ? 0.0507 0.0549 0.0840 -0.0131 0.0092  -0.0088 10 GLY B O   
722  N N   . GLU B 14 ? 0.0502 0.0514 0.0696 -0.0040 -0.0057 0.0014  11 GLU B N   
723  C CA  . GLU B 14 ? 0.0642 0.0574 0.0706 -0.0023 -0.0153 0.0020  11 GLU B CA  
724  C C   . GLU B 14 ? 0.0623 0.0560 0.0547 -0.0030 -0.0072 0.0021  11 GLU B C   
725  O O   . GLU B 14 ? 0.0696 0.0592 0.0605 -0.0022 -0.0122 -0.0020 11 GLU B O   
726  C CB  . GLU B 14 ? 0.0990 0.0743 0.0776 -0.0030 -0.0259 0.0089  11 GLU B CB  
727  C CG  . GLU B 14 ? 0.1323 0.0951 0.1238 0.0008  -0.0469 0.0071  11 GLU B CG  
728  C CD  . GLU B 14 ? 0.2173 0.1521 0.1727 -0.0041 -0.0556 0.0170  11 GLU B CD  
729  O OE1 . GLU B 14 ? 0.2109 0.1412 0.1347 -0.0135 -0.0389 0.0230  11 GLU B OE1 
730  O OE2 . GLU B 14 ? 0.2206 0.1413 0.1877 -0.0010 -0.0727 0.0123  11 GLU B OE2 
737  N N   . LEU B 15 ? 0.0712 0.0483 0.0498 -0.0133 0.0080  0.0072  12 LEU B N   
738  C CA  . LEU B 15 ? 0.0628 0.0535 0.0520 -0.0123 0.0174  0.0002  12 LEU B CA  
739  C C   . LEU B 15 ? 0.0519 0.0456 0.0515 -0.0022 0.0146  -0.0003 12 LEU B C   
740  O O   . LEU B 15 ? 0.0576 0.0546 0.0630 -0.0005 0.0171  -0.0043 12 LEU B O   
741  C CB  . LEU B 15 ? 0.0616 0.0627 0.0650 -0.0156 0.0224  -0.0059 12 LEU B CB  
742  C CG  . LEU B 15 ? 0.0914 0.0905 0.0821 -0.0329 0.0324  -0.0091 12 LEU B CG  
743  C CD1 . LEU B 15 ? 0.0870 0.0979 0.0978 -0.0370 0.0362  -0.0154 12 LEU B CD1 
744  C CD2 . LEU B 15 ? 0.1596 0.1629 0.1478 -0.0389 0.0425  -0.0195 12 LEU B CD2 
756  N N   . LEU B 16 ? 0.0494 0.0388 0.0479 0.0017  0.0106  0.0024  13 LEU B N   
757  C CA  . LEU B 16 ? 0.0515 0.0371 0.0475 0.0039  0.0106  0.0025  13 LEU B CA  
758  C C   . LEU B 16 ? 0.0482 0.0350 0.0459 0.0036  0.0130  0.0020  13 LEU B C   
759  O O   . LEU B 16 ? 0.0588 0.0427 0.0548 0.0033  0.0134  0.0019  13 LEU B O   
760  C CB  . LEU B 16 ? 0.0600 0.0394 0.0479 0.0018  0.0123  0.0013  13 LEU B CB  
761  C CG  . LEU B 16 ? 0.0786 0.0504 0.0572 -0.0001 0.0065  0.0025  13 LEU B CG  
762  C CD1 . LEU B 16 ? 0.0868 0.0508 0.0526 -0.0052 0.0121  -0.0025 13 LEU B CD1 
763  C CD2 . LEU B 16 ? 0.0885 0.0488 0.0585 -0.0012 -0.0035 0.0061  13 LEU B CD2 
775  N N   . PHE B 17 ? 0.0515 0.0392 0.0537 0.0033  0.0105  0.0018  14 PHE B N   
776  C CA  . PHE B 17 ? 0.0523 0.0400 0.0597 0.0027  0.0072  0.0010  14 PHE B CA  
777  C C   . PHE B 17 ? 0.0543 0.0395 0.0503 -0.0005 0.0081  0.0016  14 PHE B C   
778  O O   . PHE B 17 ? 0.0618 0.0474 0.0601 -0.0006 0.0095  -0.0003 14 PHE B O   
779  C CB  . PHE B 17 ? 0.0575 0.0395 0.0731 0.0032  -0.0051 0.0018  14 PHE B CB  
780  C CG  . PHE B 17 ? 0.0659 0.0440 0.0878 0.0020  -0.0163 0.0018  14 PHE B CG  
781  C CD1 . PHE B 17 ? 0.0851 0.0484 0.0804 -0.0058 -0.0245 0.0075  14 PHE B CD1 
782  C CD2 . PHE B 17 ? 0.0605 0.0487 0.1155 0.0060  -0.0185 -0.0063 14 PHE B CD2 
783  C CE1 . PHE B 17 ? 0.0997 0.0545 0.0962 -0.0085 -0.0393 0.0082  14 PHE B CE1 
784  C CE2 . PHE B 17 ? 0.0758 0.0611 0.1439 0.0052  -0.0331 -0.0073 14 PHE B CE2 
785  C CZ  . PHE B 17 ? 0.0898 0.0562 0.1262 -0.0014 -0.0462 0.0015  14 PHE B CZ  
795  N N   . SER B 18 ? 0.0623 0.0448 0.0465 -0.0055 0.0100  0.0015  15 SER B N   
796  C CA  . SER B 18 ? 0.0743 0.0556 0.0486 -0.0118 0.0162  -0.0040 15 SER B CA  
797  C C   . SER B 18 ? 0.0676 0.0567 0.0596 -0.0051 0.0217  -0.0109 15 SER B C   
798  O O   . SER B 18 ? 0.0750 0.0618 0.0672 -0.0060 0.0237  -0.0164 15 SER B O   
799  C CB  . SER B 18 ? 0.1155 0.0943 0.0747 -0.0235 0.0238  -0.0072 15 SER B CB  
800  O OG  . SER B 18 ? 0.2402 0.1996 0.1717 -0.0339 0.0134  0.0013  15 SER B OG  
806  N N   . ASN B 19 ? 0.0562 0.0497 0.0618 0.0010  0.0198  -0.0102 16 ASN B N   
807  C CA  . ASN B 19 ? 0.0633 0.0558 0.0859 0.0074  0.0157  -0.0149 16 ASN B CA  
808  C C   . ASN B 19 ? 0.0644 0.0442 0.0791 0.0086  0.0095  -0.0090 16 ASN B C   
809  O O   . ASN B 19 ? 0.0690 0.0417 0.0923 0.0114  0.0050  -0.0132 16 ASN B O   
810  C CB  . ASN B 19 ? 0.1211 0.1149 0.1562 0.0114  0.0086  -0.0142 16 ASN B CB  
811  C CG  . ASN B 19 ? 0.1097 0.1201 0.1663 0.0090  0.0167  -0.0260 16 ASN B CG  
812  O OD1 . ASN B 19 ? 0.1202 0.1378 0.1756 0.0012  0.0291  -0.0346 16 ASN B OD1 
813  N ND2 . ASN B 19 ? 0.1225 0.1358 0.1943 0.0119  0.0086  -0.0261 16 ASN B ND2 
816  N N   . TYR B 20 ? 0.0521 0.0503 0.0544 0.0063  0.0183  0.0008  17 TYR B N   
817  C CA  . TYR B 20 ? 0.0545 0.0434 0.0511 0.0099  0.0167  0.0071  17 TYR B CA  
818  C C   . TYR B 20 ? 0.0599 0.0488 0.0612 0.0132  0.0135  0.0119  17 TYR B C   
819  O O   . TYR B 20 ? 0.0672 0.0496 0.0608 0.0150  0.0108  0.0133  17 TYR B O   
820  C CB  . TYR B 20 ? 0.0741 0.0517 0.0718 0.0066  0.0293  0.0081  17 TYR B CB  
821  C CG  . TYR B 20 ? 0.0628 0.0370 0.0658 0.0080  0.0318  0.0127  17 TYR B CG  
822  C CD1 . TYR B 20 ? 0.0769 0.0384 0.0608 0.0040  0.0332  0.0105  17 TYR B CD1 
823  C CD2 . TYR B 20 ? 0.0666 0.0528 0.0930 0.0116  0.0312  0.0189  17 TYR B CD2 
824  C CE1 . TYR B 20 ? 0.0876 0.0472 0.0775 0.0022  0.0375  0.0103  17 TYR B CE1 
825  C CE2 . TYR B 20 ? 0.0838 0.0738 0.1217 0.0094  0.0334  0.0214  17 TYR B CE2 
826  C CZ  . TYR B 20 ? 0.0752 0.0510 0.0948 0.0040  0.0388  0.0148  17 TYR B CZ  
827  O OH  . TYR B 20 ? 0.1066 0.0854 0.1363 -0.0012 0.0440  0.0142  17 TYR B OH  
837  N N   . TRP B 21 ? 0.0537 0.0443 0.0604 0.0113  0.0146  0.0149  18 TRP B N   
838  C CA  . TRP B 21 ? 0.0623 0.0518 0.0637 0.0072  0.0094  0.0190  18 TRP B CA  
839  C C   . TRP B 21 ? 0.0619 0.0427 0.0512 0.0058  0.0118  0.0123  18 TRP B C   
840  O O   . TRP B 21 ? 0.0836 0.0540 0.0605 0.0003  0.0125  0.0115  18 TRP B O   
841  C CB  . TRP B 21 ? 0.0638 0.0559 0.0671 0.0047  0.0056  0.0274  18 TRP B CB  
842  C CG  . TRP B 21 ? 0.0540 0.0589 0.0793 0.0087  0.0043  0.0342  18 TRP B CG  
843  C CD1 . TRP B 21 ? 0.0508 0.0551 0.0887 0.0145  0.0137  0.0349  18 TRP B CD1 
844  C CD2 . TRP B 21 ? 0.0533 0.0736 0.0942 0.0055  -0.0025 0.0427  18 TRP B CD2 
845  N NE1 . TRP B 21 ? 0.0518 0.0675 0.1131 0.0168  0.0156  0.0425  18 TRP B NE1 
846  C CE2 . TRP B 21 ? 0.0478 0.0777 0.1159 0.0120  0.0046  0.0473  18 TRP B CE2 
847  C CE3 . TRP B 21 ? 0.0709 0.0953 0.1007 -0.0074 -0.0100 0.0402  18 TRP B CE3 
848  C CZ2 . TRP B 21 ? 0.0632 0.1125 0.1571 0.0101  0.0017  0.0530  18 TRP B CZ2 
849  C CZ3 . TRP B 21 ? 0.0989 0.1463 0.1526 -0.0137 -0.0144 0.0447  18 TRP B CZ3 
850  C CH2 . TRP B 21 ? 0.0567 0.1227 0.1499 -0.0030 -0.0097 0.0526  18 TRP B CH2 
861  N N   . LEU B 22 ? 0.0613 0.0458 0.0568 0.0093  0.0167  0.0060  19 LEU B N   
862  C CA  . LEU B 22 ? 0.0624 0.0417 0.0594 0.0120  0.0242  -0.0004 19 LEU B CA  
863  C C   . LEU B 22 ? 0.0732 0.0497 0.0743 0.0233  0.0221  0.0024  19 LEU B C   
864  O O   . LEU B 22 ? 0.0856 0.0458 0.0794 0.0238  0.0298  0.0012  19 LEU B O   
865  C CB  . LEU B 22 ? 0.0707 0.0645 0.0857 0.0126  0.0306  -0.0081 19 LEU B CB  
866  C CG  . LEU B 22 ? 0.0906 0.0721 0.0909 -0.0003 0.0386  -0.0115 19 LEU B CG  
867  C CD1 . LEU B 22 ? 0.0933 0.0887 0.1092 -0.0039 0.0411  -0.0180 19 LEU B CD1 
868  C CD2 . LEU B 22 ? 0.1498 0.1092 0.1328 -0.0082 0.0479  -0.0147 19 LEU B CD2 
880  N N   . GLU B 23 ? 0.0635 0.0510 0.0693 0.0285  0.0122  0.0066  20 GLU B N   
881  C CA  . GLU B 23 ? 0.0838 0.0637 0.0833 0.0347  0.0074  0.0116  20 GLU B CA  
882  C C   . GLU B 23 ? 0.0982 0.0545 0.0769 0.0288  0.0138  0.0129  20 GLU B C   
883  O O   . GLU B 23 ? 0.1100 0.0506 0.0808 0.0326  0.0191  0.0143  20 GLU B O   
884  C CB  . GLU B 23 ? 0.0984 0.0856 0.0922 0.0363  -0.0033 0.0161  20 GLU B CB  
885  C CG  . GLU B 23 ? 0.1330 0.1501 0.1459 0.0409  -0.0136 0.0154  20 GLU B CG  
886  C CD  . GLU B 23 ? 0.2174 0.2422 0.2433 0.0502  -0.0238 0.0225  20 GLU B CD  
887  O OE1 . GLU B 23 ? 0.2238 0.2249 0.2395 0.0557  -0.0204 0.0282  20 GLU B OE1 
888  O OE2 . GLU B 23 ? 0.1874 0.2438 0.2362 0.0509  -0.0352 0.0224  20 GLU B OE2 
895  N N   . LEU B 24 ? 0.1371 0.0601 0.0942 0.0267  0.0436  -0.0035 21 LEU B N   
896  C CA  . LEU B 24 ? 0.1299 0.0639 0.0959 0.0337  0.0445  0.0038  21 LEU B CA  
897  C C   . LEU B 24 ? 0.1142 0.0563 0.0823 0.0340  0.0335  0.0067  21 LEU B C   
898  O O   . LEU B 24 ? 0.1047 0.0548 0.0813 0.0342  0.0286  0.0063  21 LEU B O   
899  C CB  . LEU B 24 ? 0.1468 0.0833 0.1316 0.0463  0.0538  0.0091  21 LEU B CB  
900  C CG  . LEU B 24 ? 0.2242 0.1825 0.2356 0.0551  0.0566  0.0163  21 LEU B CG  
901  C CD1 . LEU B 24 ? 0.2974 0.2605 0.3056 0.0497  0.0677  0.0137  21 LEU B CD1 
902  C CD2 . LEU B 24 ? 0.2393 0.2033 0.2773 0.0687  0.0639  0.0203  21 LEU B CD2 
914  N N   . GLU B 25 ? 0.1209 0.0567 0.0811 0.0360  0.0321  0.0095  22 GLU B N   
915  C CA  . GLU B 25 ? 0.1214 0.0593 0.0714 0.0405  0.0237  0.0101  22 GLU B CA  
916  C C   . GLU B 25 ? 0.1147 0.0569 0.0653 0.0274  0.0167  -0.0028 22 GLU B C   
917  O O   . GLU B 25 ? 0.1079 0.0566 0.0612 0.0285  0.0075  -0.0116 22 GLU B O   
918  C CB  . GLU B 25 ? 0.1474 0.0717 0.0784 0.0472  0.0297  0.0206  22 GLU B CB  
919  C CG  . GLU B 25 ? 0.1748 0.1136 0.0829 0.0475  0.0191  0.0212  22 GLU B CG  
920  C CD  . GLU B 25 ? 0.2908 0.2301 0.1805 0.0517  0.0220  0.0404  22 GLU B CD  
921  O OE1 . GLU B 25 ? 0.3628 0.2813 0.2637 0.0520  0.0354  0.0499  22 GLU B OE1 
922  O OE2 . GLU B 25 ? 0.3396 0.3044 0.2091 0.0509  0.0094  0.0414  22 GLU B OE2 
929  N N   . VAL B 26 ? 0.0944 0.0389 0.0514 0.0169  0.0174  -0.0059 23 VAL B N   
930  C CA  . VAL B 26 ? 0.0940 0.0469 0.0612 0.0112  0.0109  -0.0135 23 VAL B CA  
931  C C   . VAL B 26 ? 0.0899 0.0452 0.0667 0.0113  0.0060  -0.0139 23 VAL B C   
932  O O   . VAL B 26 ? 0.0911 0.0488 0.0817 0.0086  0.0029  -0.0189 23 VAL B O   
933  C CB  . VAL B 26 ? 0.0958 0.0458 0.0636 0.0073  0.0123  -0.0168 23 VAL B CB  
934  C CG1 . VAL B 26 ? 0.1138 0.0719 0.0969 0.0061  0.0041  -0.0249 23 VAL B CG1 
935  C CG2 . VAL B 26 ? 0.1031 0.0475 0.0685 0.0048  0.0200  -0.0179 23 VAL B CG2 
945  N N   . ALA B 27 ? 0.1022 0.0493 0.0692 0.0141  0.0115  -0.0078 24 ALA B N   
946  C CA  . ALA B 27 ? 0.1140 0.0493 0.0816 0.0158  0.0130  -0.0022 24 ALA B CA  
947  C C   . ALA B 27 ? 0.1066 0.0468 0.1016 0.0159  0.0077  -0.0015 24 ALA B C   
948  O O   . ALA B 27 ? 0.1161 0.0547 0.1338 0.0090  0.0005  0.0010  24 ALA B O   
949  C CB  . ALA B 27 ? 0.1410 0.0663 0.0893 0.0209  0.0309  0.0055  24 ALA B CB  
955  N N   . ARG B 28 ? 0.0918 0.0461 0.0915 0.0213  0.0075  -0.0029 25 ARG B N   
956  C CA  . ARG B 28 ? 0.0869 0.0630 0.1155 0.0177  -0.0056 -0.0073 25 ARG B CA  
957  C C   . ARG B 28 ? 0.0894 0.0617 0.1177 0.0116  -0.0188 -0.0267 25 ARG B C   
958  O O   . ARG B 28 ? 0.0940 0.0721 0.1527 0.0029  -0.0294 -0.0372 25 ARG B O   
959  C CB  . ARG B 28 ? 0.0922 0.0885 0.1201 0.0282  -0.0089 -0.0022 25 ARG B CB  
960  C CG  . ARG B 28 ? 0.1062 0.1126 0.1553 0.0363  0.0050  0.0124  25 ARG B CG  
961  C CD  . ARG B 28 ? 0.1672 0.1874 0.2196 0.0521  0.0008  0.0216  25 ARG B CD  
962  N NE  . ARG B 28 ? 0.1303 0.1657 0.2177 0.0625  0.0145  0.0316  25 ARG B NE  
963  C CZ  . ARG B 28 ? 0.1507 0.1950 0.2476 0.0742  0.0100  0.0389  25 ARG B CZ  
964  N NH1 . ARG B 28 ? 0.1918 0.2324 0.2671 0.0807  -0.0061 0.0460  25 ARG B NH1 
965  N NH2 . ARG B 28 ? 0.1674 0.2232 0.2942 0.0800  0.0228  0.0410  25 ARG B NH2 
979  N N   . LEU B 29 ? 0.1241 0.0489 0.1041 0.0265  -0.0119 -0.0194 26 LEU B N   
980  C CA  . LEU B 29 ? 0.1104 0.0518 0.1124 0.0161  -0.0184 -0.0200 26 LEU B CA  
981  C C   . LEU B 29 ? 0.1078 0.0493 0.1073 0.0145  -0.0268 -0.0214 26 LEU B C   
982  O O   . LEU B 29 ? 0.0984 0.0516 0.1106 0.0114  -0.0277 -0.0198 26 LEU B O   
983  C CB  . LEU B 29 ? 0.1140 0.0547 0.1214 0.0071  -0.0196 -0.0232 26 LEU B CB  
984  C CG  . LEU B 29 ? 0.1132 0.0450 0.1137 0.0071  -0.0112 -0.0208 26 LEU B CG  
985  C CD1 . LEU B 29 ? 0.1398 0.0571 0.1325 -0.0034 -0.0061 -0.0259 26 LEU B CD1 
986  C CD2 . LEU B 29 ? 0.1567 0.0999 0.1681 0.0041  -0.0092 -0.0169 26 LEU B CD2 
998  N N   . LYS B 30 ? 0.1285 0.0511 0.1050 0.0177  -0.0340 -0.0237 27 LYS B N   
999  C CA  . LYS B 30 ? 0.1445 0.0577 0.1078 0.0200  -0.0458 -0.0241 27 LYS B CA  
1000 C C   . LYS B 30 ? 0.1532 0.0543 0.0961 0.0210  -0.0352 -0.0198 27 LYS B C   
1001 O O   . LYS B 30 ? 0.1719 0.0661 0.1048 0.0215  -0.0425 -0.0187 27 LYS B O   
1002 C CB  . LYS B 30 ? 0.2090 0.0938 0.1402 0.0246  -0.0585 -0.0255 27 LYS B CB  
1003 C CG  . LYS B 30 ? 0.2544 0.1435 0.2022 0.0221  -0.0719 -0.0307 27 LYS B CG  
1004 C CD  . LYS B 30 ? 0.3195 0.2316 0.3080 0.0227  -0.0859 -0.0362 27 LYS B CD  
1005 C CE  . LYS B 30 ? 0.3020 0.2156 0.3059 0.0170  -0.0969 -0.0439 27 LYS B CE  
1006 N NZ  . LYS B 30 ? 0.3605 0.2396 0.3311 0.0235  -0.1177 -0.0445 27 LYS B NZ  
1020 N N   . LYS B 31 ? 0.1586 0.0531 0.0929 0.0227  -0.0173 -0.0181 28 LYS B N   
1021 C CA  . LYS B 31 ? 0.1781 0.0733 0.1024 0.0173  0.0001  -0.0131 28 LYS B CA  
1022 C C   . LYS B 31 ? 0.1302 0.0609 0.0900 0.0080  0.0015  -0.0088 28 LYS B C   
1023 O O   . LYS B 31 ? 0.1386 0.0702 0.0913 -0.0021 0.0119  -0.0052 28 LYS B O   
1024 C CB  . LYS B 31 ? 0.2427 0.1437 0.1654 0.0211  0.0240  -0.0118 28 LYS B CB  
1025 C CG  . LYS B 31 ? 0.2590 0.1703 0.1817 0.0105  0.0483  -0.0089 28 LYS B CG  
1026 C CD  . LYS B 31 ? 0.3124 0.2346 0.2423 0.0168  0.0761  -0.0106 28 LYS B CD  
1027 C CE  . LYS B 31 ? 0.3718 0.3236 0.3247 0.0011  0.1025  -0.0099 28 LYS B CE  
1028 N NZ  . LYS B 31 ? 0.4279 0.3926 0.3929 0.0064  0.1310  -0.0132 28 LYS B NZ  
1042 N N   . LEU B 32 ? 0.1040 0.0554 0.0942 0.0088  -0.0075 -0.0095 29 LEU B N   
1043 C CA  . LEU B 32 ? 0.0753 0.0486 0.0888 0.0008  -0.0076 -0.0057 29 LEU B CA  
1044 C C   . LEU B 32 ? 0.0724 0.0357 0.0848 -0.0017 -0.0169 -0.0077 29 LEU B C   
1045 O O   . LEU B 32 ? 0.0821 0.0446 0.0908 -0.0093 -0.0149 -0.0039 29 LEU B O   
1046 C CB  . LEU B 32 ? 0.0597 0.0484 0.0939 0.0042  -0.0083 -0.0052 29 LEU B CB  
1047 C CG  . LEU B 32 ? 0.0671 0.0659 0.1130 -0.0032 -0.0112 -0.0013 29 LEU B CG  
1048 C CD1 . LEU B 32 ? 0.0702 0.0883 0.1242 -0.0113 -0.0082 0.0034  29 LEU B CD1 
1049 C CD2 . LEU B 32 ? 0.0928 0.0892 0.1420 0.0036  -0.0144 -0.0016 29 LEU B CD2 
1061 N N   . VAL B 33 ? 0.0733 0.0328 0.0905 0.0045  -0.0258 -0.0138 30 VAL B N   
1062 C CA  . VAL B 33 ? 0.0806 0.0457 0.1068 0.0060  -0.0299 -0.0157 30 VAL B CA  
1063 C C   . VAL B 33 ? 0.0953 0.0390 0.0946 0.0102  -0.0358 -0.0147 30 VAL B C   
1064 O O   . VAL B 33 ? 0.1056 0.0489 0.1090 0.0132  -0.0377 -0.0160 30 VAL B O   
1065 C CB  . VAL B 33 ? 0.1060 0.0834 0.1563 0.0105  -0.0388 -0.0234 30 VAL B CB  
1066 C CG1 . VAL B 33 ? 0.1450 0.1326 0.2087 0.0048  -0.0283 -0.0235 30 VAL B CG1 
1067 C CG2 . VAL B 33 ? 0.1199 0.0832 0.1536 0.0178  -0.0542 -0.0267 30 VAL B CG2 
# 
